data_7E7O
#
_entry.id   7E7O
#
_cell.length_a   1.00
_cell.length_b   1.00
_cell.length_c   1.00
_cell.angle_alpha   90.00
_cell.angle_beta   90.00
_cell.angle_gamma   90.00
#
_symmetry.space_group_name_H-M   'P 1'
#
loop_
_entity.id
_entity.type
_entity.pdbx_description
1 polymer 'Retinal-specific phospholipid-transporting ATPase ABCA4'
2 branched beta-D-mannopyranose-(1-3)-[beta-D-mannopyranose-(1-6)]beta-D-mannopyranose-(1-4)-2-acetamido-2-deoxy-beta-D-glucopyranose-(1-4)-2-acetamido-2-deoxy-beta-D-glucopyranose
3 non-polymer 2-acetamido-2-deoxy-beta-D-glucopyranose
4 non-polymer 1,2-Distearoyl-sn-glycerophosphoethanolamine
5 non-polymer '[(2S)-3-[2-[(E)-[(2E,4E,6E,8E)-3,7-dimethyl-9-(2,6,6-trimethylcyclohexen-1-yl)nona-2,4,6,8-tetraenylidene]amino]ethoxy-oxidanyl-phosphoryl]oxy-2-[(Z)-octadec-9-enoyl]oxy-propyl] (Z)-octadec-9-enoate'
#
_entity_poly.entity_id   1
_entity_poly.type   'polypeptide(L)'
_entity_poly.pdbx_seq_one_letter_code
;MADYKDDDDKSGPDEVDASGRMGFVRQIQLLLWKNWTLRKRQKIRFVVELVWPLSLFLVLIWLRNANPLYSHHECHFPNK
AMPSAGMLPWLQGIFCNVNNPCFQSPTPGESPGIVSNYNNSILARVYRDFQELLMNAPESQHLGRIWTELHILSQFMDTL
RTHPERIAGRGIRIRDILKDEETLTLFLIKNIGLSDSVVYLLINSQVRPEQFAHGVPDLALKDIACSEALLERFIIFSQR
RGAKTVRYALCSLSQGTLQWIEDTLYANVDFFKLFRVLPTLLDSRSQGINLRSWGGILSDMSPRIQEFIHRPSMQDLLWV
TRPLMQNGGPETFTKLMGILSDLLCGYPEGGGSRVLSFNWYEDNNYKAFLGIDSTRKDPIYSYDRRTTSFCNALIQSLES
NPLTKIAWRAAKPLLMGKILYTPDSPAARRILKNANSTFEELEHVRKLVKAWEEVGPQIWYFFDNSTQMNMIRDTLGNPT
VKDFLNRQLGEEGITAEAILNFLYKGPRESQADDMANFDWRDIFNITDRTLRLVNQYLECLVLDKFESYNDETQLTQRAL
SLLEENMFWAGVVFPDMYPWTSSLPPHVKYKIRMDIDVVEKTNKIKDRYWDSGPRADPVEDFRYIWGGFAYLQDMVEQGI
TRSQVQAEAPVGIYLQQMPYPCFVDDSFMIILNRCFPIFMVLAWIYSVSMTVKSIVLEKELRLKETLKNQGVSNAVIWCT
WFLDSFSIMSMSIFLLTIFIMHGRILHYSDPFILFLFLLAFSTATIMLCFLLSTFFSKASLAAACSGVIYFTLYLPHILC
FAWQDRMTAELKKAVSLLSPVAFGFGTEYLVRFEEQGLGLQWSNIGNSPTEGDEFSFLLSMQMMLLDAAVYGLLAWYLDQ
VFPGDYGTPLPWYFLLQESYWLGGEGCSTREERALEKTEPLTEETEDPEHPEGIHDSFFEREHPGWVPGVCVKNLVKIFE
PCGRPAVDRLNITFYENQITAFLGHNGAGKTTTLSILTGLLPPTSGTVLVGGRDIETSLDAVRQSLGMCPQHNILFHHLT
VAEHMLFYAQLKGKSQEEAQLEMEAMLEDTGLHHKRNEEAQDLSGGMQRKLSVAIAFVGDAKVVILDEPTSGVDPYSRRS
IWDLLLKYRSGRTIIMSTHHMDEADLLGDRIAIIAQGRLYCSGTPLFLKNCFGTGLYLTLVRKMKNIQSQRKGSEGTCSC
SSKGFSTTCPAHVDDLTPEQVLDGDVNELMDVVLHHVPEAKLVECIGQELIFLLPNKNFKHRAYASLFRELEETLADLGL
SSFGISDTPLEEIFLKVTEDSDSGPLFAGGAQQKRENVNPRHPCLGPREKAGQTPQDSNVCSPGAPAAHPEGQPPPEPEC
PGPQLNTGTQLVLQHVQALLVKRFQHTIRSHKDFLAQIVLPATFVFLALMLSIVIPPFGEYPALTLHPWIYGQQYTFFSM
DEPGSEQFTVLADVLLNKPGFGNRCLKEGWLPEYPCGNSTPWKTPSVSPNITQLFQKQKWTQVNPSPSCRCSTREKLTML
PECPEGAGGLPPPQRTQRSTEILQDLTDRNISDFLVKTYPALIRSSLKSKFWVNEQRYGGISIGGKLPVVPITGEALVGF
LSDLGRIMNVSGGPITREASKEIPDFLKHLETEDNIKVWFNNKGWHALVSFLNVAHNAILRASLPKDRSPEEYGITVISQ
PLNLTKEQLSEITVLTTSVDAVVAICVIFSMSFVPASFVLYLIQERVNKSKHLQFISGVSPTTYWVTNFLWDIMNYSVSA
GLVVGIFIGFQKKAYTSPENLPALVALLLLYGWAVIPMMYPASFLFDVPSTAYVALSCANLFIGINSSAITFILELFENN
RTLLRFNAVLRKLLIVFPHFCLGRGLIDLALSQAVTDVYARFGEEHSANPFHWDLIGKNLFAMVVEGVVYFLLTLLVQRH
FFLSQWIAEPTKEPIVDEDDDVAEERQRIITGGNKTDILRLHELTKIYPGTSSPAVDRLCVGVRPGECFGLLGVNGAGKT
TTFKMLTGDTTVTSGDATVAGKSILTNISEVHQNMGYCPQFDAIDELLTGREHLYLYARLRGVPAEEIEKVANWSIKSLG
LTVYADCLAGTYSGGNKRKLSTAIALIGCPPLVLLDEPTTGMDPQARRMLWNVIVSIIREGRAVVLTSHSMEECEALCTR
LAIMVKGAFRCMGTIQHLKSKFGDGYIVTMKIKSPKDDLLPDLNPVEQFFQGNFPGSVQRERHYNMLQFQVSSSSLARIF
QLLLSHKDSLLIEEYSVTQTTLDQVFVNFAKQQTESHDLPLHPRAAGASRQAQDLEGSDEVDAVEGSHHHHHHHHHH
;
_entity_poly.pdbx_strand_id   A
#
loop_
_chem_comp.id
_chem_comp.type
_chem_comp.name
_chem_comp.formula
3PE non-polymer 1,2-Distearoyl-sn-glycerophosphoethanolamine 'C41 H82 N O8 P'
BMA D-saccharide, beta linking beta-D-mannopyranose 'C6 H12 O6'
HZL non-polymer '[(2S)-3-[2-[(E)-[(2E,4E,6E,8E)-3,7-dimethyl-9-(2,6,6-trimethylcyclohexen-1-yl)nona-2,4,6,8-tetraenylidene]amino]ethoxy-oxidanyl-phosphoryl]oxy-2-[(Z)-octadec-9-enoyl]oxy-propyl] (Z)-octadec-9-enoate' 'C61 H104 N O8 P'
NAG D-saccharide, beta linking 2-acetamido-2-deoxy-beta-D-glucopyranose 'C8 H15 N O6'
#
# COMPACT_ATOMS: atom_id res chain seq x y z
N MET A 22 -5.82 -51.98 -15.15
CA MET A 22 -5.17 -50.67 -15.24
C MET A 22 -6.05 -49.66 -15.97
N GLY A 23 -5.53 -48.47 -16.17
CA GLY A 23 -6.24 -47.45 -16.90
C GLY A 23 -5.61 -46.10 -16.69
N PHE A 24 -6.11 -45.12 -17.44
CA PHE A 24 -5.70 -43.73 -17.30
C PHE A 24 -6.89 -42.85 -16.92
N VAL A 25 -7.96 -42.87 -17.71
CA VAL A 25 -9.13 -42.07 -17.39
C VAL A 25 -9.82 -42.60 -16.14
N ARG A 26 -9.45 -43.80 -15.68
CA ARG A 26 -9.97 -44.30 -14.42
C ARG A 26 -9.04 -44.01 -13.25
N GLN A 27 -7.76 -43.76 -13.51
CA GLN A 27 -6.86 -43.27 -12.46
C GLN A 27 -7.11 -41.81 -12.15
N ILE A 28 -7.40 -41.01 -13.18
CA ILE A 28 -7.71 -39.60 -12.96
C ILE A 28 -8.92 -39.45 -12.06
N GLN A 29 -9.93 -40.31 -12.24
CA GLN A 29 -11.13 -40.23 -11.41
C GLN A 29 -10.82 -40.50 -9.95
N LEU A 30 -10.02 -41.52 -9.65
CA LEU A 30 -9.67 -41.82 -8.27
C LEU A 30 -8.87 -40.69 -7.64
N LEU A 31 -7.86 -40.18 -8.35
CA LEU A 31 -7.07 -39.09 -7.79
C LEU A 31 -7.92 -37.86 -7.54
N LEU A 32 -8.81 -37.53 -8.48
CA LEU A 32 -9.65 -36.35 -8.34
C LEU A 32 -10.64 -36.51 -7.19
N TRP A 33 -11.21 -37.71 -7.03
CA TRP A 33 -12.09 -37.97 -5.91
C TRP A 33 -11.35 -37.86 -4.59
N LYS A 34 -10.12 -38.38 -4.52
CA LYS A 34 -9.34 -38.28 -3.29
C LYS A 34 -9.09 -36.83 -2.93
N ASN A 35 -8.71 -36.00 -3.91
CA ASN A 35 -8.45 -34.59 -3.62
C ASN A 35 -9.72 -33.87 -3.20
N TRP A 36 -10.84 -34.17 -3.86
CA TRP A 36 -12.10 -33.52 -3.49
C TRP A 36 -12.50 -33.88 -2.07
N THR A 37 -12.30 -35.14 -1.67
CA THR A 37 -12.62 -35.54 -0.31
C THR A 37 -11.65 -34.91 0.69
N LEU A 38 -10.38 -34.76 0.32
CA LEU A 38 -9.43 -34.10 1.20
C LEU A 38 -9.80 -32.64 1.44
N ARG A 39 -10.26 -31.95 0.39
CA ARG A 39 -10.51 -30.51 0.49
C ARG A 39 -11.68 -30.16 1.40
N LYS A 40 -12.73 -30.97 1.45
CA LYS A 40 -13.92 -30.67 2.24
C LYS A 40 -13.67 -30.65 3.74
N ARG A 41 -12.60 -31.26 4.23
CA ARG A 41 -12.42 -31.46 5.66
C ARG A 41 -11.66 -30.33 6.34
N GLN A 42 -11.30 -29.26 5.63
CA GLN A 42 -10.74 -28.10 6.32
C GLN A 42 -11.85 -27.20 6.88
N LYS A 43 -12.67 -26.64 6.00
CA LYS A 43 -13.82 -25.79 6.31
C LYS A 43 -13.41 -24.42 6.81
N ILE A 44 -12.13 -24.17 7.06
CA ILE A 44 -11.61 -22.84 7.29
C ILE A 44 -10.92 -22.30 6.05
N ARG A 45 -10.10 -23.13 5.41
CA ARG A 45 -9.57 -22.78 4.10
C ARG A 45 -10.71 -22.62 3.09
N PHE A 46 -11.69 -23.52 3.13
CA PHE A 46 -12.80 -23.48 2.18
C PHE A 46 -13.62 -22.20 2.33
N VAL A 47 -13.65 -21.61 3.52
CA VAL A 47 -14.41 -20.38 3.73
C VAL A 47 -13.57 -19.15 3.42
N VAL A 48 -12.32 -19.11 3.90
CA VAL A 48 -11.49 -17.94 3.67
C VAL A 48 -11.21 -17.76 2.18
N GLU A 49 -10.92 -18.85 1.47
CA GLU A 49 -10.58 -18.75 0.06
C GLU A 49 -11.72 -18.15 -0.78
N LEU A 50 -12.96 -18.21 -0.29
CA LEU A 50 -14.08 -17.64 -1.02
C LEU A 50 -14.61 -16.35 -0.41
N VAL A 51 -14.24 -16.02 0.82
CA VAL A 51 -14.71 -14.79 1.45
C VAL A 51 -13.71 -13.65 1.31
N TRP A 52 -12.42 -13.92 1.43
CA TRP A 52 -11.43 -12.84 1.52
C TRP A 52 -11.43 -11.92 0.30
N PRO A 53 -11.43 -12.41 -0.94
CA PRO A 53 -11.48 -11.47 -2.08
C PRO A 53 -12.71 -10.59 -2.10
N LEU A 54 -13.87 -11.10 -1.70
CA LEU A 54 -15.08 -10.28 -1.70
C LEU A 54 -14.97 -9.12 -0.72
N SER A 55 -14.46 -9.38 0.48
CA SER A 55 -14.25 -8.29 1.42
C SER A 55 -13.15 -7.35 0.96
N LEU A 56 -12.20 -7.84 0.16
CA LEU A 56 -11.21 -6.94 -0.42
C LEU A 56 -11.81 -6.04 -1.48
N PHE A 57 -12.80 -6.51 -2.22
CA PHE A 57 -13.41 -5.72 -3.28
C PHE A 57 -14.63 -4.93 -2.84
N LEU A 58 -15.07 -5.08 -1.59
CA LEU A 58 -16.13 -4.20 -1.10
C LEU A 58 -15.65 -2.76 -0.92
N VAL A 59 -14.39 -2.58 -0.53
CA VAL A 59 -13.86 -1.22 -0.38
C VAL A 59 -13.78 -0.56 -1.75
N LEU A 60 -13.55 -1.32 -2.81
CA LEU A 60 -13.52 -0.75 -4.15
C LEU A 60 -14.91 -0.36 -4.65
N ILE A 61 -15.97 -0.79 -3.97
CA ILE A 61 -17.31 -0.31 -4.25
C ILE A 61 -17.63 0.91 -3.41
N TRP A 62 -17.19 0.90 -2.15
CA TRP A 62 -17.33 2.10 -1.33
C TRP A 62 -16.63 3.29 -1.99
N LEU A 63 -15.46 3.06 -2.58
CA LEU A 63 -14.74 4.13 -3.26
C LEU A 63 -15.50 4.65 -4.47
N ARG A 64 -16.11 3.74 -5.24
CA ARG A 64 -16.98 4.15 -6.34
C ARG A 64 -18.09 5.06 -5.85
N ASN A 65 -18.74 4.68 -4.74
CA ASN A 65 -19.86 5.48 -4.27
C ASN A 65 -19.43 6.76 -3.58
N ALA A 66 -18.17 6.85 -3.13
CA ALA A 66 -17.68 8.06 -2.49
C ALA A 66 -16.89 8.95 -3.44
N ASN A 67 -17.15 8.86 -4.74
CA ASN A 67 -16.47 9.67 -5.76
C ASN A 67 -17.44 9.85 -6.93
N PRO A 68 -18.37 10.79 -6.81
CA PRO A 68 -19.37 10.96 -7.87
C PRO A 68 -18.78 11.47 -9.17
N LEU A 69 -19.63 11.69 -10.16
CA LEU A 69 -19.21 12.01 -11.51
C LEU A 69 -19.63 13.43 -11.86
N TYR A 70 -18.71 14.18 -12.47
CA TYR A 70 -18.92 15.58 -12.81
C TYR A 70 -18.94 15.74 -14.33
N SER A 71 -20.02 16.28 -14.86
CA SER A 71 -20.15 16.55 -16.28
C SER A 71 -20.62 17.99 -16.48
N HIS A 72 -20.24 18.57 -17.61
CA HIS A 72 -20.54 19.96 -17.89
C HIS A 72 -20.74 20.14 -19.39
N HIS A 73 -21.42 21.21 -19.76
CA HIS A 73 -21.75 21.49 -21.14
C HIS A 73 -20.66 22.36 -21.78
N GLU A 74 -20.93 22.91 -22.95
CA GLU A 74 -19.96 23.75 -23.63
C GLU A 74 -19.70 25.03 -22.86
N CYS A 75 -18.57 25.65 -23.14
CA CYS A 75 -18.17 26.89 -22.50
C CYS A 75 -17.67 27.88 -23.53
N HIS A 76 -18.19 29.10 -23.47
CA HIS A 76 -17.69 30.23 -24.24
C HIS A 76 -17.54 31.40 -23.27
N PHE A 77 -16.33 31.93 -23.16
CA PHE A 77 -16.08 32.89 -22.10
C PHE A 77 -15.98 34.31 -22.65
N PRO A 78 -16.37 35.32 -21.87
CA PRO A 78 -16.19 36.70 -22.30
C PRO A 78 -14.72 37.09 -22.25
N ASN A 79 -14.40 38.22 -22.88
CA ASN A 79 -13.02 38.65 -22.99
C ASN A 79 -12.70 39.71 -21.93
N LYS A 80 -11.42 39.80 -21.61
CA LYS A 80 -10.91 40.71 -20.60
C LYS A 80 -10.10 41.82 -21.26
N ALA A 81 -10.40 43.07 -20.90
CA ALA A 81 -9.72 44.21 -21.49
C ALA A 81 -8.52 44.59 -20.64
N MET A 82 -7.39 44.79 -21.28
CA MET A 82 -6.16 45.22 -20.63
C MET A 82 -6.13 46.74 -20.52
N PRO A 83 -5.29 47.29 -19.63
CA PRO A 83 -5.26 48.74 -19.46
C PRO A 83 -4.98 49.51 -20.73
N SER A 84 -4.24 48.94 -21.68
CA SER A 84 -3.96 49.63 -22.92
C SER A 84 -5.19 49.82 -23.79
N ALA A 85 -6.29 49.14 -23.47
CA ALA A 85 -7.54 49.25 -24.23
C ALA A 85 -8.47 50.31 -23.67
N GLY A 86 -7.95 51.29 -22.95
CA GLY A 86 -8.77 52.29 -22.29
C GLY A 86 -8.83 52.06 -20.80
N MET A 87 -9.65 52.87 -20.14
CA MET A 87 -9.89 52.74 -18.71
C MET A 87 -11.32 52.33 -18.39
N LEU A 88 -12.30 52.88 -19.12
CA LEU A 88 -13.69 52.46 -18.90
C LEU A 88 -13.90 51.00 -19.26
N PRO A 89 -13.48 50.50 -20.44
CA PRO A 89 -13.56 49.05 -20.67
C PRO A 89 -12.76 48.23 -19.68
N TRP A 90 -11.61 48.73 -19.22
CA TRP A 90 -10.82 47.99 -18.25
C TRP A 90 -11.60 47.75 -16.97
N LEU A 91 -12.15 48.82 -16.39
CA LEU A 91 -12.89 48.68 -15.14
C LEU A 91 -14.18 47.90 -15.34
N GLN A 92 -14.85 48.11 -16.47
CA GLN A 92 -16.07 47.35 -16.73
C GLN A 92 -15.79 45.86 -16.84
N GLY A 93 -14.70 45.48 -17.51
CA GLY A 93 -14.34 44.09 -17.61
C GLY A 93 -13.89 43.49 -16.30
N ILE A 94 -13.29 44.30 -15.43
CA ILE A 94 -12.98 43.81 -14.09
C ILE A 94 -14.26 43.51 -13.33
N PHE A 95 -15.24 44.42 -13.37
CA PHE A 95 -16.42 44.25 -12.54
C PHE A 95 -17.35 43.16 -13.07
N CYS A 96 -17.54 43.10 -14.40
CA CYS A 96 -18.48 42.14 -14.96
C CYS A 96 -17.98 40.70 -14.81
N ASN A 97 -16.70 40.46 -15.06
CA ASN A 97 -16.18 39.11 -15.25
C ASN A 97 -15.43 38.60 -14.02
N VAL A 98 -15.91 38.89 -12.82
CA VAL A 98 -15.22 38.45 -11.61
C VAL A 98 -15.24 36.94 -11.48
N ASN A 99 -16.34 36.31 -11.91
CA ASN A 99 -16.53 34.89 -11.73
C ASN A 99 -16.25 34.07 -12.99
N ASN A 100 -15.87 34.71 -14.10
CA ASN A 100 -15.48 34.02 -15.32
C ASN A 100 -16.53 33.01 -15.75
N PRO A 101 -17.67 33.45 -16.28
CA PRO A 101 -18.80 32.54 -16.51
C PRO A 101 -18.83 31.87 -17.88
N CYS A 102 -19.21 30.59 -17.88
CA CYS A 102 -19.51 29.85 -19.11
C CYS A 102 -20.89 30.24 -19.62
N PHE A 103 -21.13 30.04 -20.92
CA PHE A 103 -22.36 30.56 -21.51
C PHE A 103 -23.11 29.64 -22.46
N GLN A 104 -22.58 28.49 -22.86
CA GLN A 104 -23.33 27.53 -23.67
C GLN A 104 -23.58 28.01 -25.09
N SER A 105 -23.27 29.27 -25.39
CA SER A 105 -23.64 29.86 -26.65
C SER A 105 -22.68 31.00 -26.95
N PRO A 106 -22.13 31.07 -28.16
CA PRO A 106 -21.02 31.99 -28.43
C PRO A 106 -21.35 33.42 -28.04
N THR A 107 -20.43 34.04 -27.32
CA THR A 107 -20.57 35.42 -26.93
C THR A 107 -20.37 36.33 -28.13
N PRO A 108 -20.92 37.55 -28.10
CA PRO A 108 -20.75 38.45 -29.25
C PRO A 108 -19.33 38.95 -29.43
N GLY A 109 -18.45 38.76 -28.47
CA GLY A 109 -17.10 39.29 -28.57
C GLY A 109 -16.15 38.46 -29.41
N GLU A 110 -16.48 37.19 -29.63
CA GLU A 110 -15.66 36.33 -30.48
C GLU A 110 -16.22 36.26 -31.89
N SER A 111 -16.36 37.42 -32.52
CA SER A 111 -16.79 37.60 -33.89
C SER A 111 -15.74 38.43 -34.63
N PRO A 112 -15.74 38.41 -35.97
CA PRO A 112 -14.65 39.06 -36.69
C PRO A 112 -14.42 40.53 -36.35
N GLY A 113 -15.47 41.32 -36.16
CA GLY A 113 -15.27 42.74 -35.94
C GLY A 113 -15.70 43.26 -34.58
N ILE A 114 -16.55 42.51 -33.91
CA ILE A 114 -17.15 42.96 -32.65
C ILE A 114 -16.18 42.71 -31.51
N VAL A 115 -16.12 43.65 -30.57
CA VAL A 115 -15.29 43.49 -29.38
C VAL A 115 -16.08 43.90 -28.14
N SER A 116 -17.21 44.57 -28.34
CA SER A 116 -17.86 45.28 -27.24
C SER A 116 -18.32 44.33 -26.14
N ASN A 117 -19.26 43.43 -26.44
CA ASN A 117 -19.74 42.34 -25.60
C ASN A 117 -20.75 42.81 -24.53
N TYR A 118 -21.04 44.10 -24.42
CA TYR A 118 -22.01 44.62 -23.47
C TYR A 118 -23.15 45.35 -24.17
N ASN A 119 -23.69 44.76 -25.24
CA ASN A 119 -24.73 45.43 -26.02
C ASN A 119 -26.13 45.05 -25.56
N ASN A 120 -26.30 44.72 -24.28
CA ASN A 120 -27.61 44.35 -23.78
C ASN A 120 -27.95 44.95 -22.43
N SER A 121 -27.05 45.72 -21.83
CA SER A 121 -27.36 46.38 -20.57
C SER A 121 -28.47 47.40 -20.79
N ILE A 122 -29.30 47.59 -19.75
CA ILE A 122 -30.37 48.57 -19.88
C ILE A 122 -29.79 49.95 -20.10
N LEU A 123 -28.59 50.21 -19.57
CA LEU A 123 -27.93 51.49 -19.76
C LEU A 123 -27.49 51.72 -21.20
N ALA A 124 -27.49 50.68 -22.04
CA ALA A 124 -27.18 50.82 -23.45
C ALA A 124 -28.42 50.85 -24.33
N ARG A 125 -29.42 50.04 -24.00
CA ARG A 125 -30.69 50.13 -24.72
C ARG A 125 -31.34 51.48 -24.51
N VAL A 126 -31.30 52.00 -23.28
CA VAL A 126 -31.87 53.32 -23.00
C VAL A 126 -31.14 54.39 -23.80
N TYR A 127 -29.80 54.31 -23.83
CA TYR A 127 -29.02 55.29 -24.58
C TYR A 127 -29.33 55.19 -26.07
N ARG A 128 -29.49 53.99 -26.60
CA ARG A 128 -29.82 53.85 -28.01
C ARG A 128 -31.19 54.44 -28.32
N ASP A 129 -32.18 54.19 -27.46
CA ASP A 129 -33.50 54.79 -27.66
C ASP A 129 -33.43 56.31 -27.65
N PHE A 130 -32.74 56.88 -26.66
CA PHE A 130 -32.61 58.32 -26.57
C PHE A 130 -31.91 58.90 -27.80
N GLN A 131 -30.77 58.31 -28.18
CA GLN A 131 -30.05 58.77 -29.35
C GLN A 131 -30.85 58.57 -30.62
N GLU A 132 -31.84 57.67 -30.60
CA GLU A 132 -32.60 57.38 -31.81
C GLU A 132 -33.79 58.33 -31.99
N LEU A 133 -34.57 58.59 -30.94
CA LEU A 133 -35.82 59.32 -31.15
C LEU A 133 -35.91 60.67 -30.43
N LEU A 134 -35.01 60.98 -29.50
CA LEU A 134 -34.86 62.38 -29.08
C LEU A 134 -33.82 63.10 -29.91
N MET A 135 -32.58 62.64 -29.84
CA MET A 135 -31.55 63.21 -30.72
C MET A 135 -31.77 62.68 -32.14
N ASN A 136 -31.09 63.31 -33.10
CA ASN A 136 -31.30 63.01 -34.51
C ASN A 136 -32.78 63.16 -34.85
N ALA A 137 -33.28 64.38 -34.65
CA ALA A 137 -34.70 64.67 -34.81
C ALA A 137 -34.91 65.71 -35.91
N PRO A 138 -35.15 65.27 -37.15
CA PRO A 138 -35.41 66.24 -38.23
C PRO A 138 -36.72 66.99 -38.05
N GLU A 139 -37.57 66.58 -37.11
CA GLU A 139 -38.88 67.21 -36.94
C GLU A 139 -38.73 68.67 -36.56
N SER A 140 -38.22 68.96 -35.36
CA SER A 140 -37.94 70.32 -34.96
C SER A 140 -36.48 70.70 -35.18
N GLN A 141 -35.56 69.99 -34.51
CA GLN A 141 -34.13 70.29 -34.57
C GLN A 141 -33.84 71.75 -34.23
N HIS A 142 -34.81 72.43 -33.64
CA HIS A 142 -34.76 73.87 -33.44
C HIS A 142 -34.69 74.28 -31.98
N LEU A 143 -34.49 73.33 -31.06
CA LEU A 143 -34.16 73.72 -29.70
C LEU A 143 -32.91 74.59 -29.68
N GLY A 144 -32.00 74.37 -30.62
CA GLY A 144 -30.87 75.25 -30.78
C GLY A 144 -31.28 76.67 -31.13
N ARG A 145 -32.38 76.81 -31.88
CA ARG A 145 -32.88 78.15 -32.19
C ARG A 145 -33.35 78.87 -30.93
N ILE A 146 -34.07 78.16 -30.05
CA ILE A 146 -34.50 78.76 -28.78
C ILE A 146 -33.28 79.07 -27.92
N TRP A 147 -32.28 78.21 -27.95
CA TRP A 147 -31.05 78.48 -27.22
C TRP A 147 -30.39 79.76 -27.74
N THR A 148 -30.32 79.92 -29.05
CA THR A 148 -29.74 81.13 -29.63
C THR A 148 -30.55 82.35 -29.24
N GLU A 149 -31.88 82.22 -29.24
CA GLU A 149 -32.76 83.31 -28.85
C GLU A 149 -32.44 83.77 -27.42
N LEU A 150 -32.39 82.83 -26.48
CA LEU A 150 -32.12 83.20 -25.09
C LEU A 150 -30.69 83.71 -24.93
N HIS A 151 -29.75 83.10 -25.66
CA HIS A 151 -28.34 83.48 -25.56
C HIS A 151 -28.12 84.90 -26.08
N ILE A 152 -28.92 85.34 -27.04
CA ILE A 152 -28.81 86.71 -27.54
C ILE A 152 -29.65 87.68 -26.72
N LEU A 153 -30.76 87.21 -26.13
CA LEU A 153 -31.65 88.09 -25.38
C LEU A 153 -31.13 88.36 -23.97
N SER A 154 -31.01 87.30 -23.16
CA SER A 154 -30.57 87.50 -21.78
C SER A 154 -29.05 87.62 -21.72
N GLN A 155 -28.50 88.47 -22.58
CA GLN A 155 -27.11 88.90 -22.50
C GLN A 155 -27.06 90.40 -22.73
N PHE A 156 -28.01 90.90 -23.53
CA PHE A 156 -28.05 92.29 -23.94
C PHE A 156 -29.33 93.00 -23.54
N MET A 157 -30.49 92.39 -23.80
CA MET A 157 -31.75 93.09 -23.56
C MET A 157 -32.32 92.81 -22.18
N ASP A 158 -32.18 91.57 -21.68
CA ASP A 158 -32.68 91.26 -20.34
C ASP A 158 -31.74 91.82 -19.26
N THR A 159 -30.43 91.82 -19.52
CA THR A 159 -29.49 92.40 -18.56
C THR A 159 -29.41 93.91 -18.73
N LEU A 160 -28.88 94.36 -19.88
CA LEU A 160 -28.71 95.78 -20.20
C LEU A 160 -28.20 96.57 -19.01
N ARG A 161 -27.08 96.13 -18.42
CA ARG A 161 -26.64 96.69 -17.15
C ARG A 161 -26.31 98.18 -17.25
N THR A 162 -25.46 98.56 -18.21
CA THR A 162 -25.03 99.96 -18.30
C THR A 162 -25.00 100.44 -19.74
N HIS A 163 -25.15 99.53 -20.69
CA HIS A 163 -25.05 99.88 -22.09
C HIS A 163 -26.17 100.87 -22.47
N PRO A 164 -25.84 101.90 -23.24
CA PRO A 164 -26.85 102.92 -23.58
C PRO A 164 -27.88 102.41 -24.57
N GLU A 165 -29.11 102.85 -24.38
CA GLU A 165 -30.22 102.45 -25.24
C GLU A 165 -31.25 103.59 -25.23
N ARG A 166 -32.47 103.29 -25.64
CA ARG A 166 -33.55 104.26 -25.62
C ARG A 166 -33.98 104.56 -24.18
N ILE A 167 -35.02 105.39 -24.06
CA ILE A 167 -35.48 105.80 -22.73
C ILE A 167 -36.07 104.61 -21.98
N ALA A 168 -36.80 103.74 -22.67
CA ALA A 168 -37.44 102.59 -22.05
C ALA A 168 -36.45 101.42 -22.02
N GLY A 169 -35.56 101.45 -21.03
CA GLY A 169 -34.63 100.36 -20.81
C GLY A 169 -33.60 100.67 -19.75
N ARG A 170 -33.34 99.71 -18.87
CA ARG A 170 -32.35 99.87 -17.81
C ARG A 170 -31.97 98.48 -17.31
N GLY A 171 -31.34 98.43 -16.13
CA GLY A 171 -30.92 97.16 -15.58
C GLY A 171 -32.10 96.23 -15.28
N ILE A 172 -32.99 96.66 -14.39
CA ILE A 172 -34.11 95.82 -13.99
C ILE A 172 -35.43 96.57 -14.12
N ARG A 173 -35.39 97.90 -14.12
CA ARG A 173 -36.59 98.72 -14.12
C ARG A 173 -36.35 100.01 -14.87
N ILE A 174 -37.31 100.40 -15.71
CA ILE A 174 -37.20 101.62 -16.51
C ILE A 174 -38.59 102.02 -16.97
N ARG A 175 -38.73 103.28 -17.39
CA ARG A 175 -40.00 103.77 -17.91
C ARG A 175 -39.73 104.74 -19.06
N ASP A 176 -40.73 104.92 -19.91
CA ASP A 176 -40.59 105.79 -21.07
C ASP A 176 -41.41 107.07 -20.91
N ILE A 177 -41.65 107.47 -19.66
CA ILE A 177 -42.48 108.64 -19.35
C ILE A 177 -41.83 109.93 -19.86
N LEU A 178 -40.55 109.85 -20.23
CA LEU A 178 -39.79 111.01 -20.66
C LEU A 178 -40.34 111.57 -21.97
N LYS A 179 -39.78 112.70 -22.39
CA LYS A 179 -40.20 113.39 -23.61
C LYS A 179 -41.67 113.79 -23.56
N ASP A 180 -42.04 114.43 -22.45
CA ASP A 180 -43.40 114.95 -22.24
C ASP A 180 -43.32 116.44 -22.00
N GLU A 181 -44.29 117.18 -22.55
CA GLU A 181 -44.30 118.63 -22.45
C GLU A 181 -45.64 119.21 -22.00
N GLU A 182 -46.71 118.44 -22.03
CA GLU A 182 -48.05 118.93 -21.70
C GLU A 182 -48.52 118.33 -20.39
N THR A 183 -49.28 119.12 -19.63
CA THR A 183 -49.80 118.66 -18.35
C THR A 183 -50.81 117.54 -18.55
N LEU A 184 -50.77 116.57 -17.63
CA LEU A 184 -51.67 115.43 -17.69
C LEU A 184 -53.08 115.81 -17.27
N LEU A 230 -58.02 110.57 -19.20
CA LEU A 230 -58.08 109.40 -20.05
C LEU A 230 -56.81 108.56 -19.93
N LEU A 231 -55.75 109.18 -19.40
CA LEU A 231 -54.48 108.47 -19.24
C LEU A 231 -54.60 107.35 -18.22
N GLU A 232 -55.48 107.49 -17.23
CA GLU A 232 -55.73 106.39 -16.30
C GLU A 232 -56.35 105.19 -17.01
N ARG A 233 -57.26 105.46 -17.96
CA ARG A 233 -57.81 104.37 -18.76
C ARG A 233 -56.73 103.69 -19.57
N PHE A 234 -55.78 104.47 -20.11
CA PHE A 234 -54.68 103.89 -20.86
C PHE A 234 -53.76 103.07 -19.95
N ILE A 235 -53.58 103.52 -18.70
CA ILE A 235 -52.76 102.75 -17.76
C ILE A 235 -53.45 101.44 -17.41
N ILE A 236 -54.78 101.46 -17.31
CA ILE A 236 -55.52 100.24 -17.03
C ILE A 236 -55.48 99.28 -18.21
N PHE A 237 -55.64 99.80 -19.43
CA PHE A 237 -55.70 98.95 -20.61
C PHE A 237 -54.32 98.40 -21.00
N SER A 238 -53.29 99.24 -20.97
CA SER A 238 -51.98 98.80 -21.43
C SER A 238 -51.29 97.93 -20.39
N GLN A 239 -51.48 98.22 -19.11
CA GLN A 239 -50.92 97.44 -18.02
C GLN A 239 -52.04 96.62 -17.39
N ARG A 240 -51.91 95.29 -17.45
CA ARG A 240 -52.95 94.37 -16.97
C ARG A 240 -52.31 93.37 -16.01
N ARG A 241 -52.24 93.74 -14.73
CA ARG A 241 -51.76 92.88 -13.65
C ARG A 241 -50.37 92.32 -13.88
N GLY A 242 -49.61 92.92 -14.80
CA GLY A 242 -48.29 92.42 -15.13
C GLY A 242 -47.20 93.46 -15.04
N ALA A 243 -46.08 93.11 -14.41
CA ALA A 243 -44.95 94.01 -14.27
C ALA A 243 -44.05 93.92 -15.50
N LYS A 244 -42.90 94.58 -15.44
CA LYS A 244 -41.94 94.58 -16.53
C LYS A 244 -40.97 93.41 -16.46
N THR A 245 -41.34 92.32 -15.78
CA THR A 245 -40.49 91.15 -15.68
C THR A 245 -40.84 90.13 -16.75
N SER A 252 -53.52 95.97 -25.44
CA SER A 252 -52.72 97.19 -25.54
C SER A 252 -52.28 97.44 -26.97
N LEU A 253 -52.57 96.48 -27.85
CA LEU A 253 -52.22 96.64 -29.26
C LEU A 253 -52.94 97.84 -29.87
N SER A 254 -54.23 97.99 -29.56
CA SER A 254 -54.99 99.15 -30.01
C SER A 254 -55.92 99.70 -28.93
N GLN A 255 -55.84 99.22 -27.69
CA GLN A 255 -56.71 99.71 -26.64
C GLN A 255 -56.47 101.19 -26.35
N GLY A 256 -55.20 101.59 -26.29
CA GLY A 256 -54.87 103.00 -26.10
C GLY A 256 -55.16 103.88 -27.28
N THR A 257 -55.17 103.33 -28.49
CA THR A 257 -55.54 104.07 -29.69
C THR A 257 -57.05 104.26 -29.80
N LEU A 258 -57.83 103.26 -29.37
CA LEU A 258 -59.28 103.35 -29.45
C LEU A 258 -59.85 104.43 -28.53
N GLN A 259 -59.22 104.67 -27.38
CA GLN A 259 -59.68 105.69 -26.45
C GLN A 259 -59.36 107.11 -26.92
N TRP A 260 -58.53 107.26 -27.95
CA TRP A 260 -58.20 108.58 -28.48
C TRP A 260 -59.29 109.09 -29.40
N LEU A 265 -51.94 118.59 -28.42
CA LEU A 265 -51.86 117.44 -29.31
C LEU A 265 -52.15 116.14 -28.55
N TYR A 266 -53.40 115.99 -28.11
CA TYR A 266 -53.77 114.79 -27.36
C TYR A 266 -53.65 113.54 -28.22
N ALA A 267 -54.06 113.62 -29.48
CA ALA A 267 -54.01 112.48 -30.40
C ALA A 267 -52.66 112.37 -31.11
N ASN A 268 -51.63 113.05 -30.61
CA ASN A 268 -50.31 112.96 -31.20
C ASN A 268 -49.27 112.59 -30.15
N VAL A 269 -49.43 113.13 -28.93
CA VAL A 269 -48.47 112.88 -27.86
C VAL A 269 -48.85 111.72 -26.96
N ASP A 270 -50.08 111.22 -27.04
CA ASP A 270 -50.51 110.13 -26.17
C ASP A 270 -49.77 108.84 -26.50
N PHE A 271 -49.71 108.49 -27.78
CA PHE A 271 -49.03 107.28 -28.22
C PHE A 271 -47.68 107.64 -28.83
N PHE A 272 -46.62 107.03 -28.29
CA PHE A 272 -45.26 107.27 -28.75
C PHE A 272 -44.64 106.05 -29.38
N LYS A 273 -44.70 104.90 -28.71
CA LYS A 273 -44.15 103.66 -29.24
C LYS A 273 -45.12 103.08 -30.25
N LEU A 274 -44.83 103.29 -31.54
CA LEU A 274 -45.70 102.76 -32.58
C LEU A 274 -45.79 101.24 -32.52
N PHE A 275 -44.74 100.60 -32.01
CA PHE A 275 -44.73 99.15 -31.80
C PHE A 275 -45.77 98.84 -30.73
N ARG A 276 -46.81 98.12 -31.14
CA ARG A 276 -47.94 97.80 -30.26
C ARG A 276 -47.57 96.64 -29.35
N VAL A 277 -48.59 96.03 -28.74
CA VAL A 277 -48.43 94.94 -27.80
C VAL A 277 -47.66 93.77 -28.41
N LEU A 278 -47.41 93.82 -29.72
CA LEU A 278 -46.56 92.85 -30.38
C LEU A 278 -45.28 92.63 -29.58
N PRO A 279 -44.91 91.38 -29.33
CA PRO A 279 -43.92 91.09 -28.28
C PRO A 279 -42.46 91.16 -28.74
N THR A 280 -42.20 91.06 -30.05
CA THR A 280 -40.83 90.87 -30.54
C THR A 280 -40.26 92.20 -31.01
N LEU A 281 -39.85 93.03 -30.05
CA LEU A 281 -38.97 94.17 -30.31
C LEU A 281 -38.20 94.44 -29.02
N LEU A 282 -37.04 93.81 -28.89
CA LEU A 282 -36.18 94.08 -27.75
C LEU A 282 -34.74 94.38 -28.14
N ASP A 283 -34.21 93.69 -29.14
CA ASP A 283 -32.82 93.86 -29.54
C ASP A 283 -32.74 94.78 -30.76
N SER A 284 -33.09 96.05 -30.53
CA SER A 284 -32.99 97.06 -31.58
C SER A 284 -31.61 97.70 -31.63
N ARG A 285 -30.56 96.86 -31.64
CA ARG A 285 -29.21 97.37 -31.80
C ARG A 285 -28.87 97.54 -33.27
N SER A 286 -28.79 96.42 -34.01
CA SER A 286 -28.67 96.46 -35.46
C SER A 286 -29.85 95.76 -36.14
N GLN A 287 -30.12 94.50 -35.79
CA GLN A 287 -31.26 93.77 -36.36
C GLN A 287 -31.48 92.52 -35.51
N GLY A 288 -32.68 92.39 -34.94
CA GLY A 288 -33.03 91.15 -34.26
C GLY A 288 -34.48 91.06 -33.84
N ILE A 289 -35.14 89.96 -34.23
CA ILE A 289 -36.50 89.67 -33.76
C ILE A 289 -36.72 88.16 -33.74
N ASN A 290 -37.00 87.60 -32.56
CA ASN A 290 -37.42 86.20 -32.48
C ASN A 290 -38.18 86.01 -31.16
N LEU A 291 -39.51 86.03 -31.23
CA LEU A 291 -40.35 85.72 -30.07
C LEU A 291 -41.31 84.58 -30.34
N ARG A 292 -42.04 84.62 -31.45
CA ARG A 292 -43.00 83.57 -31.81
C ARG A 292 -42.28 82.59 -32.72
N SER A 293 -41.36 81.83 -32.15
CA SER A 293 -40.61 80.82 -32.89
C SER A 293 -40.46 79.56 -32.04
N TRP A 294 -41.34 79.40 -31.04
CA TRP A 294 -41.26 78.29 -30.11
C TRP A 294 -42.38 77.27 -30.27
N GLY A 295 -43.56 77.72 -30.68
CA GLY A 295 -44.78 76.93 -30.71
C GLY A 295 -44.63 75.49 -31.14
N GLY A 296 -44.16 75.28 -32.37
CA GLY A 296 -44.00 73.93 -32.87
C GLY A 296 -43.00 73.13 -32.05
N ILE A 297 -41.88 73.77 -31.67
CA ILE A 297 -40.86 73.07 -30.91
C ILE A 297 -41.37 72.58 -29.56
N LEU A 298 -42.07 73.43 -28.79
CA LEU A 298 -42.51 73.00 -27.47
C LEU A 298 -43.87 72.30 -27.49
N SER A 299 -44.52 72.20 -28.66
CA SER A 299 -45.73 71.40 -28.77
C SER A 299 -45.54 70.08 -29.50
N ASP A 300 -44.42 69.87 -30.19
CA ASP A 300 -44.18 68.62 -30.90
C ASP A 300 -43.27 67.67 -30.14
N MET A 301 -42.41 68.19 -29.27
CA MET A 301 -41.47 67.35 -28.54
C MET A 301 -42.14 66.53 -27.44
N SER A 302 -43.09 67.13 -26.72
CA SER A 302 -43.66 66.46 -25.56
C SER A 302 -44.29 65.10 -25.86
N PRO A 303 -45.06 64.91 -26.95
CA PRO A 303 -45.53 63.54 -27.24
C PRO A 303 -44.39 62.55 -27.45
N ARG A 304 -43.31 62.96 -28.11
CA ARG A 304 -42.19 62.03 -28.29
C ARG A 304 -41.48 61.74 -26.98
N ILE A 305 -41.39 62.72 -26.09
CA ILE A 305 -40.81 62.47 -24.78
C ILE A 305 -41.67 61.48 -24.00
N GLN A 306 -42.99 61.62 -24.11
CA GLN A 306 -43.90 60.66 -23.48
C GLN A 306 -43.70 59.26 -24.06
N GLU A 307 -43.57 59.16 -25.38
CA GLU A 307 -43.35 57.86 -26.01
C GLU A 307 -42.01 57.27 -25.58
N PHE A 308 -40.97 58.11 -25.47
CA PHE A 308 -39.66 57.64 -25.04
C PHE A 308 -39.69 57.11 -23.62
N ILE A 309 -40.30 57.86 -22.70
CA ILE A 309 -40.36 57.41 -21.31
C ILE A 309 -41.27 56.21 -21.17
N HIS A 310 -42.18 55.98 -22.12
CA HIS A 310 -43.01 54.78 -22.10
C HIS A 310 -42.49 53.69 -23.04
N ARG A 311 -41.19 53.66 -23.28
CA ARG A 311 -40.53 52.59 -24.01
C ARG A 311 -40.08 51.49 -23.03
N PRO A 312 -40.04 50.23 -23.47
CA PRO A 312 -39.65 49.15 -22.54
C PRO A 312 -38.29 49.33 -21.89
N SER A 313 -37.35 49.98 -22.56
CA SER A 313 -36.03 50.19 -21.95
C SER A 313 -36.13 51.02 -20.68
N MET A 314 -36.88 52.13 -20.74
CA MET A 314 -37.09 52.94 -19.56
C MET A 314 -37.95 52.23 -18.52
N GLN A 315 -38.87 51.37 -18.99
CA GLN A 315 -39.63 50.53 -18.07
C GLN A 315 -38.69 49.66 -17.24
N ASP A 316 -37.74 48.99 -17.90
CA ASP A 316 -36.77 48.17 -17.19
C ASP A 316 -35.91 49.02 -16.27
N LEU A 317 -35.46 50.17 -16.75
CA LEU A 317 -34.62 51.04 -15.92
C LEU A 317 -35.32 51.41 -14.63
N LEU A 318 -36.56 51.89 -14.73
CA LEU A 318 -37.29 52.30 -13.53
C LEU A 318 -37.64 51.10 -12.65
N TRP A 319 -38.03 49.99 -13.25
CA TRP A 319 -38.42 48.82 -12.45
C TRP A 319 -37.23 48.22 -11.74
N VAL A 320 -36.02 48.43 -12.25
CA VAL A 320 -34.83 47.95 -11.56
C VAL A 320 -34.37 48.97 -10.51
N THR A 321 -34.51 50.26 -10.81
CA THR A 321 -34.14 51.29 -9.85
C THR A 321 -35.24 51.54 -8.82
N ARG A 322 -36.31 50.75 -8.83
CA ARG A 322 -37.32 50.86 -7.78
C ARG A 322 -36.73 50.61 -6.39
N PRO A 323 -35.96 49.52 -6.15
CA PRO A 323 -35.16 49.47 -4.93
C PRO A 323 -33.93 50.35 -5.07
N LEU A 324 -33.01 50.27 -4.10
CA LEU A 324 -31.73 50.97 -4.16
C LEU A 324 -31.92 52.48 -3.96
N MET A 325 -33.18 52.93 -3.96
CA MET A 325 -33.53 54.28 -3.59
C MET A 325 -34.59 54.34 -2.51
N GLN A 326 -35.32 53.25 -2.26
CA GLN A 326 -36.30 53.19 -1.19
C GLN A 326 -35.56 52.90 0.12
N ASN A 327 -36.32 52.57 1.17
CA ASN A 327 -35.78 52.34 2.49
C ASN A 327 -35.99 50.89 2.90
N GLY A 328 -35.09 50.39 3.74
CA GLY A 328 -35.11 48.99 4.13
C GLY A 328 -34.88 48.04 2.97
N GLY A 329 -34.02 48.44 2.04
CA GLY A 329 -33.85 47.70 0.82
C GLY A 329 -32.48 47.05 0.66
N PRO A 330 -31.60 47.73 -0.08
CA PRO A 330 -30.37 47.08 -0.58
C PRO A 330 -29.31 46.87 0.47
N GLU A 331 -29.39 45.76 1.21
CA GLU A 331 -28.32 45.35 2.10
C GLU A 331 -27.90 43.89 1.94
N THR A 332 -28.65 43.08 1.19
CA THR A 332 -28.33 41.67 1.04
C THR A 332 -27.14 41.41 0.12
N PHE A 333 -26.63 42.45 -0.55
CA PHE A 333 -25.45 42.33 -1.40
C PHE A 333 -25.60 41.22 -2.45
N THR A 334 -26.84 40.88 -2.78
CA THR A 334 -27.10 39.99 -3.90
C THR A 334 -28.21 40.59 -4.75
N LYS A 335 -29.05 41.42 -4.12
CA LYS A 335 -29.93 42.28 -4.88
C LYS A 335 -29.17 43.48 -5.43
N LEU A 336 -28.22 44.01 -4.66
CA LEU A 336 -27.42 45.13 -5.15
C LEU A 336 -26.52 44.70 -6.30
N MET A 337 -25.81 43.59 -6.13
CA MET A 337 -24.95 43.10 -7.21
C MET A 337 -25.79 42.69 -8.41
N GLY A 338 -26.97 42.11 -8.18
CA GLY A 338 -27.84 41.79 -9.30
C GLY A 338 -28.30 43.02 -10.06
N ILE A 339 -28.65 44.08 -9.33
CA ILE A 339 -29.04 45.33 -9.98
C ILE A 339 -27.90 45.89 -10.80
N LEU A 340 -26.70 45.95 -10.20
CA LEU A 340 -25.56 46.51 -10.92
C LEU A 340 -25.22 45.67 -12.15
N SER A 341 -25.29 44.35 -12.03
CA SER A 341 -25.04 43.50 -13.19
C SER A 341 -26.07 43.73 -14.28
N ASP A 342 -27.35 43.82 -13.92
CA ASP A 342 -28.37 44.02 -14.93
C ASP A 342 -28.32 45.41 -15.54
N LEU A 343 -27.70 46.37 -14.87
CA LEU A 343 -27.67 47.74 -15.36
C LEU A 343 -26.40 48.08 -16.13
N LEU A 344 -25.25 47.51 -15.76
CA LEU A 344 -23.99 47.74 -16.44
C LEU A 344 -23.60 46.57 -17.34
N CYS A 345 -23.61 45.36 -16.79
CA CYS A 345 -23.34 44.15 -17.56
C CYS A 345 -24.60 43.84 -18.37
N GLY A 346 -24.54 42.84 -19.24
CA GLY A 346 -25.72 42.51 -20.01
C GLY A 346 -25.92 41.03 -20.27
N TYR A 347 -25.38 40.21 -19.38
CA TYR A 347 -25.19 38.81 -19.70
C TYR A 347 -26.53 38.06 -19.71
N PRO A 348 -26.70 37.09 -20.60
CA PRO A 348 -27.96 36.34 -20.65
C PRO A 348 -27.97 35.10 -19.77
N GLU A 349 -29.07 34.35 -19.84
CA GLU A 349 -29.25 33.05 -19.18
C GLU A 349 -28.70 33.03 -17.76
N GLY A 350 -29.12 34.01 -16.98
CA GLY A 350 -28.81 34.02 -15.56
C GLY A 350 -27.46 34.61 -15.22
N GLY A 351 -26.47 34.36 -16.06
CA GLY A 351 -25.14 34.90 -15.83
C GLY A 351 -23.99 33.96 -16.15
N GLY A 352 -24.14 32.67 -15.89
CA GLY A 352 -23.08 31.73 -16.16
C GLY A 352 -23.08 30.60 -15.16
N SER A 353 -21.96 29.87 -15.12
CA SER A 353 -21.92 28.59 -14.41
C SER A 353 -20.73 28.43 -13.45
N ARG A 354 -19.62 29.10 -13.72
CA ARG A 354 -18.45 29.07 -12.83
C ARG A 354 -17.94 27.63 -12.62
N VAL A 355 -17.35 27.09 -13.69
CA VAL A 355 -16.65 25.81 -13.61
C VAL A 355 -15.67 25.82 -12.44
N LEU A 356 -15.51 24.67 -11.79
CA LEU A 356 -14.67 24.50 -10.61
C LEU A 356 -13.39 23.74 -10.97
N SER A 357 -12.55 23.50 -9.96
CA SER A 357 -11.19 23.02 -10.20
C SER A 357 -10.96 21.58 -9.75
N PHE A 358 -11.15 21.29 -8.46
CA PHE A 358 -11.15 19.94 -7.88
C PHE A 358 -9.80 19.24 -7.83
N ASN A 359 -8.70 19.86 -8.25
CA ASN A 359 -7.41 19.15 -8.24
C ASN A 359 -6.80 19.10 -6.86
N TRP A 360 -6.37 20.26 -6.34
CA TRP A 360 -5.73 20.46 -5.04
C TRP A 360 -4.39 19.76 -4.90
N TYR A 361 -4.02 18.89 -5.82
CA TYR A 361 -2.79 18.12 -5.68
C TYR A 361 -1.74 18.49 -6.70
N GLU A 362 -2.05 19.38 -7.63
CA GLU A 362 -1.02 19.95 -8.49
C GLU A 362 -0.24 21.05 -7.78
N ASP A 363 -0.72 21.50 -6.63
CA ASP A 363 -0.08 22.56 -5.86
C ASP A 363 0.55 22.03 -4.58
N ASN A 364 0.39 20.75 -4.28
CA ASN A 364 0.80 20.16 -3.01
C ASN A 364 0.21 20.96 -1.85
N ASN A 365 -1.13 21.05 -1.85
CA ASN A 365 -1.81 21.92 -0.91
C ASN A 365 -2.02 21.23 0.43
N TYR A 366 -2.47 19.98 0.40
CA TYR A 366 -2.53 19.04 1.52
C TYR A 366 -3.41 19.52 2.67
N LYS A 367 -3.99 20.72 2.55
CA LYS A 367 -4.95 21.19 3.53
C LYS A 367 -6.24 21.68 2.90
N ALA A 368 -6.32 21.77 1.57
CA ALA A 368 -7.61 21.80 0.92
C ALA A 368 -8.26 20.42 0.90
N PHE A 369 -7.47 19.38 1.10
CA PHE A 369 -7.94 18.01 1.20
C PHE A 369 -8.21 17.60 2.63
N LEU A 370 -7.44 18.15 3.58
CA LEU A 370 -7.44 17.69 4.95
C LEU A 370 -8.36 18.51 5.85
N GLY A 371 -8.98 19.56 5.31
CA GLY A 371 -9.97 20.34 6.03
C GLY A 371 -9.44 21.55 6.75
N ILE A 372 -8.13 21.69 6.88
CA ILE A 372 -7.57 22.84 7.59
C ILE A 372 -7.79 24.10 6.77
N ASP A 373 -7.92 25.23 7.47
CA ASP A 373 -8.03 26.52 6.80
C ASP A 373 -6.64 27.02 6.42
N SER A 374 -6.55 27.62 5.24
CA SER A 374 -5.29 28.15 4.71
C SER A 374 -5.45 29.65 4.54
N THR A 375 -5.21 30.38 5.63
CA THR A 375 -5.29 31.84 5.63
C THR A 375 -4.08 32.39 6.37
N ARG A 376 -3.39 33.33 5.76
CA ARG A 376 -2.24 33.95 6.40
C ARG A 376 -2.68 34.81 7.58
N LYS A 377 -1.77 35.00 8.53
CA LYS A 377 -2.04 35.88 9.64
C LYS A 377 -2.35 37.28 9.13
N ASP A 378 -3.39 37.90 9.68
CA ASP A 378 -3.79 39.21 9.18
C ASP A 378 -2.71 40.24 9.49
N PRO A 379 -2.51 41.23 8.61
CA PRO A 379 -1.37 42.14 8.77
C PRO A 379 -1.56 43.09 9.94
N ILE A 380 -0.46 43.75 10.28
CA ILE A 380 -0.41 44.60 11.46
C ILE A 380 -1.28 45.84 11.25
N TYR A 381 -1.69 46.45 12.35
CA TYR A 381 -2.44 47.70 12.34
C TYR A 381 -1.56 48.83 12.85
N SER A 382 -1.75 50.02 12.25
CA SER A 382 -1.03 51.21 12.65
C SER A 382 -1.81 52.42 12.15
N TYR A 383 -2.00 53.41 13.01
CA TYR A 383 -2.67 54.63 12.59
C TYR A 383 -1.76 55.38 11.62
N ASP A 384 -2.04 55.27 10.33
CA ASP A 384 -1.14 55.80 9.32
C ASP A 384 -1.18 57.33 9.31
N ARG A 385 -0.01 57.91 9.06
CA ARG A 385 0.13 59.36 8.99
C ARG A 385 -0.25 59.87 7.61
N ARG A 386 -0.79 61.08 7.57
CA ARG A 386 -0.95 61.86 6.35
C ARG A 386 -1.96 61.27 5.37
N THR A 387 -2.80 60.31 5.79
CA THR A 387 -3.73 59.78 4.81
C THR A 387 -5.14 60.38 4.96
N THR A 388 -5.81 60.07 6.07
CA THR A 388 -7.15 60.54 6.39
C THR A 388 -7.52 59.87 7.71
N SER A 389 -8.61 60.34 8.32
CA SER A 389 -9.19 59.61 9.44
C SER A 389 -10.27 58.63 9.01
N PHE A 390 -11.08 58.99 8.01
CA PHE A 390 -12.15 58.11 7.57
C PHE A 390 -11.61 56.85 6.91
N CYS A 391 -10.67 57.00 5.98
CA CYS A 391 -10.08 55.84 5.32
C CYS A 391 -9.42 54.93 6.35
N ASN A 392 -8.70 55.52 7.30
CA ASN A 392 -7.95 54.75 8.28
C ASN A 392 -8.88 54.05 9.25
N ALA A 393 -10.02 54.65 9.58
CA ALA A 393 -11.03 53.97 10.40
C ALA A 393 -11.87 52.98 9.60
N LEU A 394 -11.80 53.05 8.26
CA LEU A 394 -12.47 52.05 7.42
C LEU A 394 -11.61 50.80 7.29
N ILE A 395 -10.29 50.97 7.21
CA ILE A 395 -9.41 49.83 7.01
C ILE A 395 -9.57 48.80 8.13
N GLN A 396 -9.64 49.27 9.38
CA GLN A 396 -9.71 48.35 10.51
C GLN A 396 -11.02 47.55 10.50
N SER A 397 -12.14 48.22 10.25
CA SER A 397 -13.42 47.52 10.22
C SER A 397 -13.48 46.55 9.05
N LEU A 398 -12.87 46.92 7.92
CA LEU A 398 -12.89 46.06 6.75
C LEU A 398 -11.90 44.90 6.86
N GLU A 399 -10.89 45.02 7.71
CA GLU A 399 -9.83 44.03 7.85
C GLU A 399 -10.07 43.06 8.99
N SER A 400 -10.76 43.48 10.05
CA SER A 400 -11.05 42.62 11.19
C SER A 400 -12.40 41.93 11.09
N ASN A 401 -13.24 42.34 10.14
CA ASN A 401 -14.52 41.67 9.94
C ASN A 401 -14.29 40.23 9.50
N PRO A 402 -15.13 39.29 9.94
CA PRO A 402 -14.90 37.88 9.57
C PRO A 402 -15.39 37.52 8.18
N LEU A 403 -16.30 38.29 7.59
CA LEU A 403 -16.81 37.98 6.26
C LEU A 403 -15.93 38.57 5.16
N THR A 404 -15.73 39.89 5.19
CA THR A 404 -14.91 40.57 4.18
C THR A 404 -13.46 40.65 4.60
N LYS A 405 -12.88 39.50 4.93
CA LYS A 405 -11.48 39.42 5.33
C LYS A 405 -10.58 38.91 4.23
N ILE A 406 -11.06 37.98 3.40
CA ILE A 406 -10.27 37.43 2.30
C ILE A 406 -10.56 38.10 0.96
N ALA A 407 -11.75 38.68 0.80
CA ALA A 407 -12.04 39.43 -0.41
C ALA A 407 -11.44 40.82 -0.41
N TRP A 408 -10.90 41.26 0.73
CA TRP A 408 -10.22 42.53 0.84
C TRP A 408 -8.71 42.39 0.81
N ARG A 409 -8.20 41.24 1.25
CA ARG A 409 -6.77 40.96 1.14
C ARG A 409 -6.35 40.82 -0.31
N ALA A 410 -7.27 40.42 -1.19
CA ALA A 410 -6.98 40.28 -2.60
C ALA A 410 -7.10 41.60 -3.36
N ALA A 411 -7.69 42.62 -2.75
CA ALA A 411 -7.90 43.91 -3.41
C ALA A 411 -7.03 45.02 -2.85
N LYS A 412 -6.59 44.92 -1.60
CA LYS A 412 -5.77 45.99 -1.02
C LYS A 412 -4.48 46.26 -1.79
N PRO A 413 -3.69 45.26 -2.19
CA PRO A 413 -2.44 45.57 -2.91
C PRO A 413 -2.65 46.26 -4.24
N LEU A 414 -3.83 46.21 -4.84
CA LEU A 414 -4.06 46.96 -6.07
C LEU A 414 -4.46 48.41 -5.78
N LEU A 415 -5.44 48.60 -4.90
CA LEU A 415 -5.90 49.95 -4.59
C LEU A 415 -4.81 50.77 -3.90
N MET A 416 -4.21 50.24 -2.85
CA MET A 416 -3.26 50.98 -2.04
C MET A 416 -1.85 50.38 -2.11
N GLY A 417 -1.51 49.75 -3.21
CA GLY A 417 -0.22 49.09 -3.35
C GLY A 417 0.92 50.04 -3.58
N LYS A 418 1.99 49.52 -4.17
CA LYS A 418 3.22 50.28 -4.35
C LYS A 418 4.13 49.48 -5.27
N ILE A 419 4.86 50.19 -6.15
CA ILE A 419 5.70 49.57 -7.15
C ILE A 419 7.10 50.16 -7.06
N LEU A 420 8.12 49.31 -7.21
CA LEU A 420 9.51 49.69 -7.01
C LEU A 420 10.32 49.30 -8.24
N TYR A 421 11.24 50.18 -8.67
CA TYR A 421 11.81 50.12 -10.02
C TYR A 421 13.34 50.31 -9.99
N THR A 422 14.04 49.39 -9.32
CA THR A 422 15.43 49.52 -8.85
C THR A 422 16.37 50.38 -9.67
N PRO A 423 16.60 50.16 -10.97
CA PRO A 423 17.72 50.92 -11.57
C PRO A 423 17.38 52.39 -11.82
N ASP A 424 17.46 53.19 -10.76
CA ASP A 424 17.14 54.61 -10.87
C ASP A 424 18.10 55.32 -11.83
N SER A 425 17.57 55.75 -12.97
CA SER A 425 18.38 56.35 -14.02
C SER A 425 17.44 57.06 -14.98
N PRO A 426 17.96 57.95 -15.84
CA PRO A 426 17.07 58.68 -16.77
C PRO A 426 16.24 57.78 -17.65
N ALA A 427 16.79 56.67 -18.14
CA ALA A 427 16.03 55.79 -19.03
C ALA A 427 14.87 55.14 -18.29
N ALA A 428 15.14 54.59 -17.11
CA ALA A 428 14.07 53.98 -16.31
C ALA A 428 13.04 55.02 -15.91
N ARG A 429 13.49 56.23 -15.59
CA ARG A 429 12.56 57.29 -15.23
C ARG A 429 11.63 57.62 -16.39
N ARG A 430 12.17 57.71 -17.60
CA ARG A 430 11.32 58.00 -18.75
C ARG A 430 10.35 56.86 -19.03
N ILE A 431 10.82 55.61 -18.94
CA ILE A 431 9.93 54.48 -19.17
C ILE A 431 8.78 54.49 -18.17
N LEU A 432 9.09 54.62 -16.88
CA LEU A 432 8.05 54.59 -15.87
C LEU A 432 7.19 55.83 -15.88
N LYS A 433 7.66 56.93 -16.48
CA LYS A 433 6.80 58.09 -16.67
C LYS A 433 5.82 57.87 -17.82
N ASN A 434 6.26 57.19 -18.87
CA ASN A 434 5.33 56.88 -19.96
C ASN A 434 4.34 55.80 -19.57
N ALA A 435 4.70 54.95 -18.60
CA ALA A 435 3.80 53.89 -18.14
C ALA A 435 2.82 54.36 -17.08
N ASN A 436 2.55 55.66 -17.00
CA ASN A 436 1.80 56.26 -15.91
C ASN A 436 0.46 56.82 -16.35
N SER A 437 -0.02 56.44 -17.54
CA SER A 437 -1.22 57.08 -18.08
C SER A 437 -2.47 56.66 -17.32
N THR A 438 -2.56 55.38 -16.94
CA THR A 438 -3.78 54.88 -16.30
C THR A 438 -4.04 55.60 -14.99
N PHE A 439 -3.01 55.76 -14.16
CA PHE A 439 -3.20 56.41 -12.87
C PHE A 439 -3.46 57.90 -13.04
N GLU A 440 -2.88 58.53 -14.06
CA GLU A 440 -3.17 59.93 -14.33
C GLU A 440 -4.64 60.12 -14.69
N GLU A 441 -5.16 59.28 -15.59
CA GLU A 441 -6.56 59.43 -15.97
C GLU A 441 -7.48 58.99 -14.86
N LEU A 442 -7.01 58.14 -13.96
CA LEU A 442 -7.81 57.80 -12.79
C LEU A 442 -7.78 58.89 -11.73
N GLU A 443 -6.78 59.78 -11.77
CA GLU A 443 -6.76 60.93 -10.88
C GLU A 443 -7.60 62.08 -11.42
N HIS A 444 -7.67 62.21 -12.74
CA HIS A 444 -8.54 63.22 -13.34
C HIS A 444 -9.98 63.07 -12.86
N VAL A 445 -10.46 61.84 -12.73
CA VAL A 445 -11.83 61.60 -12.26
C VAL A 445 -11.99 62.09 -10.82
N ARG A 446 -10.98 61.86 -9.99
CA ARG A 446 -11.04 62.33 -8.61
C ARG A 446 -11.11 63.84 -8.55
N LYS A 447 -10.32 64.53 -9.38
CA LYS A 447 -10.43 65.99 -9.46
C LYS A 447 -11.82 66.42 -9.89
N LEU A 448 -12.36 65.75 -10.92
CA LEU A 448 -13.67 66.12 -11.46
C LEU A 448 -14.76 65.97 -10.41
N VAL A 449 -14.69 64.91 -9.60
CA VAL A 449 -15.69 64.74 -8.54
C VAL A 449 -15.47 65.73 -7.41
N LYS A 450 -14.21 66.06 -7.10
CA LYS A 450 -13.94 67.02 -6.03
C LYS A 450 -14.44 68.41 -6.39
N ALA A 451 -14.55 68.72 -7.69
CA ALA A 451 -15.03 70.05 -8.09
C ALA A 451 -16.43 70.36 -7.59
N TRP A 452 -17.21 69.35 -7.19
CA TRP A 452 -18.53 69.62 -6.65
C TRP A 452 -18.45 70.43 -5.37
N GLU A 453 -17.35 70.32 -4.62
CA GLU A 453 -17.20 71.08 -3.38
C GLU A 453 -17.48 72.55 -3.59
N GLU A 454 -17.06 73.09 -4.73
CA GLU A 454 -17.35 74.48 -5.06
C GLU A 454 -18.58 74.62 -5.94
N VAL A 455 -18.84 73.67 -6.83
CA VAL A 455 -19.98 73.82 -7.74
C VAL A 455 -21.30 73.81 -6.99
N GLY A 456 -21.42 73.00 -5.95
CA GLY A 456 -22.68 72.77 -5.27
C GLY A 456 -23.36 73.99 -4.70
N PRO A 457 -22.73 74.64 -3.72
CA PRO A 457 -23.38 75.80 -3.08
C PRO A 457 -23.71 76.91 -4.05
N GLN A 458 -22.92 77.10 -5.10
CA GLN A 458 -23.24 78.11 -6.09
C GLN A 458 -24.52 77.76 -6.84
N ILE A 459 -24.73 76.48 -7.12
CA ILE A 459 -26.00 76.05 -7.72
C ILE A 459 -27.13 76.24 -6.73
N TRP A 460 -26.88 75.96 -5.45
CA TRP A 460 -27.91 76.15 -4.43
C TRP A 460 -28.34 77.61 -4.34
N TYR A 461 -27.37 78.52 -4.42
CA TYR A 461 -27.66 79.95 -4.32
C TYR A 461 -28.47 80.46 -5.51
N PHE A 462 -28.63 79.66 -6.55
CA PHE A 462 -29.39 80.03 -7.73
C PHE A 462 -30.87 79.72 -7.59
N PHE A 463 -31.28 79.09 -6.49
CA PHE A 463 -32.64 78.60 -6.35
C PHE A 463 -33.42 79.15 -5.16
N ASP A 464 -32.78 79.90 -4.26
CA ASP A 464 -33.50 80.43 -3.10
C ASP A 464 -33.54 81.95 -3.09
N ASN A 465 -32.39 82.61 -3.18
CA ASN A 465 -32.31 84.08 -3.27
C ASN A 465 -31.42 84.34 -4.49
N SER A 466 -32.07 84.37 -5.65
CA SER A 466 -31.37 84.53 -6.92
C SER A 466 -32.05 85.60 -7.75
N THR A 467 -31.26 86.52 -8.29
CA THR A 467 -31.77 87.64 -9.07
C THR A 467 -32.36 87.19 -10.40
N GLN A 468 -32.06 85.98 -10.87
CA GLN A 468 -32.64 85.45 -12.09
C GLN A 468 -33.88 84.62 -11.83
N MET A 469 -33.74 83.51 -11.09
CA MET A 469 -34.85 82.58 -10.94
C MET A 469 -35.97 83.20 -10.11
N ASN A 470 -35.65 83.61 -8.88
CA ASN A 470 -36.67 84.15 -7.98
C ASN A 470 -37.31 85.42 -8.50
N MET A 471 -36.62 86.17 -9.36
CA MET A 471 -37.13 87.43 -9.86
C MET A 471 -37.77 87.34 -11.24
N ILE A 472 -37.59 86.22 -11.95
CA ILE A 472 -38.19 86.02 -13.26
C ILE A 472 -39.27 84.93 -13.22
N ARG A 473 -38.88 83.70 -12.85
CA ARG A 473 -39.81 82.59 -12.92
C ARG A 473 -40.59 82.41 -11.63
N ASP A 474 -40.24 83.13 -10.56
CA ASP A 474 -40.96 83.02 -9.30
C ASP A 474 -41.87 84.21 -9.04
N THR A 475 -41.48 85.42 -9.47
CA THR A 475 -42.38 86.55 -9.39
C THR A 475 -43.57 86.41 -10.32
N LEU A 476 -43.38 85.79 -11.48
CA LEU A 476 -44.45 85.59 -12.45
C LEU A 476 -44.37 84.15 -12.95
N GLY A 477 -45.15 83.83 -13.98
CA GLY A 477 -45.19 82.50 -14.53
C GLY A 477 -45.84 81.49 -13.60
N VAL A 481 -46.56 89.01 -15.09
CA VAL A 481 -47.57 88.47 -15.99
C VAL A 481 -48.85 88.14 -15.24
N LYS A 482 -49.04 86.86 -14.94
CA LYS A 482 -50.20 86.28 -14.26
C LYS A 482 -51.47 86.34 -15.08
N ASP A 483 -51.44 86.94 -16.27
CA ASP A 483 -52.58 86.92 -17.19
C ASP A 483 -52.24 86.18 -18.48
N PHE A 484 -51.20 86.59 -19.20
CA PHE A 484 -50.75 85.82 -20.36
C PHE A 484 -50.23 84.46 -19.93
N LEU A 485 -49.53 84.41 -18.79
CA LEU A 485 -49.12 83.13 -18.24
C LEU A 485 -50.33 82.27 -17.87
N ASN A 486 -51.38 82.90 -17.34
CA ASN A 486 -52.60 82.16 -17.03
C ASN A 486 -53.22 81.58 -18.29
N ARG A 487 -53.26 82.37 -19.37
CA ARG A 487 -53.81 81.87 -20.63
C ARG A 487 -52.98 80.72 -21.19
N GLN A 488 -51.66 80.84 -21.12
CA GLN A 488 -50.79 79.77 -21.61
C GLN A 488 -50.96 78.50 -20.77
N LEU A 489 -51.08 78.65 -19.44
CA LEU A 489 -51.30 77.51 -18.58
C LEU A 489 -52.64 76.84 -18.85
N GLY A 490 -53.67 77.64 -19.13
CA GLY A 490 -54.94 77.07 -19.57
C GLY A 490 -54.81 76.33 -20.88
N GLU A 491 -53.98 76.84 -21.80
CA GLU A 491 -53.69 76.20 -23.07
C GLU A 491 -52.41 75.38 -23.02
N GLU A 492 -52.01 74.94 -21.84
CA GLU A 492 -50.80 74.13 -21.66
C GLU A 492 -51.07 72.66 -22.00
N GLY A 493 -50.15 71.79 -21.61
CA GLY A 493 -50.27 70.38 -21.90
C GLY A 493 -51.38 69.71 -21.09
N ILE A 494 -51.17 68.43 -20.83
CA ILE A 494 -52.18 67.63 -20.12
C ILE A 494 -52.38 68.17 -18.71
N THR A 495 -51.29 68.39 -17.98
CA THR A 495 -51.36 68.89 -16.61
C THR A 495 -50.09 69.67 -16.32
N ALA A 496 -50.24 70.94 -15.93
CA ALA A 496 -49.12 71.81 -15.64
C ALA A 496 -48.97 72.10 -14.16
N GLU A 497 -50.05 72.51 -13.48
CA GLU A 497 -50.05 72.85 -12.07
C GLU A 497 -49.04 73.98 -11.79
N ALA A 498 -49.36 75.14 -12.34
CA ALA A 498 -48.50 76.32 -12.15
C ALA A 498 -48.28 76.62 -10.68
N ILE A 499 -49.25 76.29 -9.82
CA ILE A 499 -49.05 76.42 -8.39
C ILE A 499 -47.92 75.50 -7.93
N LEU A 500 -47.91 74.26 -8.42
CA LEU A 500 -46.77 73.38 -8.15
C LEU A 500 -45.51 73.86 -8.85
N ASN A 501 -45.66 74.43 -10.04
CA ASN A 501 -44.51 74.99 -10.76
C ASN A 501 -43.89 76.17 -10.02
N PHE A 502 -44.62 76.81 -9.11
CA PHE A 502 -44.06 77.84 -8.26
C PHE A 502 -43.60 77.30 -6.90
N LEU A 503 -44.28 76.26 -6.39
CA LEU A 503 -43.82 75.61 -5.16
C LEU A 503 -42.47 74.95 -5.36
N TYR A 504 -42.22 74.43 -6.56
CA TYR A 504 -40.90 73.94 -6.94
C TYR A 504 -40.07 75.01 -7.63
N LYS A 505 -40.30 76.28 -7.29
CA LYS A 505 -39.58 77.42 -7.85
C LYS A 505 -39.05 78.30 -6.72
N GLY A 506 -38.49 77.67 -5.69
CA GLY A 506 -37.72 78.37 -4.69
C GLY A 506 -38.53 78.91 -3.53
N PRO A 507 -39.39 78.07 -2.95
CA PRO A 507 -40.03 78.47 -1.69
C PRO A 507 -39.01 78.51 -0.58
N ARG A 508 -38.67 79.70 -0.08
CA ARG A 508 -37.59 79.86 0.88
C ARG A 508 -38.10 79.98 2.31
N GLU A 509 -38.92 80.98 2.60
CA GLU A 509 -39.51 81.12 3.94
C GLU A 509 -40.89 80.47 3.99
N SER A 510 -40.97 79.22 3.55
CA SER A 510 -42.23 78.48 3.52
C SER A 510 -42.17 77.21 4.34
N GLN A 511 -41.10 76.41 4.19
CA GLN A 511 -40.99 75.11 4.85
C GLN A 511 -42.21 74.24 4.55
N ALA A 512 -42.60 74.21 3.28
CA ALA A 512 -43.73 73.42 2.84
C ALA A 512 -43.31 71.96 2.74
N ASP A 513 -43.66 71.17 3.76
CA ASP A 513 -43.24 69.78 3.81
C ASP A 513 -44.44 68.84 3.82
N ASN A 517 -47.31 67.14 -0.87
CA ASN A 517 -45.95 66.67 -0.65
C ASN A 517 -44.95 67.50 -1.46
N PHE A 518 -43.83 67.85 -0.83
CA PHE A 518 -42.78 68.61 -1.48
C PHE A 518 -41.94 67.70 -2.37
N ASP A 519 -41.43 68.26 -3.48
CA ASP A 519 -40.67 67.47 -4.43
C ASP A 519 -39.49 68.25 -5.00
N TRP A 520 -38.93 69.20 -4.24
CA TRP A 520 -37.81 69.93 -4.81
C TRP A 520 -36.56 69.94 -3.95
N ARG A 521 -36.70 70.07 -2.63
CA ARG A 521 -35.50 70.12 -1.79
C ARG A 521 -34.84 68.76 -1.66
N ASP A 522 -35.63 67.69 -1.73
CA ASP A 522 -35.13 66.33 -1.51
C ASP A 522 -34.15 65.87 -2.58
N ILE A 523 -34.34 66.24 -3.83
CA ILE A 523 -33.44 65.81 -4.91
C ILE A 523 -32.05 66.40 -4.74
N PHE A 524 -31.95 67.70 -4.50
CA PHE A 524 -30.66 68.31 -4.21
C PHE A 524 -30.07 67.78 -2.91
N ASN A 525 -30.93 67.62 -1.89
CA ASN A 525 -30.51 67.09 -0.61
C ASN A 525 -29.93 65.69 -0.71
N ILE A 526 -30.39 64.89 -1.67
CA ILE A 526 -29.92 63.52 -1.82
C ILE A 526 -28.70 63.50 -2.73
N THR A 527 -28.67 64.35 -3.75
CA THR A 527 -27.51 64.32 -4.64
C THR A 527 -26.25 64.84 -3.95
N ASP A 528 -26.38 65.87 -3.10
CA ASP A 528 -25.20 66.33 -2.37
C ASP A 528 -24.69 65.24 -1.42
N ARG A 529 -25.60 64.60 -0.69
CA ARG A 529 -25.23 63.58 0.29
C ARG A 529 -24.76 62.28 -0.35
N THR A 530 -25.07 62.05 -1.62
CA THR A 530 -24.52 60.90 -2.33
C THR A 530 -23.30 61.23 -3.15
N LEU A 531 -23.00 62.51 -3.37
CA LEU A 531 -21.80 62.86 -4.12
C LEU A 531 -20.62 63.13 -3.20
N ARG A 532 -20.86 63.76 -2.04
CA ARG A 532 -19.79 63.93 -1.08
C ARG A 532 -19.31 62.60 -0.52
N LEU A 533 -20.20 61.62 -0.39
CA LEU A 533 -19.79 60.30 0.06
C LEU A 533 -18.85 59.64 -0.95
N VAL A 534 -19.15 59.78 -2.24
CA VAL A 534 -18.27 59.24 -3.28
C VAL A 534 -16.92 59.94 -3.22
N ASN A 535 -16.93 61.27 -3.08
CA ASN A 535 -15.67 62.00 -2.94
C ASN A 535 -14.88 61.52 -1.74
N GLN A 536 -15.58 61.13 -0.67
CA GLN A 536 -14.91 60.73 0.56
C GLN A 536 -14.31 59.33 0.43
N TYR A 537 -14.99 58.42 -0.26
CA TYR A 537 -14.39 57.13 -0.57
C TYR A 537 -13.18 57.27 -1.49
N LEU A 538 -13.27 58.12 -2.50
CA LEU A 538 -12.19 58.17 -3.49
C LEU A 538 -10.88 58.74 -2.96
N GLU A 539 -10.84 59.16 -1.69
CA GLU A 539 -9.60 59.67 -1.11
C GLU A 539 -8.69 58.56 -0.62
N CYS A 540 -9.19 57.33 -0.49
CA CYS A 540 -8.38 56.24 0.05
C CYS A 540 -7.34 55.74 -0.95
N LEU A 541 -7.63 55.81 -2.25
CA LEU A 541 -6.74 55.27 -3.25
C LEU A 541 -5.37 55.96 -3.22
N VAL A 542 -4.33 55.17 -3.45
CA VAL A 542 -2.99 55.68 -3.70
C VAL A 542 -2.79 55.73 -5.21
N LEU A 543 -2.35 56.88 -5.72
CA LEU A 543 -2.22 57.02 -7.17
C LEU A 543 -0.86 57.54 -7.60
N ASP A 544 0.10 57.62 -6.70
CA ASP A 544 1.51 57.84 -7.06
C ASP A 544 2.29 56.74 -6.37
N LYS A 545 2.57 55.67 -7.10
CA LYS A 545 3.04 54.44 -6.49
C LYS A 545 4.27 53.89 -7.19
N PHE A 546 5.20 54.76 -7.54
CA PHE A 546 6.50 54.36 -8.09
C PHE A 546 7.59 54.94 -7.21
N GLU A 547 8.42 54.08 -6.63
CA GLU A 547 9.57 54.49 -5.84
C GLU A 547 10.83 53.86 -6.39
N SER A 548 11.94 54.59 -6.33
CA SER A 548 13.18 54.16 -6.93
C SER A 548 14.22 53.82 -5.87
N TYR A 549 15.13 52.93 -6.24
CA TYR A 549 16.23 52.51 -5.39
C TYR A 549 17.48 52.50 -6.25
N ASN A 550 18.55 51.85 -5.80
CA ASN A 550 19.73 51.75 -6.62
C ASN A 550 20.43 50.39 -6.58
N ASP A 551 19.85 49.39 -5.92
CA ASP A 551 20.30 48.02 -6.06
C ASP A 551 19.17 47.10 -5.64
N GLU A 552 19.25 45.84 -6.10
CA GLU A 552 18.14 44.92 -5.89
C GLU A 552 17.97 44.55 -4.41
N THR A 553 19.05 44.59 -3.63
CA THR A 553 18.96 44.16 -2.24
C THR A 553 18.11 45.11 -1.41
N GLN A 554 18.29 46.42 -1.60
CA GLN A 554 17.45 47.38 -0.89
C GLN A 554 15.99 47.23 -1.30
N LEU A 555 15.74 46.96 -2.58
CA LEU A 555 14.37 46.73 -3.02
C LEU A 555 13.77 45.50 -2.35
N THR A 556 14.55 44.42 -2.21
CA THR A 556 14.00 43.24 -1.56
C THR A 556 13.72 43.49 -0.07
N GLN A 557 14.61 44.21 0.61
CA GLN A 557 14.36 44.55 2.01
C GLN A 557 13.09 45.37 2.16
N ARG A 558 12.97 46.44 1.37
CA ARG A 558 11.77 47.26 1.44
C ARG A 558 10.54 46.47 1.05
N ALA A 559 10.69 45.53 0.11
CA ALA A 559 9.56 44.73 -0.35
C ALA A 559 9.03 43.86 0.78
N LEU A 560 9.92 43.20 1.52
CA LEU A 560 9.43 42.39 2.64
C LEU A 560 8.83 43.27 3.73
N SER A 561 9.44 44.44 3.98
CA SER A 561 8.91 45.36 4.98
C SER A 561 7.49 45.80 4.63
N LEU A 562 7.25 46.13 3.36
CA LEU A 562 5.91 46.52 2.92
C LEU A 562 4.96 45.35 2.92
N LEU A 563 5.41 44.19 2.44
CA LEU A 563 4.57 43.03 2.31
C LEU A 563 4.07 42.51 3.65
N GLU A 564 4.84 42.73 4.72
CA GLU A 564 4.32 42.42 6.04
C GLU A 564 3.05 43.20 6.35
N GLU A 565 2.93 44.41 5.81
CA GLU A 565 1.77 45.27 5.99
C GLU A 565 0.69 45.06 4.93
N ASN A 566 0.96 44.27 3.89
CA ASN A 566 0.04 44.02 2.79
C ASN A 566 -0.25 45.28 1.98
N MET A 567 0.81 45.97 1.59
CA MET A 567 0.72 47.08 0.64
C MET A 567 1.82 46.98 -0.39
N PHE A 568 1.99 45.79 -0.96
CA PHE A 568 3.03 45.55 -1.95
C PHE A 568 2.40 45.03 -3.23
N TRP A 569 2.45 45.83 -4.28
CA TRP A 569 2.24 45.36 -5.64
C TRP A 569 3.58 44.87 -6.14
N ALA A 570 3.74 44.67 -7.43
CA ALA A 570 4.97 44.07 -7.94
C ALA A 570 6.15 45.04 -7.82
N GLY A 571 7.33 44.53 -8.16
CA GLY A 571 8.54 45.32 -8.25
C GLY A 571 9.23 45.10 -9.58
N VAL A 572 9.71 46.17 -10.20
CA VAL A 572 10.27 46.13 -11.55
C VAL A 572 11.77 46.26 -11.46
N VAL A 573 12.49 45.43 -12.21
CA VAL A 573 13.95 45.44 -12.21
C VAL A 573 14.44 45.41 -13.64
N PHE A 574 15.22 46.42 -14.02
CA PHE A 574 15.83 46.47 -15.35
C PHE A 574 17.26 45.97 -15.23
N PRO A 575 17.53 44.69 -15.52
CA PRO A 575 18.84 44.12 -15.18
C PRO A 575 19.95 44.47 -16.15
N ASP A 576 19.77 45.41 -17.07
CA ASP A 576 20.76 45.70 -18.08
C ASP A 576 21.06 47.20 -18.21
N MET A 577 20.91 47.95 -17.12
CA MET A 577 21.28 49.36 -17.17
C MET A 577 21.76 49.84 -15.80
N TYR A 578 22.83 50.62 -15.82
CA TYR A 578 23.47 51.26 -14.68
C TYR A 578 22.82 52.60 -14.40
N PRO A 579 23.01 53.14 -13.19
CA PRO A 579 22.34 54.40 -12.83
C PRO A 579 22.71 55.59 -13.72
N TRP A 580 23.59 55.41 -14.69
CA TRP A 580 23.96 56.51 -15.58
C TRP A 580 23.52 56.26 -17.03
N THR A 581 22.66 55.27 -17.26
CA THR A 581 22.17 55.01 -18.61
C THR A 581 21.25 56.15 -19.07
N SER A 582 21.36 56.53 -20.33
CA SER A 582 20.57 57.63 -20.85
C SER A 582 19.86 57.26 -22.16
N SER A 583 20.42 56.32 -22.90
CA SER A 583 19.88 55.93 -24.19
C SER A 583 19.39 54.49 -24.13
N LEU A 584 18.15 54.27 -24.50
CA LEU A 584 17.59 52.93 -24.48
C LEU A 584 18.27 52.06 -25.54
N PRO A 585 18.74 50.88 -25.19
CA PRO A 585 19.27 49.96 -26.19
C PRO A 585 18.13 49.40 -27.02
N PRO A 586 18.42 48.89 -28.22
CA PRO A 586 17.32 48.36 -29.03
C PRO A 586 16.97 46.92 -28.70
N HIS A 587 17.02 46.57 -27.42
CA HIS A 587 16.43 45.32 -26.92
C HIS A 587 16.31 45.48 -25.41
N VAL A 588 15.09 45.69 -24.93
CA VAL A 588 14.85 46.00 -23.53
C VAL A 588 14.33 44.74 -22.86
N LYS A 589 14.90 44.41 -21.70
CA LYS A 589 14.43 43.29 -20.91
C LYS A 589 14.27 43.74 -19.46
N TYR A 590 13.24 43.21 -18.81
CA TYR A 590 12.94 43.55 -17.43
C TYR A 590 12.37 42.32 -16.76
N LYS A 591 12.20 42.40 -15.44
CA LYS A 591 11.62 41.29 -14.71
C LYS A 591 10.65 41.81 -13.65
N ILE A 592 9.55 41.10 -13.49
CA ILE A 592 8.53 41.43 -12.50
C ILE A 592 8.72 40.52 -11.31
N ARG A 593 8.82 41.09 -10.11
CA ARG A 593 9.11 40.32 -8.91
C ARG A 593 7.95 40.46 -7.93
N MET A 594 7.23 39.36 -7.73
CA MET A 594 6.06 39.33 -6.85
C MET A 594 6.22 38.18 -5.87
N ASP A 595 5.29 38.07 -4.93
CA ASP A 595 5.33 36.96 -4.00
C ASP A 595 4.51 35.80 -4.52
N ILE A 596 4.84 34.59 -4.07
CA ILE A 596 4.37 33.38 -4.70
C ILE A 596 2.88 33.12 -4.51
N ASP A 597 2.21 33.88 -3.64
CA ASP A 597 0.79 33.65 -3.43
C ASP A 597 -0.09 34.28 -4.50
N VAL A 598 0.49 35.04 -5.43
CA VAL A 598 -0.29 35.74 -6.45
C VAL A 598 0.28 35.49 -7.83
N VAL A 599 1.18 34.51 -7.95
CA VAL A 599 1.87 34.20 -9.19
C VAL A 599 1.94 32.69 -9.35
N GLU A 600 1.80 32.23 -10.59
CA GLU A 600 1.99 30.81 -10.86
C GLU A 600 3.43 30.41 -10.61
N LYS A 601 3.63 29.17 -10.18
CA LYS A 601 4.95 28.69 -9.81
C LYS A 601 5.82 28.54 -11.05
N THR A 602 7.13 28.72 -10.85
CA THR A 602 8.09 28.67 -11.95
C THR A 602 8.85 27.36 -12.02
N ASN A 603 8.42 26.34 -11.27
CA ASN A 603 8.97 25.00 -11.46
C ASN A 603 8.25 24.29 -12.60
N LYS A 604 6.92 24.30 -12.57
CA LYS A 604 6.09 23.58 -13.51
C LYS A 604 5.56 24.52 -14.58
N ILE A 605 5.27 23.96 -15.75
CA ILE A 605 4.61 24.68 -16.83
C ILE A 605 3.33 23.97 -17.27
N LYS A 606 2.99 22.85 -16.63
CA LYS A 606 1.86 22.03 -17.00
C LYS A 606 1.34 21.33 -15.75
N ASP A 607 0.17 20.73 -15.87
CA ASP A 607 -0.29 19.80 -14.86
C ASP A 607 0.34 18.44 -15.14
N ARG A 608 0.80 17.76 -14.09
CA ARG A 608 1.43 16.47 -14.27
C ARG A 608 0.45 15.43 -14.80
N TYR A 609 -0.79 15.49 -14.32
CA TYR A 609 -1.82 14.55 -14.73
C TYR A 609 -2.90 15.31 -15.47
N TRP A 610 -3.17 14.90 -16.70
CA TRP A 610 -4.13 15.61 -17.54
C TRP A 610 -5.54 15.53 -16.96
N ASP A 611 -6.15 16.68 -16.73
CA ASP A 611 -7.53 16.76 -16.30
C ASP A 611 -8.41 17.21 -17.47
N SER A 612 -9.57 16.59 -17.60
CA SER A 612 -10.53 16.98 -18.63
C SER A 612 -11.35 18.14 -18.08
N GLY A 613 -10.87 19.35 -18.31
CA GLY A 613 -11.54 20.55 -17.85
C GLY A 613 -10.86 21.79 -18.41
N PRO A 614 -11.64 22.84 -18.64
CA PRO A 614 -11.07 24.03 -19.31
C PRO A 614 -10.03 24.76 -18.47
N ARG A 615 -9.96 24.50 -17.17
CA ARG A 615 -9.13 25.26 -16.23
C ARG A 615 -9.56 26.73 -16.21
N ALA A 616 -10.81 26.95 -15.82
CA ALA A 616 -11.46 28.25 -15.90
C ALA A 616 -12.09 28.62 -14.57
N ASP A 617 -11.34 28.46 -13.48
CA ASP A 617 -11.84 28.79 -12.16
C ASP A 617 -11.30 30.14 -11.75
N PRO A 618 -12.15 31.12 -11.41
CA PRO A 618 -11.66 32.49 -11.22
C PRO A 618 -10.67 32.66 -10.09
N VAL A 619 -10.57 31.73 -9.16
CA VAL A 619 -9.78 31.91 -7.95
C VAL A 619 -8.51 31.07 -7.98
N GLU A 620 -8.63 29.77 -8.22
CA GLU A 620 -7.48 28.87 -8.17
C GLU A 620 -6.71 28.80 -9.49
N ASP A 621 -7.21 29.40 -10.55
CA ASP A 621 -6.63 29.21 -11.87
C ASP A 621 -6.25 30.49 -12.59
N PHE A 622 -6.39 31.66 -11.96
CA PHE A 622 -6.19 32.92 -12.66
C PHE A 622 -5.41 33.90 -11.80
N ARG A 623 -4.32 33.44 -11.19
CA ARG A 623 -3.53 34.33 -10.35
C ARG A 623 -2.85 35.42 -11.17
N TYR A 624 -2.66 35.20 -12.47
CA TYR A 624 -2.11 36.25 -13.32
C TYR A 624 -3.08 37.38 -13.60
N ILE A 625 -4.35 37.31 -13.20
CA ILE A 625 -5.30 38.39 -13.43
C ILE A 625 -5.74 39.04 -12.13
N TRP A 626 -6.26 38.26 -11.19
CA TRP A 626 -6.67 38.89 -9.94
C TRP A 626 -5.50 39.28 -9.07
N GLY A 627 -4.28 38.87 -9.41
CA GLY A 627 -3.12 39.28 -8.66
C GLY A 627 -2.40 40.49 -9.23
N GLY A 628 -2.71 40.84 -10.47
CA GLY A 628 -2.16 42.05 -11.08
C GLY A 628 -0.87 41.89 -11.84
N PHE A 629 -0.48 40.68 -12.21
CA PHE A 629 0.74 40.51 -13.02
C PHE A 629 0.52 41.01 -14.44
N ALA A 630 -0.60 40.62 -15.06
CA ALA A 630 -0.84 40.98 -16.45
C ALA A 630 -1.03 42.47 -16.62
N TYR A 631 -1.73 43.12 -15.69
CA TYR A 631 -1.93 44.57 -15.78
C TYR A 631 -0.61 45.32 -15.78
N LEU A 632 0.27 44.99 -14.82
CA LEU A 632 1.53 45.71 -14.74
C LEU A 632 2.43 45.38 -15.91
N GLN A 633 2.40 44.12 -16.37
CA GLN A 633 3.18 43.79 -17.56
C GLN A 633 2.73 44.62 -18.75
N ASP A 634 1.41 44.74 -18.95
CA ASP A 634 0.91 45.54 -20.05
C ASP A 634 1.34 47.00 -19.91
N MET A 635 1.26 47.54 -18.70
CA MET A 635 1.66 48.93 -18.49
C MET A 635 3.12 49.15 -18.85
N VAL A 636 4.01 48.25 -18.42
CA VAL A 636 5.42 48.44 -18.70
C VAL A 636 5.73 48.23 -20.18
N GLU A 637 5.09 47.25 -20.83
CA GLU A 637 5.29 47.11 -22.27
C GLU A 637 4.86 48.36 -23.02
N GLN A 638 3.73 48.94 -22.63
CA GLN A 638 3.28 50.14 -23.32
C GLN A 638 4.22 51.31 -23.06
N GLY A 639 4.77 51.41 -21.85
CA GLY A 639 5.75 52.45 -21.59
C GLY A 639 7.01 52.30 -22.42
N ILE A 640 7.54 51.07 -22.50
CA ILE A 640 8.74 50.83 -23.28
C ILE A 640 8.48 51.11 -24.75
N THR A 641 7.31 50.70 -25.25
CA THR A 641 6.97 50.98 -26.64
C THR A 641 6.90 52.48 -26.89
N ARG A 642 6.15 53.20 -26.04
CA ARG A 642 5.94 54.62 -26.22
C ARG A 642 7.22 55.43 -26.05
N SER A 643 8.23 54.85 -25.41
CA SER A 643 9.46 55.59 -25.17
C SER A 643 10.40 55.62 -26.38
N GLN A 644 10.17 54.79 -27.39
CA GLN A 644 11.09 54.76 -28.53
C GLN A 644 10.39 54.62 -29.86
N VAL A 645 9.14 55.07 -29.98
CA VAL A 645 8.47 54.97 -31.28
C VAL A 645 7.87 56.30 -31.73
N GLN A 646 7.06 56.94 -30.88
CA GLN A 646 6.35 58.16 -31.22
C GLN A 646 5.48 57.96 -32.47
N ALA A 647 4.46 57.11 -32.29
CA ALA A 647 3.55 56.78 -33.38
C ALA A 647 2.22 57.52 -33.31
N GLU A 648 1.75 57.87 -32.12
CA GLU A 648 0.55 58.68 -31.92
C GLU A 648 -0.70 58.07 -32.56
N ALA A 649 -0.75 56.74 -32.67
CA ALA A 649 -1.94 56.03 -33.12
C ALA A 649 -2.00 54.72 -32.34
N PRO A 650 -2.70 54.69 -31.21
CA PRO A 650 -2.59 53.56 -30.29
C PRO A 650 -3.55 52.43 -30.64
N VAL A 651 -3.14 51.23 -30.21
CA VAL A 651 -3.97 50.03 -30.32
C VAL A 651 -3.96 49.32 -28.97
N GLY A 652 -5.12 48.81 -28.56
CA GLY A 652 -5.27 48.13 -27.30
C GLY A 652 -5.13 46.62 -27.44
N ILE A 653 -5.36 45.94 -26.33
CA ILE A 653 -5.22 44.48 -26.25
C ILE A 653 -6.41 43.91 -25.49
N TYR A 654 -7.01 42.87 -26.05
CA TYR A 654 -8.05 42.10 -25.40
C TYR A 654 -7.61 40.65 -25.29
N LEU A 655 -7.87 40.01 -24.16
CA LEU A 655 -7.58 38.61 -23.99
C LEU A 655 -8.86 37.81 -24.12
N GLN A 656 -8.83 36.74 -24.92
CA GLN A 656 -9.98 35.88 -25.12
C GLN A 656 -9.56 34.44 -24.90
N GLN A 657 -10.31 33.71 -24.09
CA GLN A 657 -9.97 32.33 -23.78
C GLN A 657 -10.68 31.39 -24.75
N MET A 658 -9.95 30.40 -25.25
CA MET A 658 -10.48 29.53 -26.28
C MET A 658 -11.68 28.74 -25.73
N PRO A 659 -12.75 28.61 -26.51
CA PRO A 659 -13.90 27.82 -26.07
C PRO A 659 -13.58 26.35 -25.94
N TYR A 660 -14.35 25.67 -25.11
CA TYR A 660 -14.07 24.29 -24.73
C TYR A 660 -15.30 23.42 -24.96
N PRO A 661 -15.09 22.20 -25.47
CA PRO A 661 -16.25 21.32 -25.69
C PRO A 661 -16.84 20.86 -24.38
N CYS A 662 -17.85 20.00 -24.42
CA CYS A 662 -18.45 19.49 -23.19
C CYS A 662 -17.63 18.28 -22.74
N PHE A 663 -17.44 18.15 -21.43
CA PHE A 663 -16.64 17.05 -20.91
C PHE A 663 -17.28 16.31 -19.76
N VAL A 664 -16.59 15.27 -19.31
CA VAL A 664 -17.01 14.45 -18.18
C VAL A 664 -15.72 14.16 -17.41
N ASP A 665 -15.69 14.55 -16.15
CA ASP A 665 -14.50 14.39 -15.34
C ASP A 665 -14.75 13.30 -14.29
N ASP A 666 -14.03 12.19 -14.41
CA ASP A 666 -14.15 11.07 -13.50
C ASP A 666 -12.88 10.97 -12.67
N SER A 667 -13.02 11.13 -11.36
CA SER A 667 -11.89 11.00 -10.45
C SER A 667 -11.68 9.57 -9.98
N PHE A 668 -12.52 8.64 -10.40
CA PHE A 668 -12.37 7.25 -10.00
C PHE A 668 -11.45 6.47 -10.92
N MET A 669 -11.23 6.94 -12.14
CA MET A 669 -10.28 6.29 -13.02
C MET A 669 -8.85 6.53 -12.60
N ILE A 670 -8.62 7.40 -11.62
CA ILE A 670 -7.30 7.60 -11.05
C ILE A 670 -6.96 6.50 -10.07
N ILE A 671 -7.94 6.08 -9.26
CA ILE A 671 -7.70 5.09 -8.22
C ILE A 671 -8.04 3.67 -8.67
N LEU A 672 -8.89 3.50 -9.67
CA LEU A 672 -9.12 2.16 -10.20
C LEU A 672 -7.85 1.65 -10.89
N ASN A 673 -7.22 2.49 -11.70
CA ASN A 673 -5.99 2.13 -12.38
C ASN A 673 -4.85 1.83 -11.40
N ARG A 674 -5.00 2.26 -10.16
CA ARG A 674 -3.95 2.02 -9.17
C ARG A 674 -4.28 0.94 -8.14
N CYS A 675 -5.55 0.54 -8.04
CA CYS A 675 -5.94 -0.46 -7.06
C CYS A 675 -6.43 -1.77 -7.65
N PHE A 676 -6.82 -1.79 -8.93
CA PHE A 676 -7.31 -3.06 -9.49
C PHE A 676 -6.22 -4.13 -9.52
N PRO A 677 -5.05 -3.88 -10.13
CA PRO A 677 -4.00 -4.92 -10.08
C PRO A 677 -3.50 -5.23 -8.68
N ILE A 678 -3.38 -4.22 -7.82
CA ILE A 678 -2.95 -4.47 -6.44
C ILE A 678 -3.93 -5.40 -5.74
N PHE A 679 -5.23 -5.08 -5.82
CA PHE A 679 -6.22 -5.90 -5.12
C PHE A 679 -6.27 -7.30 -5.69
N MET A 680 -6.18 -7.44 -7.02
CA MET A 680 -6.22 -8.77 -7.60
C MET A 680 -5.02 -9.60 -7.19
N VAL A 681 -3.82 -9.02 -7.24
CA VAL A 681 -2.62 -9.75 -6.83
C VAL A 681 -2.67 -10.08 -5.34
N LEU A 682 -3.32 -9.23 -4.54
CA LEU A 682 -3.39 -9.45 -3.11
C LEU A 682 -4.50 -10.43 -2.72
N ALA A 683 -5.45 -10.70 -3.60
CA ALA A 683 -6.55 -11.59 -3.24
C ALA A 683 -6.22 -13.07 -3.39
N TRP A 684 -5.14 -13.43 -4.10
CA TRP A 684 -4.71 -14.82 -4.20
C TRP A 684 -3.51 -15.12 -3.32
N ILE A 685 -3.12 -14.17 -2.47
CA ILE A 685 -1.94 -14.30 -1.62
C ILE A 685 -2.07 -15.43 -0.61
N TYR A 686 -3.28 -15.94 -0.40
CA TYR A 686 -3.53 -17.03 0.53
C TYR A 686 -3.74 -18.36 -0.18
N SER A 687 -4.47 -18.36 -1.30
CA SER A 687 -4.60 -19.56 -2.10
C SER A 687 -3.25 -20.04 -2.63
N VAL A 688 -2.36 -19.13 -3.01
CA VAL A 688 -1.04 -19.54 -3.47
C VAL A 688 -0.31 -20.31 -2.38
N SER A 689 -0.29 -19.76 -1.17
CA SER A 689 0.42 -20.41 -0.07
C SER A 689 -0.21 -21.75 0.28
N MET A 690 -1.54 -21.80 0.36
CA MET A 690 -2.19 -23.04 0.73
C MET A 690 -2.20 -24.09 -0.37
N THR A 691 -1.85 -23.72 -1.60
CA THR A 691 -1.64 -24.73 -2.63
C THR A 691 -0.21 -25.25 -2.63
N VAL A 692 0.77 -24.34 -2.52
CA VAL A 692 2.16 -24.78 -2.47
C VAL A 692 2.40 -25.65 -1.25
N LYS A 693 1.77 -25.33 -0.12
CA LYS A 693 1.97 -26.12 1.08
C LYS A 693 1.51 -27.56 0.89
N SER A 694 0.33 -27.74 0.30
CA SER A 694 -0.18 -29.08 0.06
C SER A 694 0.71 -29.85 -0.91
N ILE A 695 1.11 -29.20 -2.00
CA ILE A 695 1.93 -29.88 -3.00
C ILE A 695 3.26 -30.32 -2.38
N VAL A 696 3.87 -29.47 -1.56
CA VAL A 696 5.15 -29.82 -0.96
C VAL A 696 4.98 -30.89 0.11
N LEU A 697 3.92 -30.78 0.92
CA LEU A 697 3.72 -31.74 2.00
C LEU A 697 3.52 -33.15 1.48
N GLU A 698 2.73 -33.29 0.41
CA GLU A 698 2.46 -34.63 -0.10
C GLU A 698 3.72 -35.34 -0.56
N LYS A 699 4.75 -34.60 -0.97
CA LYS A 699 6.03 -35.21 -1.30
C LYS A 699 6.99 -35.24 -0.13
N GLU A 700 6.74 -34.45 0.92
CA GLU A 700 7.55 -34.52 2.12
C GLU A 700 7.26 -35.76 2.94
N LEU A 701 6.00 -36.21 2.93
CA LEU A 701 5.63 -37.44 3.64
C LEU A 701 5.88 -38.69 2.80
N ARG A 702 6.63 -38.59 1.71
CA ARG A 702 6.92 -39.72 0.84
C ARG A 702 5.65 -40.39 0.32
N LEU A 703 4.56 -39.63 0.21
CA LEU A 703 3.32 -40.17 -0.31
C LEU A 703 3.26 -40.14 -1.83
N LYS A 704 4.30 -39.63 -2.49
CA LYS A 704 4.32 -39.52 -3.94
C LYS A 704 5.04 -40.69 -4.59
N GLU A 705 6.17 -41.11 -4.02
CA GLU A 705 6.83 -42.30 -4.53
C GLU A 705 6.00 -43.55 -4.32
N THR A 706 5.14 -43.57 -3.30
CA THR A 706 4.22 -44.69 -3.15
C THR A 706 3.24 -44.75 -4.33
N LEU A 707 2.65 -43.61 -4.68
CA LEU A 707 1.74 -43.56 -5.81
C LEU A 707 2.45 -43.95 -7.10
N LYS A 708 3.72 -43.56 -7.24
CA LYS A 708 4.48 -44.03 -8.39
C LYS A 708 4.69 -45.53 -8.35
N ASN A 709 4.96 -46.09 -7.18
CA ASN A 709 5.16 -47.53 -7.06
C ASN A 709 3.92 -48.30 -7.47
N GLN A 710 2.74 -47.80 -7.11
CA GLN A 710 1.50 -48.44 -7.53
C GLN A 710 1.25 -48.29 -9.03
N GLY A 711 2.01 -47.46 -9.73
CA GLY A 711 1.90 -47.39 -11.17
C GLY A 711 1.28 -46.12 -11.73
N VAL A 712 1.39 -45.01 -10.99
CA VAL A 712 0.86 -43.72 -11.41
C VAL A 712 2.02 -42.87 -11.88
N SER A 713 1.89 -42.25 -13.06
CA SER A 713 2.97 -41.45 -13.59
C SER A 713 2.93 -40.04 -13.00
N ASN A 714 3.92 -39.23 -13.39
CA ASN A 714 4.01 -37.88 -12.86
C ASN A 714 2.96 -36.97 -13.51
N ALA A 715 2.67 -37.20 -14.79
CA ALA A 715 1.71 -36.36 -15.50
C ALA A 715 0.33 -36.42 -14.86
N VAL A 716 -0.08 -37.61 -14.39
CA VAL A 716 -1.38 -37.74 -13.76
C VAL A 716 -1.43 -36.94 -12.46
N ILE A 717 -0.34 -36.98 -11.68
CA ILE A 717 -0.29 -36.20 -10.44
C ILE A 717 -0.42 -34.71 -10.74
N TRP A 718 0.34 -34.23 -11.73
CA TRP A 718 0.26 -32.82 -12.10
C TRP A 718 -1.15 -32.45 -12.55
N CYS A 719 -1.72 -33.24 -13.46
CA CYS A 719 -3.02 -32.93 -14.02
C CYS A 719 -4.16 -33.11 -13.05
N THR A 720 -3.92 -33.76 -11.91
CA THR A 720 -4.96 -33.81 -10.89
C THR A 720 -4.81 -32.65 -9.91
N TRP A 721 -3.58 -32.29 -9.54
CA TRP A 721 -3.38 -31.09 -8.73
C TRP A 721 -3.93 -29.87 -9.44
N PHE A 722 -3.78 -29.81 -10.76
CA PHE A 722 -4.26 -28.67 -11.52
C PHE A 722 -5.77 -28.52 -11.40
N LEU A 723 -6.51 -29.60 -11.66
CA LEU A 723 -7.96 -29.52 -11.59
C LEU A 723 -8.43 -29.26 -10.16
N ASP A 724 -7.74 -29.85 -9.17
CA ASP A 724 -8.08 -29.56 -7.78
C ASP A 724 -7.98 -28.07 -7.49
N SER A 725 -6.85 -27.46 -7.82
CA SER A 725 -6.69 -26.03 -7.56
C SER A 725 -7.56 -25.16 -8.45
N PHE A 726 -8.00 -25.69 -9.59
CA PHE A 726 -8.73 -24.91 -10.58
C PHE A 726 -10.23 -24.92 -10.37
N SER A 727 -10.77 -25.93 -9.69
CA SER A 727 -12.21 -25.97 -9.50
C SER A 727 -12.71 -24.96 -8.47
N ILE A 728 -11.82 -24.33 -7.70
CA ILE A 728 -12.25 -23.35 -6.70
C ILE A 728 -12.09 -21.92 -7.21
N MET A 729 -10.99 -21.65 -7.92
CA MET A 729 -10.80 -20.31 -8.46
C MET A 729 -11.88 -19.98 -9.48
N SER A 730 -12.44 -20.97 -10.18
CA SER A 730 -13.55 -20.70 -11.08
C SER A 730 -14.78 -20.21 -10.32
N MET A 731 -15.14 -20.90 -9.23
CA MET A 731 -16.27 -20.47 -8.42
C MET A 731 -16.03 -19.11 -7.79
N SER A 732 -14.77 -18.78 -7.50
CA SER A 732 -14.47 -17.46 -6.97
C SER A 732 -14.56 -16.37 -8.02
N ILE A 733 -14.06 -16.63 -9.24
CA ILE A 733 -14.13 -15.67 -10.33
C ILE A 733 -15.57 -15.40 -10.70
N PHE A 734 -16.41 -16.44 -10.68
CA PHE A 734 -17.80 -16.27 -11.08
C PHE A 734 -18.53 -15.30 -10.15
N LEU A 735 -18.13 -15.21 -8.88
CA LEU A 735 -18.72 -14.24 -7.98
C LEU A 735 -18.03 -12.89 -8.04
N LEU A 736 -16.71 -12.87 -8.27
CA LEU A 736 -16.03 -11.59 -8.46
C LEU A 736 -16.60 -10.83 -9.64
N THR A 737 -16.90 -11.53 -10.73
CA THR A 737 -17.49 -10.87 -11.89
C THR A 737 -18.85 -10.28 -11.56
N ILE A 738 -19.68 -11.02 -10.82
CA ILE A 738 -20.99 -10.52 -10.44
C ILE A 738 -20.86 -9.27 -9.59
N PHE A 739 -19.93 -9.28 -8.62
CA PHE A 739 -19.74 -8.09 -7.79
C PHE A 739 -19.24 -6.91 -8.61
N ILE A 740 -18.28 -7.14 -9.49
CA ILE A 740 -17.71 -6.06 -10.29
C ILE A 740 -18.76 -5.45 -11.20
N MET A 741 -19.65 -6.27 -11.76
CA MET A 741 -20.66 -5.75 -12.68
C MET A 741 -21.80 -5.07 -11.92
N HIS A 742 -22.45 -5.79 -10.99
CA HIS A 742 -23.60 -5.24 -10.29
C HIS A 742 -23.25 -4.18 -9.26
N GLY A 743 -21.97 -4.01 -8.95
CA GLY A 743 -21.54 -2.98 -8.04
C GLY A 743 -21.12 -1.68 -8.71
N ARG A 744 -21.35 -1.56 -10.01
CA ARG A 744 -21.12 -0.36 -10.80
C ARG A 744 -19.65 0.02 -10.92
N ILE A 745 -18.74 -0.86 -10.51
CA ILE A 745 -17.31 -0.58 -10.72
C ILE A 745 -17.04 -0.44 -12.22
N LEU A 746 -17.60 -1.34 -13.03
CA LEU A 746 -17.63 -1.20 -14.47
C LEU A 746 -19.08 -1.19 -14.91
N HIS A 747 -19.46 -0.22 -15.75
CA HIS A 747 -20.85 -0.07 -16.14
C HIS A 747 -21.14 -0.84 -17.42
N TYR A 748 -20.35 -0.58 -18.45
CA TYR A 748 -20.54 -1.05 -19.82
C TYR A 748 -19.28 -1.73 -20.34
N SER A 749 -19.19 -3.05 -20.15
CA SER A 749 -17.94 -3.75 -20.45
C SER A 749 -18.09 -5.16 -21.01
N ASP A 750 -19.32 -5.66 -21.28
CA ASP A 750 -19.50 -7.03 -21.76
C ASP A 750 -18.83 -8.04 -20.82
N PRO A 751 -19.46 -8.36 -19.69
CA PRO A 751 -18.76 -9.09 -18.62
C PRO A 751 -18.10 -10.39 -19.04
N PHE A 752 -18.48 -10.97 -20.17
CA PHE A 752 -17.87 -12.23 -20.61
C PHE A 752 -16.37 -12.07 -20.77
N ILE A 753 -15.93 -10.95 -21.37
CA ILE A 753 -14.51 -10.73 -21.57
C ILE A 753 -13.79 -10.52 -20.25
N LEU A 754 -14.45 -9.85 -19.29
CA LEU A 754 -13.82 -9.67 -17.98
C LEU A 754 -13.62 -11.02 -17.28
N PHE A 755 -14.63 -11.90 -17.37
CA PHE A 755 -14.49 -13.23 -16.80
C PHE A 755 -13.36 -14.00 -17.47
N LEU A 756 -13.34 -14.00 -18.80
CA LEU A 756 -12.28 -14.68 -19.54
C LEU A 756 -10.92 -14.03 -19.34
N PHE A 757 -10.89 -12.80 -18.83
CA PHE A 757 -9.64 -12.10 -18.55
C PHE A 757 -9.09 -12.48 -17.18
N LEU A 758 -9.97 -12.63 -16.20
CA LEU A 758 -9.51 -13.12 -14.90
C LEU A 758 -9.15 -14.60 -14.94
N LEU A 759 -9.78 -15.36 -15.85
CA LEU A 759 -9.50 -16.79 -15.93
C LEU A 759 -8.04 -17.05 -16.32
N ALA A 760 -7.51 -16.28 -17.25
CA ALA A 760 -6.11 -16.45 -17.66
C ALA A 760 -5.16 -16.15 -16.51
N PHE A 761 -5.45 -15.12 -15.73
CA PHE A 761 -4.63 -14.81 -14.57
C PHE A 761 -4.66 -15.95 -13.56
N SER A 762 -5.83 -16.54 -13.34
CA SER A 762 -5.92 -17.66 -12.42
C SER A 762 -5.10 -18.85 -12.92
N THR A 763 -5.16 -19.13 -14.21
CA THR A 763 -4.37 -20.23 -14.77
C THR A 763 -2.88 -19.99 -14.58
N ALA A 764 -2.41 -18.78 -14.88
CA ALA A 764 -1.00 -18.49 -14.72
C ALA A 764 -0.57 -18.59 -13.26
N THR A 765 -1.41 -18.11 -12.35
CA THR A 765 -1.09 -18.19 -10.93
C THR A 765 -0.94 -19.63 -10.47
N ILE A 766 -1.88 -20.50 -10.86
CA ILE A 766 -1.78 -21.90 -10.49
C ILE A 766 -0.52 -22.53 -11.07
N MET A 767 -0.26 -22.28 -12.35
CA MET A 767 0.84 -22.98 -12.97
C MET A 767 2.17 -22.43 -12.47
N LEU A 768 2.15 -21.26 -11.83
CA LEU A 768 3.31 -20.75 -11.13
C LEU A 768 3.47 -21.38 -9.75
N CYS A 769 2.35 -21.69 -9.09
CA CYS A 769 2.45 -22.45 -7.84
C CYS A 769 3.13 -23.78 -8.09
N PHE A 770 2.85 -24.39 -9.24
CA PHE A 770 3.51 -25.64 -9.58
C PHE A 770 5.02 -25.47 -9.68
N LEU A 771 5.50 -24.34 -10.21
CA LEU A 771 6.93 -24.09 -10.28
C LEU A 771 7.51 -23.82 -8.90
N LEU A 772 6.80 -23.04 -8.08
CA LEU A 772 7.32 -22.71 -6.75
C LEU A 772 7.39 -23.93 -5.85
N SER A 773 6.59 -24.97 -6.14
CA SER A 773 6.64 -26.15 -5.28
C SER A 773 7.91 -26.98 -5.45
N THR A 774 8.76 -26.66 -6.43
CA THR A 774 9.93 -27.48 -6.73
C THR A 774 11.22 -26.95 -6.12
N PHE A 775 11.15 -25.91 -5.28
CA PHE A 775 12.34 -25.41 -4.61
C PHE A 775 12.43 -25.80 -3.15
N PHE A 776 11.31 -26.16 -2.53
CA PHE A 776 11.23 -26.35 -1.09
C PHE A 776 11.17 -27.81 -0.72
N SER A 777 11.64 -28.13 0.49
CA SER A 777 11.60 -29.47 1.03
C SER A 777 10.71 -29.63 2.25
N LYS A 778 10.36 -28.53 2.92
CA LYS A 778 9.50 -28.57 4.10
C LYS A 778 8.20 -27.82 3.80
N ALA A 779 7.13 -28.21 4.48
CA ALA A 779 5.83 -27.62 4.19
C ALA A 779 5.73 -26.19 4.73
N SER A 780 6.17 -25.96 5.97
CA SER A 780 6.00 -24.65 6.58
C SER A 780 6.80 -23.57 5.85
N LEU A 781 8.06 -23.88 5.51
CA LEU A 781 8.89 -22.90 4.82
C LEU A 781 8.30 -22.52 3.47
N ALA A 782 7.77 -23.50 2.74
CA ALA A 782 7.13 -23.21 1.46
C ALA A 782 5.88 -22.37 1.65
N ALA A 783 5.02 -22.76 2.58
CA ALA A 783 3.80 -21.99 2.81
C ALA A 783 4.09 -20.57 3.26
N ALA A 784 5.24 -20.33 3.88
CA ALA A 784 5.60 -18.97 4.28
C ALA A 784 6.24 -18.17 3.15
N CYS A 785 7.17 -18.74 2.40
CA CYS A 785 7.87 -18.00 1.35
C CYS A 785 7.07 -17.82 0.07
N SER A 786 6.06 -18.66 -0.18
CA SER A 786 5.37 -18.62 -1.47
C SER A 786 4.63 -17.31 -1.67
N GLY A 787 3.86 -16.89 -0.67
CA GLY A 787 3.12 -15.64 -0.80
C GLY A 787 4.03 -14.44 -0.96
N VAL A 788 5.12 -14.42 -0.21
CA VAL A 788 6.06 -13.30 -0.30
C VAL A 788 6.69 -13.23 -1.69
N ILE A 789 7.10 -14.38 -2.24
CA ILE A 789 7.70 -14.38 -3.57
C ILE A 789 6.67 -13.96 -4.61
N TYR A 790 5.43 -14.45 -4.48
CA TYR A 790 4.38 -14.08 -5.41
C TYR A 790 4.13 -12.58 -5.39
N PHE A 791 4.07 -11.98 -4.20
CA PHE A 791 3.88 -10.54 -4.11
C PHE A 791 5.08 -9.78 -4.69
N THR A 792 6.29 -10.27 -4.42
CA THR A 792 7.48 -9.60 -4.90
C THR A 792 7.55 -9.58 -6.42
N LEU A 793 7.09 -10.66 -7.07
CA LEU A 793 7.16 -10.71 -8.53
C LEU A 793 6.31 -9.65 -9.22
N TYR A 794 5.41 -8.98 -8.50
CA TYR A 794 4.57 -7.96 -9.11
C TYR A 794 5.19 -6.57 -9.08
N LEU A 795 6.07 -6.30 -8.11
CA LEU A 795 6.65 -4.97 -7.97
C LEU A 795 7.32 -4.41 -9.22
N PRO A 796 7.88 -5.21 -10.13
CA PRO A 796 8.41 -4.63 -11.38
C PRO A 796 7.38 -3.90 -12.22
N HIS A 797 6.11 -3.83 -11.80
CA HIS A 797 5.12 -3.04 -12.52
C HIS A 797 4.92 -1.66 -11.93
N ILE A 798 5.23 -1.46 -10.64
CA ILE A 798 5.10 -0.13 -10.06
C ILE A 798 6.11 0.84 -10.67
N LEU A 799 7.37 0.43 -10.86
CA LEU A 799 8.36 1.26 -11.52
C LEU A 799 8.27 1.17 -13.04
N CYS A 800 7.39 0.33 -13.56
CA CYS A 800 7.13 0.24 -14.98
C CYS A 800 5.98 1.15 -15.41
N PHE A 801 5.24 1.69 -14.46
CA PHE A 801 4.16 2.63 -14.78
C PHE A 801 4.64 4.07 -14.81
N ALA A 802 5.88 4.32 -14.36
CA ALA A 802 6.47 5.64 -14.47
C ALA A 802 7.13 5.83 -15.84
N TRP A 803 8.07 4.95 -16.18
CA TRP A 803 8.73 5.00 -17.49
C TRP A 803 7.85 4.35 -18.55
N GLN A 804 6.62 4.83 -18.65
CA GLN A 804 5.67 4.27 -19.59
C GLN A 804 5.88 4.75 -21.01
N ASP A 805 6.59 5.87 -21.20
CA ASP A 805 6.76 6.43 -22.53
C ASP A 805 8.04 5.96 -23.21
N ARG A 806 9.13 5.80 -22.45
CA ARG A 806 10.38 5.34 -23.04
C ARG A 806 10.25 3.90 -23.54
N MET A 807 9.50 3.07 -22.82
CA MET A 807 9.37 1.65 -23.16
C MET A 807 8.69 1.43 -24.50
N THR A 808 9.44 0.85 -25.45
CA THR A 808 8.84 0.41 -26.69
C THR A 808 8.06 -0.88 -26.47
N ALA A 809 7.11 -1.14 -27.36
CA ALA A 809 6.29 -2.34 -27.24
C ALA A 809 7.13 -3.61 -27.32
N GLU A 810 8.22 -3.58 -28.08
CA GLU A 810 9.09 -4.75 -28.16
C GLU A 810 9.70 -5.09 -26.81
N LEU A 811 9.90 -4.10 -25.95
CA LEU A 811 10.37 -4.37 -24.60
C LEU A 811 9.22 -4.53 -23.62
N LYS A 812 8.04 -3.97 -23.91
CA LYS A 812 6.87 -4.28 -23.11
C LYS A 812 6.52 -5.77 -23.19
N LYS A 813 6.74 -6.39 -24.34
CA LYS A 813 6.51 -7.83 -24.47
C LYS A 813 7.57 -8.65 -23.78
N ALA A 814 8.80 -8.13 -23.63
CA ALA A 814 9.86 -8.90 -22.99
C ALA A 814 9.72 -8.89 -21.47
N VAL A 815 9.37 -7.73 -20.89
CA VAL A 815 9.19 -7.65 -19.45
C VAL A 815 7.85 -8.23 -19.01
N SER A 816 6.99 -8.58 -19.95
CA SER A 816 5.68 -9.15 -19.65
C SER A 816 5.73 -10.66 -19.43
N LEU A 817 6.91 -11.26 -19.40
CA LEU A 817 6.99 -12.68 -19.10
C LEU A 817 6.59 -12.97 -17.66
N LEU A 818 6.67 -11.97 -16.79
CA LEU A 818 6.05 -12.08 -15.47
C LEU A 818 4.56 -11.84 -15.60
N SER A 819 3.76 -12.75 -15.06
CA SER A 819 2.31 -12.61 -15.17
C SER A 819 1.74 -11.37 -14.48
N PRO A 820 2.13 -11.04 -13.24
CA PRO A 820 1.48 -9.89 -12.56
C PRO A 820 1.69 -8.56 -13.26
N VAL A 821 2.69 -8.42 -14.13
CA VAL A 821 2.83 -7.17 -14.87
C VAL A 821 2.03 -7.22 -16.18
N ALA A 822 1.90 -8.40 -16.77
CA ALA A 822 1.00 -8.57 -17.91
C ALA A 822 -0.44 -8.36 -17.49
N PHE A 823 -0.75 -8.48 -16.20
CA PHE A 823 -2.09 -8.11 -15.74
C PHE A 823 -2.29 -6.60 -15.76
N GLY A 824 -1.32 -5.85 -15.23
CA GLY A 824 -1.45 -4.40 -15.20
C GLY A 824 -1.46 -3.80 -16.59
N PHE A 825 -0.68 -4.38 -17.52
CA PHE A 825 -0.67 -3.86 -18.88
C PHE A 825 -2.04 -3.96 -19.54
N GLY A 826 -2.84 -4.95 -19.15
CA GLY A 826 -4.18 -5.06 -19.68
C GLY A 826 -5.17 -4.20 -18.92
N THR A 827 -4.92 -4.01 -17.63
CA THR A 827 -5.77 -3.15 -16.83
C THR A 827 -5.74 -1.71 -17.34
N GLU A 828 -4.56 -1.26 -17.80
CA GLU A 828 -4.47 0.10 -18.32
C GLU A 828 -5.39 0.30 -19.53
N TYR A 829 -5.40 -0.67 -20.45
CA TYR A 829 -6.27 -0.58 -21.62
C TYR A 829 -7.73 -0.70 -21.22
N LEU A 830 -8.02 -1.53 -20.22
CA LEU A 830 -9.38 -1.60 -19.69
C LEU A 830 -9.87 -0.22 -19.26
N VAL A 831 -9.04 0.51 -18.51
CA VAL A 831 -9.43 1.84 -18.06
C VAL A 831 -9.57 2.80 -19.23
N ARG A 832 -8.62 2.77 -20.17
CA ARG A 832 -8.69 3.69 -21.30
C ARG A 832 -9.95 3.46 -22.12
N PHE A 833 -10.39 2.21 -22.24
CA PHE A 833 -11.63 1.94 -22.97
C PHE A 833 -12.84 2.34 -22.15
N GLU A 834 -12.81 2.13 -20.84
CA GLU A 834 -13.96 2.50 -20.03
C GLU A 834 -14.19 4.01 -20.02
N GLU A 835 -13.12 4.80 -20.17
CA GLU A 835 -13.29 6.24 -20.20
C GLU A 835 -14.11 6.70 -21.40
N GLN A 836 -13.88 6.10 -22.55
CA GLN A 836 -14.45 6.58 -23.81
C GLN A 836 -15.90 6.31 -23.97
N GLY A 837 -16.70 5.76 -23.06
CA GLY A 837 -18.10 5.54 -23.34
C GLY A 837 -18.41 4.24 -24.04
N LEU A 838 -17.39 3.52 -24.48
CA LEU A 838 -17.54 2.22 -25.12
C LEU A 838 -16.54 1.25 -24.52
N GLY A 839 -17.02 0.09 -24.09
CA GLY A 839 -16.19 -0.85 -23.36
C GLY A 839 -15.34 -1.74 -24.24
N LEU A 840 -15.33 -3.04 -23.93
CA LEU A 840 -14.50 -4.00 -24.65
C LEU A 840 -15.22 -4.61 -25.84
N GLN A 841 -16.47 -5.03 -25.67
CA GLN A 841 -17.43 -5.27 -26.75
C GLN A 841 -16.88 -6.11 -27.90
N TRP A 842 -15.86 -6.94 -27.64
CA TRP A 842 -15.46 -8.00 -28.57
C TRP A 842 -14.90 -7.50 -29.90
N SER A 843 -14.91 -6.19 -30.12
CA SER A 843 -14.53 -5.65 -31.43
C SER A 843 -13.41 -4.64 -31.39
N ASN A 844 -12.95 -4.22 -30.21
CA ASN A 844 -11.82 -3.32 -30.08
C ASN A 844 -10.75 -3.86 -29.15
N ILE A 845 -10.85 -5.12 -28.74
CA ILE A 845 -9.81 -5.71 -27.90
C ILE A 845 -8.52 -5.89 -28.68
N GLY A 846 -8.63 -6.25 -29.97
CA GLY A 846 -7.45 -6.30 -30.81
C GLY A 846 -6.90 -4.94 -31.19
N ASN A 847 -7.75 -3.92 -31.17
CA ASN A 847 -7.34 -2.55 -31.47
C ASN A 847 -6.77 -1.88 -30.23
N SER A 848 -6.20 -0.70 -30.43
CA SER A 848 -5.62 0.06 -29.34
C SER A 848 -6.08 1.51 -29.43
N PRO A 849 -6.25 2.18 -28.29
CA PRO A 849 -6.62 3.61 -28.29
C PRO A 849 -5.39 4.52 -28.33
N THR A 850 -4.57 4.33 -29.37
CA THR A 850 -3.31 5.04 -29.51
C THR A 850 -3.05 5.20 -31.00
N GLU A 851 -1.87 5.72 -31.36
CA GLU A 851 -1.50 5.89 -32.76
C GLU A 851 -0.71 4.69 -33.28
N GLY A 852 0.44 4.40 -32.67
CA GLY A 852 1.31 3.36 -33.16
C GLY A 852 1.93 2.47 -32.10
N ASP A 853 1.20 2.21 -31.01
CA ASP A 853 1.78 1.42 -29.92
C ASP A 853 1.99 -0.03 -30.33
N GLU A 854 1.04 -0.61 -31.06
CA GLU A 854 1.04 -1.99 -31.55
C GLU A 854 0.81 -3.03 -30.46
N PHE A 855 0.72 -2.64 -29.19
CA PHE A 855 0.55 -3.56 -28.09
C PHE A 855 -0.90 -3.44 -27.61
N SER A 856 -1.71 -4.46 -27.91
CA SER A 856 -3.14 -4.38 -27.70
C SER A 856 -3.54 -5.08 -26.40
N PHE A 857 -4.85 -5.17 -26.16
CA PHE A 857 -5.37 -5.88 -25.00
C PHE A 857 -5.35 -7.40 -25.21
N LEU A 858 -5.32 -7.87 -26.46
CA LEU A 858 -5.15 -9.29 -26.71
C LEU A 858 -3.76 -9.78 -26.34
N LEU A 859 -2.76 -8.90 -26.45
CA LEU A 859 -1.39 -9.30 -26.15
C LEU A 859 -1.23 -9.68 -24.69
N SER A 860 -1.91 -8.99 -23.78
CA SER A 860 -1.82 -9.34 -22.37
C SER A 860 -2.35 -10.74 -22.10
N MET A 861 -3.54 -11.05 -22.64
CA MET A 861 -4.10 -12.38 -22.45
C MET A 861 -3.23 -13.44 -23.09
N GLN A 862 -2.71 -13.16 -24.29
CA GLN A 862 -1.89 -14.15 -24.98
C GLN A 862 -0.52 -14.31 -24.35
N MET A 863 -0.05 -13.32 -23.60
CA MET A 863 1.18 -13.47 -22.84
C MET A 863 0.97 -14.22 -21.54
N MET A 864 -0.18 -14.04 -20.89
CA MET A 864 -0.48 -14.86 -19.72
C MET A 864 -0.65 -16.33 -20.11
N LEU A 865 -1.39 -16.59 -21.19
CA LEU A 865 -1.59 -17.96 -21.64
C LEU A 865 -0.35 -18.55 -22.29
N LEU A 866 0.78 -17.84 -22.29
CA LEU A 866 2.06 -18.37 -22.71
C LEU A 866 3.02 -18.52 -21.55
N ASP A 867 2.98 -17.57 -20.60
CA ASP A 867 3.69 -17.76 -19.34
C ASP A 867 3.22 -19.02 -18.64
N ALA A 868 1.93 -19.35 -18.76
CA ALA A 868 1.44 -20.61 -18.20
C ALA A 868 2.25 -21.80 -18.73
N ALA A 869 2.38 -21.90 -20.05
CA ALA A 869 3.08 -23.04 -20.64
C ALA A 869 4.57 -23.00 -20.33
N VAL A 870 5.17 -21.81 -20.32
CA VAL A 870 6.60 -21.71 -20.03
C VAL A 870 6.89 -22.19 -18.61
N TYR A 871 6.10 -21.70 -17.64
CA TYR A 871 6.25 -22.17 -16.27
C TYR A 871 6.00 -23.66 -16.17
N GLY A 872 5.02 -24.17 -16.91
CA GLY A 872 4.73 -25.60 -16.85
C GLY A 872 5.89 -26.45 -17.31
N LEU A 873 6.45 -26.13 -18.48
CA LEU A 873 7.59 -26.90 -18.96
C LEU A 873 8.78 -26.77 -18.02
N LEU A 874 9.03 -25.56 -17.51
CA LEU A 874 10.17 -25.36 -16.61
C LEU A 874 10.01 -26.17 -15.33
N ALA A 875 8.81 -26.19 -14.76
CA ALA A 875 8.58 -26.93 -13.53
C ALA A 875 8.72 -28.44 -13.77
N TRP A 876 8.11 -28.94 -14.85
CA TRP A 876 8.21 -30.37 -15.11
C TRP A 876 9.64 -30.79 -15.34
N TYR A 877 10.42 -30.00 -16.08
CA TYR A 877 11.82 -30.34 -16.30
C TYR A 877 12.60 -30.28 -14.99
N LEU A 878 12.47 -29.19 -14.24
CA LEU A 878 13.27 -29.02 -13.04
C LEU A 878 12.87 -29.99 -11.93
N ASP A 879 11.71 -30.62 -12.03
CA ASP A 879 11.36 -31.66 -11.06
C ASP A 879 12.17 -32.94 -11.26
N GLN A 880 12.37 -33.35 -12.52
CA GLN A 880 13.08 -34.61 -12.78
C GLN A 880 14.52 -34.55 -12.33
N VAL A 881 15.21 -33.43 -12.62
CA VAL A 881 16.62 -33.33 -12.28
C VAL A 881 16.84 -33.23 -10.77
N PHE A 882 15.81 -32.87 -10.02
CA PHE A 882 15.93 -32.77 -8.57
C PHE A 882 14.68 -33.33 -7.88
N ASP A 936 29.54 -79.23 7.95
CA ASP A 936 28.13 -79.58 8.08
C ASP A 936 27.30 -79.04 6.93
N SER A 937 26.20 -79.72 6.63
CA SER A 937 25.27 -79.24 5.61
C SER A 937 24.51 -78.02 6.11
N PHE A 938 24.24 -77.09 5.20
CA PHE A 938 23.72 -75.77 5.55
C PHE A 938 22.36 -75.47 4.94
N PHE A 939 22.20 -75.68 3.63
CA PHE A 939 20.89 -75.51 3.01
C PHE A 939 20.03 -76.72 3.33
N GLU A 940 19.06 -76.55 4.23
CA GLU A 940 18.24 -77.67 4.67
C GLU A 940 17.49 -78.28 3.51
N ARG A 941 17.46 -79.62 3.46
CA ARG A 941 16.71 -80.31 2.44
C ARG A 941 15.23 -79.99 2.55
N GLU A 942 14.61 -79.63 1.43
CA GLU A 942 13.20 -79.29 1.43
C GLU A 942 12.36 -80.53 1.15
N HIS A 943 11.06 -80.34 1.02
CA HIS A 943 10.10 -81.32 0.53
C HIS A 943 10.16 -81.37 -0.99
N PRO A 944 9.78 -82.51 -1.60
CA PRO A 944 9.67 -82.55 -3.06
C PRO A 944 8.89 -81.38 -3.63
N GLY A 945 7.81 -80.97 -2.97
CA GLY A 945 7.12 -79.77 -3.39
C GLY A 945 5.99 -79.29 -2.48
N TRP A 946 5.94 -77.99 -2.21
CA TRP A 946 4.70 -77.36 -1.74
C TRP A 946 4.41 -76.06 -2.50
N VAL A 947 4.37 -76.13 -3.83
CA VAL A 947 3.96 -75.07 -4.76
C VAL A 947 4.74 -73.77 -4.53
N PRO A 948 5.98 -73.68 -5.03
CA PRO A 948 6.77 -72.44 -4.89
C PRO A 948 6.11 -71.23 -5.54
N GLY A 949 6.34 -70.05 -4.96
CA GLY A 949 5.71 -68.83 -5.44
C GLY A 949 6.68 -67.81 -6.01
N VAL A 950 7.90 -67.74 -5.48
CA VAL A 950 8.89 -66.79 -5.97
C VAL A 950 10.25 -67.48 -6.07
N CYS A 951 10.71 -67.71 -7.30
CA CYS A 951 12.01 -68.33 -7.51
C CYS A 951 13.06 -67.28 -7.82
N VAL A 952 14.30 -67.58 -7.43
CA VAL A 952 15.45 -66.72 -7.71
C VAL A 952 16.61 -67.59 -8.15
N LYS A 953 17.25 -67.25 -9.27
CA LYS A 953 18.32 -68.05 -9.85
C LYS A 953 19.46 -67.14 -10.27
N ASN A 954 20.62 -67.31 -9.63
CA ASN A 954 21.88 -66.71 -10.09
C ASN A 954 21.76 -65.19 -10.28
N LEU A 955 21.07 -64.54 -9.37
CA LEU A 955 20.90 -63.09 -9.45
C LEU A 955 22.23 -62.38 -9.28
N VAL A 956 22.49 -61.40 -10.13
CA VAL A 956 23.73 -60.62 -10.10
C VAL A 956 23.43 -59.16 -10.37
N LYS A 957 24.10 -58.28 -9.64
CA LYS A 957 24.05 -56.83 -9.85
C LYS A 957 25.10 -56.17 -8.99
N ILE A 958 25.75 -55.14 -9.53
CA ILE A 958 26.75 -54.38 -8.80
C ILE A 958 26.54 -52.88 -8.97
N ALA A 966 26.29 -56.57 -5.75
CA ALA A 966 26.64 -57.14 -4.45
C ALA A 966 25.85 -58.41 -4.19
N VAL A 967 25.50 -59.13 -5.25
CA VAL A 967 24.76 -60.37 -5.16
C VAL A 967 25.39 -61.38 -6.13
N ASP A 968 26.05 -62.40 -5.59
CA ASP A 968 26.82 -63.35 -6.40
C ASP A 968 26.08 -64.69 -6.44
N ARG A 969 25.19 -64.83 -7.42
CA ARG A 969 24.57 -66.11 -7.75
C ARG A 969 23.79 -66.72 -6.60
N LEU A 970 23.19 -65.89 -5.75
CA LEU A 970 22.34 -66.41 -4.69
C LEU A 970 21.12 -67.09 -5.30
N ASN A 971 20.73 -68.23 -4.71
CA ASN A 971 19.62 -69.03 -5.21
C ASN A 971 18.63 -69.26 -4.08
N ILE A 972 17.69 -68.34 -3.91
CA ILE A 972 16.65 -68.43 -2.91
C ILE A 972 15.38 -68.89 -3.62
N THR A 973 14.56 -69.69 -2.92
CA THR A 973 13.29 -70.15 -3.46
C THR A 973 12.23 -70.03 -2.37
N PHE A 974 11.49 -68.93 -2.37
CA PHE A 974 10.39 -68.78 -1.43
C PHE A 974 9.21 -69.62 -1.90
N TYR A 975 8.39 -70.04 -0.95
CA TYR A 975 7.29 -70.95 -1.21
C TYR A 975 5.98 -70.34 -0.71
N GLU A 976 4.92 -71.13 -0.81
CA GLU A 976 3.56 -70.69 -0.53
C GLU A 976 3.20 -70.89 0.93
N ASN A 977 2.13 -70.22 1.35
CA ASN A 977 1.45 -70.39 2.64
C ASN A 977 2.41 -70.68 3.79
N GLN A 978 3.47 -69.87 3.86
CA GLN A 978 4.34 -69.86 5.03
C GLN A 978 5.14 -68.57 5.03
N ILE A 979 5.28 -67.94 6.19
CA ILE A 979 6.08 -66.74 6.32
C ILE A 979 7.56 -67.12 6.23
N THR A 980 8.36 -66.24 5.64
CA THR A 980 9.80 -66.43 5.53
C THR A 980 10.50 -65.20 6.08
N ALA A 981 11.40 -65.40 7.02
CA ALA A 981 12.14 -64.31 7.65
C ALA A 981 13.44 -64.10 6.88
N PHE A 982 13.53 -62.99 6.14
CA PHE A 982 14.70 -62.69 5.32
C PHE A 982 15.72 -61.93 6.18
N LEU A 983 16.31 -62.66 7.11
CA LEU A 983 17.30 -62.08 8.01
C LEU A 983 18.58 -61.74 7.26
N GLY A 984 19.15 -60.57 7.53
CA GLY A 984 20.36 -60.14 6.88
C GLY A 984 21.03 -59.00 7.63
N HIS A 985 22.10 -58.49 7.03
CA HIS A 985 22.82 -57.35 7.58
C HIS A 985 22.10 -56.04 7.23
N ASN A 986 22.79 -54.91 7.42
CA ASN A 986 22.23 -53.59 7.18
C ASN A 986 22.97 -52.94 6.01
N GLY A 987 23.14 -53.66 4.92
CA GLY A 987 23.86 -53.11 3.78
C GLY A 987 24.80 -54.08 3.09
N ALA A 988 24.77 -55.34 3.51
CA ALA A 988 25.59 -56.38 2.88
C ALA A 988 24.93 -56.99 1.66
N GLY A 989 23.75 -56.51 1.25
CA GLY A 989 23.10 -56.99 0.06
C GLY A 989 21.64 -57.32 0.22
N LYS A 990 21.05 -56.97 1.36
CA LYS A 990 19.63 -57.24 1.59
C LYS A 990 18.74 -56.23 0.89
N THR A 991 19.05 -54.94 1.05
CA THR A 991 18.23 -53.90 0.43
C THR A 991 18.26 -54.01 -1.08
N THR A 992 19.43 -54.29 -1.66
CA THR A 992 19.54 -54.38 -3.11
C THR A 992 18.69 -55.52 -3.66
N THR A 993 18.75 -56.70 -3.03
CA THR A 993 17.94 -57.81 -3.53
C THR A 993 16.46 -57.60 -3.29
N LEU A 994 16.08 -56.96 -2.17
CA LEU A 994 14.68 -56.60 -2.00
C LEU A 994 14.21 -55.64 -3.08
N SER A 995 15.03 -54.64 -3.44
CA SER A 995 14.66 -53.73 -4.51
C SER A 995 14.54 -54.45 -5.84
N ILE A 996 15.45 -55.40 -6.10
CA ILE A 996 15.36 -56.19 -7.33
C ILE A 996 14.05 -56.97 -7.36
N LEU A 997 13.71 -57.61 -6.25
CA LEU A 997 12.50 -58.43 -6.18
C LEU A 997 11.22 -57.60 -6.18
N THR A 998 11.29 -56.33 -5.79
CA THR A 998 10.09 -55.51 -5.69
C THR A 998 9.85 -54.68 -6.94
N GLY A 999 10.66 -54.85 -7.99
CA GLY A 999 10.42 -54.20 -9.26
C GLY A 999 10.55 -52.69 -9.29
N LEU A 1000 11.62 -52.16 -8.70
CA LEU A 1000 11.94 -50.74 -8.82
C LEU A 1000 13.27 -50.46 -9.50
N LEU A 1001 14.20 -51.41 -9.55
CA LEU A 1001 15.44 -51.26 -10.31
C LEU A 1001 15.75 -52.59 -10.99
N PRO A 1002 16.49 -52.55 -12.10
CA PRO A 1002 16.76 -53.77 -12.86
C PRO A 1002 18.03 -54.46 -12.38
N PRO A 1003 18.06 -55.79 -12.42
CA PRO A 1003 19.31 -56.52 -12.23
C PRO A 1003 20.08 -56.59 -13.54
N THR A 1004 21.21 -57.30 -13.51
CA THR A 1004 22.07 -57.37 -14.70
C THR A 1004 21.75 -58.59 -15.55
N SER A 1005 21.94 -59.80 -15.00
CA SER A 1005 21.77 -61.01 -15.80
C SER A 1005 21.16 -62.14 -14.98
N GLY A 1006 20.45 -61.82 -13.91
CA GLY A 1006 19.89 -62.83 -13.03
C GLY A 1006 18.72 -63.57 -13.65
N THR A 1007 17.92 -64.18 -12.78
CA THR A 1007 16.75 -64.92 -13.22
C THR A 1007 15.76 -64.97 -12.05
N VAL A 1008 14.66 -64.23 -12.18
CA VAL A 1008 13.66 -64.19 -11.13
C VAL A 1008 12.34 -64.77 -11.64
N LEU A 1009 11.38 -64.91 -10.75
CA LEU A 1009 10.08 -65.48 -11.08
C LEU A 1009 9.09 -65.02 -10.02
N VAL A 1010 7.89 -64.66 -10.47
CA VAL A 1010 6.82 -64.26 -9.56
C VAL A 1010 5.52 -64.94 -9.98
N GLY A 1011 5.18 -66.03 -9.31
CA GLY A 1011 3.95 -66.75 -9.62
C GLY A 1011 3.89 -67.30 -11.03
N GLY A 1012 5.02 -67.74 -11.57
CA GLY A 1012 5.07 -68.26 -12.92
C GLY A 1012 5.22 -67.19 -13.99
N ARG A 1013 5.64 -66.00 -13.57
CA ARG A 1013 5.91 -64.91 -14.50
C ARG A 1013 7.30 -64.34 -14.25
N ASP A 1014 7.73 -63.38 -15.05
CA ASP A 1014 9.05 -62.78 -14.90
C ASP A 1014 8.85 -61.33 -14.47
N ILE A 1015 9.95 -60.61 -14.32
CA ILE A 1015 9.91 -59.21 -13.90
C ILE A 1015 10.33 -58.24 -14.98
N GLU A 1016 10.93 -58.71 -16.07
CA GLU A 1016 11.38 -57.84 -17.15
C GLU A 1016 10.42 -57.92 -18.34
N THR A 1017 10.10 -59.12 -18.80
CA THR A 1017 9.19 -59.25 -19.94
C THR A 1017 7.82 -58.70 -19.62
N SER A 1018 7.33 -58.95 -18.42
CA SER A 1018 6.03 -58.42 -17.97
C SER A 1018 6.20 -57.67 -16.66
N LEU A 1019 5.63 -56.47 -16.60
CA LEU A 1019 5.61 -55.69 -15.38
C LEU A 1019 4.18 -55.31 -15.01
N ASP A 1020 3.39 -54.96 -16.04
CA ASP A 1020 2.03 -54.51 -15.85
C ASP A 1020 1.11 -55.62 -15.35
N ALA A 1021 1.49 -56.88 -15.55
CA ALA A 1021 0.72 -58.00 -15.03
C ALA A 1021 1.24 -58.52 -13.70
N VAL A 1022 2.55 -58.41 -13.47
CA VAL A 1022 3.10 -58.79 -12.17
C VAL A 1022 2.70 -57.81 -11.09
N ARG A 1023 2.75 -56.51 -11.38
CA ARG A 1023 2.35 -55.50 -10.38
C ARG A 1023 0.83 -55.39 -10.33
N GLN A 1024 0.20 -56.54 -10.15
CA GLN A 1024 -1.23 -56.70 -9.94
C GLN A 1024 -1.54 -57.52 -8.70
N SER A 1025 -0.72 -58.54 -8.41
CA SER A 1025 -0.85 -59.32 -7.19
C SER A 1025 0.29 -59.10 -6.21
N LEU A 1026 1.38 -58.46 -6.64
CA LEU A 1026 2.49 -58.14 -5.76
C LEU A 1026 2.17 -56.88 -4.98
N GLY A 1027 2.23 -56.97 -3.66
CA GLY A 1027 1.98 -55.82 -2.81
C GLY A 1027 3.05 -55.70 -1.74
N MET A 1028 3.32 -54.46 -1.36
CA MET A 1028 4.40 -54.20 -0.40
C MET A 1028 4.02 -53.02 0.48
N CYS A 1029 4.71 -52.93 1.62
CA CYS A 1029 4.63 -51.75 2.47
C CYS A 1029 6.03 -51.37 2.91
N PRO A 1030 6.36 -50.08 2.92
CA PRO A 1030 7.72 -49.67 3.27
C PRO A 1030 7.92 -49.52 4.76
N GLN A 1031 9.11 -49.08 5.17
CA GLN A 1031 9.39 -48.88 6.59
C GLN A 1031 8.51 -47.78 7.18
N HIS A 1032 8.29 -46.72 6.44
CA HIS A 1032 7.48 -45.60 6.92
C HIS A 1032 6.00 -45.94 6.77
N ASN A 1033 5.16 -44.93 6.98
CA ASN A 1033 3.71 -45.12 6.90
C ASN A 1033 3.17 -44.50 5.62
N ILE A 1034 2.07 -45.07 5.14
CA ILE A 1034 1.38 -44.59 3.95
C ILE A 1034 -0.05 -44.26 4.36
N LEU A 1035 -0.27 -43.02 4.80
CA LEU A 1035 -1.55 -42.59 5.33
C LEU A 1035 -1.73 -41.11 5.04
N PHE A 1036 -2.76 -40.78 4.27
CA PHE A 1036 -3.11 -39.39 4.01
C PHE A 1036 -3.83 -38.82 5.22
N HIS A 1037 -3.38 -37.65 5.68
CA HIS A 1037 -4.07 -36.97 6.77
C HIS A 1037 -5.45 -36.52 6.30
N HIS A 1038 -6.34 -36.32 7.26
CA HIS A 1038 -7.71 -35.87 6.99
C HIS A 1038 -8.45 -36.84 6.06
N LEU A 1039 -8.21 -38.13 6.26
CA LEU A 1039 -8.95 -39.19 5.60
C LEU A 1039 -9.30 -40.24 6.64
N THR A 1040 -10.29 -41.07 6.33
CA THR A 1040 -10.70 -42.10 7.27
C THR A 1040 -10.30 -43.48 6.74
N VAL A 1041 -10.52 -44.50 7.56
CA VAL A 1041 -10.08 -45.86 7.25
C VAL A 1041 -10.81 -46.39 6.02
N ALA A 1042 -12.13 -46.17 5.96
CA ALA A 1042 -12.92 -46.66 4.84
C ALA A 1042 -12.37 -46.18 3.51
N GLU A 1043 -12.13 -44.87 3.39
CA GLU A 1043 -11.59 -44.34 2.15
C GLU A 1043 -10.18 -44.84 1.88
N HIS A 1044 -9.38 -45.07 2.92
CA HIS A 1044 -8.05 -45.63 2.70
C HIS A 1044 -8.13 -46.99 2.02
N MET A 1045 -8.94 -47.89 2.58
CA MET A 1045 -9.06 -49.22 2.01
C MET A 1045 -9.66 -49.17 0.61
N LEU A 1046 -10.71 -48.37 0.43
CA LEU A 1046 -11.33 -48.27 -0.89
C LEU A 1046 -10.37 -47.70 -1.93
N PHE A 1047 -9.65 -46.64 -1.57
CA PHE A 1047 -8.73 -46.00 -2.49
C PHE A 1047 -7.63 -46.95 -2.93
N TYR A 1048 -7.02 -47.68 -1.99
CA TYR A 1048 -5.95 -48.58 -2.38
C TYR A 1048 -6.48 -49.77 -3.16
N ALA A 1049 -7.67 -50.27 -2.79
CA ALA A 1049 -8.27 -51.37 -3.54
C ALA A 1049 -8.50 -50.96 -5.00
N GLN A 1050 -9.04 -49.76 -5.21
CA GLN A 1050 -9.28 -49.33 -6.59
C GLN A 1050 -7.99 -49.01 -7.33
N LEU A 1051 -6.95 -48.53 -6.64
CA LEU A 1051 -5.67 -48.30 -7.30
C LEU A 1051 -5.07 -49.61 -7.79
N LYS A 1052 -5.22 -50.69 -7.01
CA LYS A 1052 -4.71 -51.98 -7.48
C LYS A 1052 -5.40 -52.44 -8.75
N GLY A 1053 -6.58 -51.91 -9.03
CA GLY A 1053 -7.34 -52.24 -10.22
C GLY A 1053 -8.49 -53.15 -9.87
N LYS A 1054 -9.65 -52.55 -9.62
CA LYS A 1054 -10.85 -53.22 -9.13
C LYS A 1054 -11.98 -52.22 -9.19
N SER A 1055 -13.15 -52.66 -9.66
CA SER A 1055 -14.27 -51.73 -9.74
C SER A 1055 -14.73 -51.37 -8.33
N GLN A 1056 -15.72 -50.47 -8.27
CA GLN A 1056 -16.20 -50.00 -6.98
C GLN A 1056 -16.85 -51.13 -6.19
N GLU A 1057 -17.50 -52.07 -6.86
CA GLU A 1057 -18.25 -53.09 -6.15
C GLU A 1057 -17.33 -54.07 -5.42
N GLU A 1058 -16.29 -54.56 -6.10
CA GLU A 1058 -15.36 -55.46 -5.42
C GLU A 1058 -14.62 -54.75 -4.30
N ALA A 1059 -14.27 -53.49 -4.50
CA ALA A 1059 -13.59 -52.74 -3.44
C ALA A 1059 -14.48 -52.59 -2.23
N GLN A 1060 -15.74 -52.21 -2.43
CA GLN A 1060 -16.66 -52.06 -1.31
C GLN A 1060 -17.04 -53.41 -0.72
N LEU A 1061 -16.83 -54.51 -1.45
CA LEU A 1061 -17.07 -55.83 -0.90
C LEU A 1061 -15.92 -56.25 0.01
N GLU A 1062 -14.69 -56.17 -0.49
CA GLU A 1062 -13.53 -56.62 0.27
C GLU A 1062 -13.15 -55.65 1.38
N MET A 1063 -13.58 -54.39 1.32
CA MET A 1063 -13.36 -53.49 2.45
C MET A 1063 -14.06 -54.01 3.70
N GLU A 1064 -15.32 -54.40 3.57
CA GLU A 1064 -16.09 -54.90 4.69
C GLU A 1064 -15.62 -56.27 5.18
N ALA A 1065 -14.80 -56.97 4.40
CA ALA A 1065 -14.21 -58.23 4.82
C ALA A 1065 -12.89 -58.03 5.53
N MET A 1066 -12.02 -57.17 4.98
CA MET A 1066 -10.75 -56.87 5.64
C MET A 1066 -10.97 -56.11 6.94
N LEU A 1067 -12.01 -55.28 7.01
CA LEU A 1067 -12.28 -54.51 8.23
C LEU A 1067 -12.75 -55.39 9.38
N GLU A 1068 -13.18 -56.62 9.10
CA GLU A 1068 -13.50 -57.55 10.18
C GLU A 1068 -12.24 -58.21 10.72
N ASP A 1069 -11.43 -58.81 9.83
CA ASP A 1069 -10.22 -59.48 10.26
C ASP A 1069 -9.26 -58.52 10.93
N THR A 1070 -9.13 -57.31 10.39
CA THR A 1070 -8.27 -56.30 11.02
C THR A 1070 -8.71 -56.01 12.44
N GLY A 1071 -10.01 -56.09 12.72
CA GLY A 1071 -10.52 -55.79 14.04
C GLY A 1071 -10.83 -54.33 14.28
N LEU A 1072 -11.16 -53.58 13.23
CA LEU A 1072 -11.46 -52.16 13.33
C LEU A 1072 -12.90 -51.85 12.95
N HIS A 1073 -13.84 -52.69 13.39
CA HIS A 1073 -15.25 -52.44 13.11
C HIS A 1073 -15.70 -51.12 13.73
N HIS A 1074 -15.44 -50.95 15.02
CA HIS A 1074 -15.63 -49.64 15.63
C HIS A 1074 -14.54 -48.69 15.13
N LYS A 1075 -14.75 -47.41 15.40
CA LYS A 1075 -13.86 -46.33 14.95
C LYS A 1075 -13.45 -46.50 13.48
N ARG A 1076 -14.38 -47.00 12.66
CA ARG A 1076 -14.17 -47.06 11.22
C ARG A 1076 -14.41 -45.72 10.54
N ASN A 1077 -14.93 -44.73 11.27
CA ASN A 1077 -15.12 -43.39 10.77
C ASN A 1077 -14.09 -42.41 11.30
N GLU A 1078 -13.20 -42.86 12.18
CA GLU A 1078 -12.19 -41.99 12.74
C GLU A 1078 -11.20 -41.55 11.66
N GLU A 1079 -10.60 -40.38 11.86
CA GLU A 1079 -9.63 -39.86 10.92
C GLU A 1079 -8.39 -40.76 10.90
N ALA A 1080 -7.63 -40.66 9.80
CA ALA A 1080 -6.40 -41.45 9.68
C ALA A 1080 -5.44 -41.10 10.80
N GLN A 1081 -5.20 -39.83 11.03
CA GLN A 1081 -4.36 -39.40 12.14
C GLN A 1081 -5.15 -39.59 13.43
N ASP A 1082 -4.59 -39.11 14.54
CA ASP A 1082 -5.16 -39.23 15.88
C ASP A 1082 -5.68 -40.63 16.18
N LEU A 1083 -4.98 -41.65 15.71
CA LEU A 1083 -5.18 -43.01 16.19
C LEU A 1083 -4.18 -43.28 17.31
N SER A 1084 -4.17 -44.52 17.80
CA SER A 1084 -3.31 -44.86 18.94
C SER A 1084 -1.83 -44.65 18.65
N GLY A 1085 -1.41 -44.79 17.40
CA GLY A 1085 -0.02 -44.78 17.04
C GLY A 1085 0.52 -46.15 16.67
N GLY A 1086 -0.10 -47.21 17.17
CA GLY A 1086 0.20 -48.56 16.72
C GLY A 1086 -0.88 -49.03 15.77
N MET A 1087 -2.09 -48.48 15.93
CA MET A 1087 -3.16 -48.79 14.99
C MET A 1087 -2.86 -48.23 13.61
N GLN A 1088 -2.11 -47.13 13.53
CA GLN A 1088 -1.68 -46.63 12.23
C GLN A 1088 -0.76 -47.62 11.54
N ARG A 1089 0.17 -48.23 12.27
CA ARG A 1089 1.00 -49.27 11.71
C ARG A 1089 0.17 -50.48 11.31
N LYS A 1090 -0.83 -50.83 12.13
CA LYS A 1090 -1.73 -51.92 11.81
C LYS A 1090 -2.44 -51.67 10.47
N LEU A 1091 -2.96 -50.46 10.29
CA LEU A 1091 -3.62 -50.12 9.03
C LEU A 1091 -2.63 -50.13 7.86
N SER A 1092 -1.41 -49.64 8.09
CA SER A 1092 -0.42 -49.61 7.02
C SER A 1092 -0.08 -51.01 6.55
N VAL A 1093 0.09 -51.95 7.47
CA VAL A 1093 0.38 -53.33 7.05
C VAL A 1093 -0.88 -54.04 6.54
N ALA A 1094 -2.06 -53.61 6.98
CA ALA A 1094 -3.29 -54.19 6.45
C ALA A 1094 -3.51 -53.79 5.00
N ILE A 1095 -3.12 -52.58 4.63
CA ILE A 1095 -3.28 -52.12 3.26
C ILE A 1095 -2.43 -52.96 2.29
N ALA A 1096 -1.28 -53.46 2.73
CA ALA A 1096 -0.41 -54.20 1.84
C ALA A 1096 -1.09 -55.44 1.26
N PHE A 1097 -2.13 -55.95 1.90
CA PHE A 1097 -2.82 -57.15 1.45
C PHE A 1097 -4.07 -56.86 0.63
N VAL A 1098 -4.35 -55.59 0.33
CA VAL A 1098 -5.61 -55.25 -0.31
C VAL A 1098 -5.59 -55.75 -1.76
N GLY A 1099 -6.75 -56.17 -2.24
CA GLY A 1099 -6.84 -56.72 -3.59
C GLY A 1099 -6.36 -58.15 -3.63
N ASP A 1100 -6.40 -58.70 -4.85
CA ASP A 1100 -5.91 -60.07 -5.05
C ASP A 1100 -4.40 -60.07 -4.91
N ALA A 1101 -3.90 -60.33 -3.70
CA ALA A 1101 -2.47 -60.32 -3.43
C ALA A 1101 -1.96 -61.75 -3.28
N LYS A 1102 -0.80 -62.01 -3.87
CA LYS A 1102 -0.16 -63.32 -3.78
C LYS A 1102 1.22 -63.24 -3.13
N VAL A 1103 2.03 -62.26 -3.50
CA VAL A 1103 3.35 -62.07 -2.93
C VAL A 1103 3.35 -60.75 -2.16
N VAL A 1104 3.71 -60.80 -0.88
CA VAL A 1104 3.71 -59.64 -0.02
C VAL A 1104 5.12 -59.49 0.54
N ILE A 1105 5.85 -58.50 0.03
CA ILE A 1105 7.20 -58.20 0.50
C ILE A 1105 7.09 -57.00 1.44
N LEU A 1106 7.08 -57.26 2.74
CA LEU A 1106 7.00 -56.21 3.74
C LEU A 1106 8.22 -56.31 4.65
N ASP A 1107 8.77 -55.16 5.02
CA ASP A 1107 10.02 -55.08 5.76
C ASP A 1107 9.83 -54.26 7.03
N GLU A 1108 10.34 -54.79 8.14
CA GLU A 1108 10.21 -54.26 9.48
C GLU A 1108 8.79 -53.77 9.74
N PRO A 1109 7.82 -54.68 9.81
CA PRO A 1109 6.42 -54.26 9.95
C PRO A 1109 6.07 -53.78 11.35
N THR A 1110 6.81 -54.25 12.35
CA THR A 1110 6.46 -53.96 13.74
C THR A 1110 7.60 -53.31 14.49
N SER A 1111 8.21 -52.28 13.92
CA SER A 1111 9.32 -51.58 14.56
C SER A 1111 8.79 -50.35 15.28
N GLY A 1112 9.14 -50.21 16.56
CA GLY A 1112 8.79 -49.04 17.32
C GLY A 1112 7.40 -49.02 17.92
N VAL A 1113 6.79 -50.17 18.16
CA VAL A 1113 5.46 -50.23 18.75
C VAL A 1113 5.53 -51.01 20.05
N ASP A 1114 4.52 -50.79 20.90
CA ASP A 1114 4.44 -51.47 22.18
C ASP A 1114 4.19 -52.97 21.99
N PRO A 1115 4.57 -53.79 22.95
CA PRO A 1115 4.51 -55.25 22.75
C PRO A 1115 3.12 -55.79 22.47
N TYR A 1116 2.05 -55.08 22.85
CA TYR A 1116 0.71 -55.64 22.63
C TYR A 1116 0.27 -55.47 21.18
N SER A 1117 0.44 -54.26 20.63
CA SER A 1117 0.11 -54.06 19.22
C SER A 1117 0.98 -54.91 18.32
N ARG A 1118 2.19 -55.26 18.76
CA ARG A 1118 3.00 -56.19 17.97
C ARG A 1118 2.33 -57.56 17.89
N ARG A 1119 1.76 -58.03 19.00
CA ARG A 1119 1.01 -59.29 18.95
C ARG A 1119 -0.23 -59.15 18.08
N SER A 1120 -0.87 -57.98 18.11
CA SER A 1120 -2.02 -57.76 17.25
C SER A 1120 -1.66 -57.88 15.77
N ILE A 1121 -0.55 -57.24 15.38
CA ILE A 1121 -0.11 -57.33 13.98
C ILE A 1121 0.32 -58.74 13.64
N TRP A 1122 0.93 -59.45 14.59
CA TRP A 1122 1.25 -60.85 14.38
C TRP A 1122 0.02 -61.68 14.11
N ASP A 1123 -1.06 -61.44 14.86
CA ASP A 1123 -2.33 -62.10 14.58
C ASP A 1123 -2.82 -61.79 13.18
N LEU A 1124 -2.75 -60.52 12.79
CA LEU A 1124 -3.13 -60.13 11.43
C LEU A 1124 -2.38 -60.93 10.39
N LEU A 1125 -1.05 -61.02 10.53
CA LEU A 1125 -0.26 -61.78 9.58
C LEU A 1125 -0.61 -63.27 9.60
N LEU A 1126 -0.81 -63.83 10.79
CA LEU A 1126 -1.11 -65.26 10.90
C LEU A 1126 -2.48 -65.61 10.34
N LYS A 1127 -3.38 -64.64 10.20
CA LYS A 1127 -4.68 -64.90 9.61
C LYS A 1127 -4.69 -64.75 8.09
N TYR A 1128 -3.55 -64.46 7.47
CA TYR A 1128 -3.52 -64.19 6.04
C TYR A 1128 -2.53 -65.03 5.25
N ARG A 1129 -1.75 -65.90 5.89
CA ARG A 1129 -0.87 -66.77 5.13
C ARG A 1129 -1.56 -68.07 4.76
N SER A 1130 -2.77 -67.96 4.20
CA SER A 1130 -3.55 -69.14 3.87
C SER A 1130 -3.09 -69.75 2.56
N GLY A 1131 -2.97 -68.95 1.52
CA GLY A 1131 -2.49 -69.41 0.23
C GLY A 1131 -1.60 -68.40 -0.43
N ARG A 1132 -0.95 -67.55 0.37
CA ARG A 1132 -0.20 -66.42 -0.12
C ARG A 1132 1.21 -66.43 0.46
N THR A 1133 2.19 -66.10 -0.38
CA THR A 1133 3.58 -66.04 0.04
C THR A 1133 3.87 -64.69 0.70
N ILE A 1134 4.56 -64.74 1.83
CA ILE A 1134 4.89 -63.55 2.60
C ILE A 1134 6.39 -63.54 2.86
N ILE A 1135 7.02 -62.39 2.70
CA ILE A 1135 8.44 -62.20 2.99
C ILE A 1135 8.56 -61.07 3.99
N MET A 1136 9.26 -61.32 5.09
CA MET A 1136 9.29 -60.40 6.23
C MET A 1136 10.73 -60.13 6.63
N SER A 1137 11.26 -58.98 6.20
CA SER A 1137 12.58 -58.55 6.63
C SER A 1137 12.46 -57.73 7.91
N THR A 1138 13.36 -57.99 8.86
CA THR A 1138 13.33 -57.32 10.15
C THR A 1138 14.73 -57.32 10.75
N HIS A 1139 14.92 -56.49 11.76
CA HIS A 1139 16.18 -56.41 12.48
C HIS A 1139 16.05 -56.85 13.93
N HIS A 1140 14.88 -57.27 14.36
CA HIS A 1140 14.66 -57.83 15.69
C HIS A 1140 14.59 -59.34 15.57
N MET A 1141 15.39 -60.04 16.38
CA MET A 1141 15.39 -61.50 16.34
C MET A 1141 14.43 -62.14 17.31
N ASP A 1142 13.91 -61.39 18.28
CA ASP A 1142 12.83 -61.91 19.11
C ASP A 1142 11.59 -62.20 18.26
N GLU A 1143 11.42 -61.46 17.16
CA GLU A 1143 10.27 -61.59 16.28
C GLU A 1143 10.43 -62.67 15.23
N ALA A 1144 11.65 -62.95 14.79
CA ALA A 1144 11.87 -63.87 13.68
C ALA A 1144 11.84 -65.33 14.11
N ASP A 1145 11.28 -65.64 15.27
CA ASP A 1145 11.15 -67.03 15.72
C ASP A 1145 9.71 -67.44 15.97
N LEU A 1146 8.95 -66.62 16.69
CA LEU A 1146 7.57 -66.98 17.01
C LEU A 1146 6.70 -67.03 15.76
N LEU A 1147 6.91 -66.10 14.82
CA LEU A 1147 6.21 -66.11 13.54
C LEU A 1147 7.26 -66.20 12.44
N GLY A 1148 7.63 -67.44 12.11
CA GLY A 1148 8.52 -67.69 10.99
C GLY A 1148 8.72 -69.17 10.80
N ASP A 1149 8.57 -69.66 9.57
CA ASP A 1149 8.74 -71.07 9.30
C ASP A 1149 10.06 -71.39 8.61
N ARG A 1150 10.66 -70.42 7.94
CA ARG A 1150 11.99 -70.56 7.36
C ARG A 1150 12.80 -69.31 7.68
N ILE A 1151 14.11 -69.48 7.72
CA ILE A 1151 15.04 -68.39 7.98
C ILE A 1151 16.18 -68.49 6.97
N ALA A 1152 16.50 -67.37 6.33
CA ALA A 1152 17.59 -67.32 5.36
C ALA A 1152 18.46 -66.11 5.68
N ILE A 1153 19.77 -66.31 5.69
CA ILE A 1153 20.73 -65.28 6.08
C ILE A 1153 21.62 -64.97 4.89
N ILE A 1154 21.70 -63.67 4.54
CA ILE A 1154 22.52 -63.21 3.43
C ILE A 1154 23.70 -62.43 3.99
N ALA A 1155 24.82 -63.11 4.24
CA ALA A 1155 25.93 -62.44 4.89
C ALA A 1155 26.83 -61.68 3.92
N GLN A 1156 27.55 -62.41 3.06
CA GLN A 1156 28.47 -61.79 2.12
C GLN A 1156 27.86 -61.69 0.72
N GLY A 1157 26.70 -61.03 0.66
CA GLY A 1157 26.03 -60.89 -0.62
C GLY A 1157 25.54 -62.16 -1.24
N ARG A 1158 25.42 -63.24 -0.46
CA ARG A 1158 24.99 -64.53 -1.00
C ARG A 1158 24.37 -65.35 0.14
N LEU A 1159 23.56 -66.34 -0.24
CA LEU A 1159 23.00 -67.25 0.74
C LEU A 1159 24.10 -68.03 1.45
N TYR A 1160 23.86 -68.34 2.72
CA TYR A 1160 24.73 -69.29 3.39
C TYR A 1160 23.96 -70.33 4.18
N CYS A 1161 22.72 -70.07 4.57
CA CYS A 1161 21.97 -70.94 5.47
C CYS A 1161 20.49 -70.71 5.22
N SER A 1162 19.71 -71.78 5.18
CA SER A 1162 18.28 -71.71 4.91
C SER A 1162 17.60 -72.93 5.50
N GLY A 1163 16.72 -72.71 6.48
CA GLY A 1163 16.04 -73.82 7.12
C GLY A 1163 15.21 -73.34 8.28
N THR A 1164 14.42 -74.27 8.82
CA THR A 1164 13.57 -73.97 9.95
C THR A 1164 14.42 -73.59 11.16
N PRO A 1165 13.85 -72.86 12.12
CA PRO A 1165 14.64 -72.43 13.29
C PRO A 1165 15.30 -73.59 14.02
N LEU A 1166 14.59 -74.71 14.18
CA LEU A 1166 15.16 -75.87 14.84
C LEU A 1166 16.39 -76.38 14.10
N PHE A 1167 16.30 -76.40 12.76
CA PHE A 1167 17.43 -76.84 11.94
C PHE A 1167 18.68 -76.02 12.25
N LEU A 1168 18.53 -74.69 12.32
CA LEU A 1168 19.68 -73.85 12.63
C LEU A 1168 20.15 -74.00 14.07
N LYS A 1169 19.22 -74.07 15.04
CA LYS A 1169 19.62 -74.23 16.42
C LYS A 1169 20.31 -75.56 16.68
N ASN A 1170 20.14 -76.53 15.79
CA ASN A 1170 20.82 -77.82 15.95
C ASN A 1170 22.07 -77.93 15.07
N CYS A 1171 22.14 -77.19 13.95
CA CYS A 1171 23.29 -77.29 13.06
C CYS A 1171 24.49 -76.49 13.54
N PHE A 1172 24.42 -75.89 14.72
CA PHE A 1172 25.58 -75.23 15.33
C PHE A 1172 26.02 -75.93 16.60
N GLY A 1173 25.11 -76.10 17.56
CA GLY A 1173 25.44 -76.84 18.75
C GLY A 1173 25.95 -75.94 19.85
N THR A 1174 25.14 -75.74 20.89
CA THR A 1174 25.54 -74.88 22.01
C THR A 1174 24.85 -75.39 23.26
N GLY A 1175 25.40 -75.01 24.41
CA GLY A 1175 24.91 -75.47 25.69
C GLY A 1175 23.52 -74.92 25.99
N LEU A 1176 22.79 -75.67 26.82
CA LEU A 1176 21.45 -75.25 27.21
C LEU A 1176 21.53 -74.43 28.48
N TYR A 1177 21.39 -73.11 28.35
CA TYR A 1177 21.65 -72.19 29.45
C TYR A 1177 20.79 -72.54 30.66
N LEU A 1178 21.41 -72.56 31.84
CA LEU A 1178 20.77 -72.97 33.09
C LEU A 1178 20.90 -71.83 34.11
N THR A 1179 19.83 -71.07 34.30
CA THR A 1179 19.86 -69.96 35.23
C THR A 1179 19.43 -70.42 36.63
N LEU A 1180 19.89 -69.69 37.64
CA LEU A 1180 19.59 -69.99 39.03
C LEU A 1180 19.58 -68.68 39.80
N VAL A 1181 18.62 -68.53 40.72
CA VAL A 1181 18.48 -67.29 41.47
C VAL A 1181 18.59 -67.60 42.96
N ARG A 1182 18.88 -66.58 43.76
CA ARG A 1182 19.07 -66.71 45.19
C ARG A 1182 18.15 -65.73 45.93
N LYS A 1183 18.19 -65.79 47.26
CA LYS A 1183 17.29 -65.00 48.09
C LYS A 1183 18.08 -64.10 49.03
N MET A 1184 17.51 -62.92 49.31
CA MET A 1184 18.06 -62.01 50.29
C MET A 1184 17.31 -62.16 51.61
N ASP A 1225 26.14 -69.02 48.19
CA ASP A 1225 27.28 -69.89 48.40
C ASP A 1225 27.64 -70.65 47.13
N VAL A 1226 28.39 -70.00 46.26
CA VAL A 1226 28.80 -70.61 44.99
C VAL A 1226 29.76 -71.78 45.21
N ASN A 1227 30.59 -71.68 46.24
CA ASN A 1227 31.55 -72.72 46.58
C ASN A 1227 30.89 -74.09 46.69
N GLU A 1228 29.80 -74.15 47.44
CA GLU A 1228 29.06 -75.40 47.60
C GLU A 1228 28.06 -75.60 46.47
N LEU A 1229 27.83 -74.56 45.68
CA LEU A 1229 26.90 -74.63 44.57
C LEU A 1229 27.56 -75.21 43.33
N MET A 1230 28.88 -75.26 43.35
CA MET A 1230 29.63 -75.80 42.22
C MET A 1230 29.59 -77.32 42.23
N ASP A 1231 29.63 -77.89 43.43
CA ASP A 1231 29.61 -79.34 43.60
C ASP A 1231 28.28 -79.96 43.17
N VAL A 1232 27.20 -79.21 43.34
CA VAL A 1232 25.88 -79.70 42.96
C VAL A 1232 25.87 -80.13 41.49
N VAL A 1233 26.39 -79.28 40.62
CA VAL A 1233 26.44 -79.58 39.19
C VAL A 1233 27.74 -80.29 38.83
N LEU A 1234 28.63 -80.42 39.81
CA LEU A 1234 29.92 -81.07 39.61
C LEU A 1234 29.74 -82.57 39.35
N HIS A 1235 28.73 -83.16 39.97
CA HIS A 1235 28.45 -84.58 39.79
C HIS A 1235 28.24 -84.87 38.30
N HIS A 1236 27.38 -84.07 37.68
CA HIS A 1236 27.08 -84.19 36.27
C HIS A 1236 27.85 -83.13 35.50
N VAL A 1237 29.16 -83.06 35.76
CA VAL A 1237 30.03 -82.09 35.12
C VAL A 1237 29.95 -82.12 33.60
N PRO A 1238 29.77 -80.94 32.99
CA PRO A 1238 29.68 -80.77 31.54
C PRO A 1238 31.01 -80.31 30.96
N GLU A 1239 31.00 -79.18 30.28
CA GLU A 1239 32.20 -78.62 29.68
C GLU A 1239 32.16 -77.10 29.74
N ALA A 1240 31.54 -76.58 30.80
CA ALA A 1240 31.43 -75.14 30.99
C ALA A 1240 31.01 -74.85 32.43
N LYS A 1241 31.40 -73.67 32.92
CA LYS A 1241 31.07 -73.28 34.28
C LYS A 1241 30.34 -71.95 34.32
N LEU A 1242 30.33 -71.32 35.48
CA LEU A 1242 29.67 -70.03 35.68
C LEU A 1242 30.09 -69.01 34.63
N VAL A 1243 29.35 -68.96 33.52
CA VAL A 1243 29.67 -68.04 32.45
C VAL A 1243 29.55 -66.59 32.90
N GLU A 1244 28.54 -66.31 33.72
CA GLU A 1244 28.31 -64.97 34.23
C GLU A 1244 27.58 -65.03 35.56
N CYS A 1245 27.97 -64.16 36.49
CA CYS A 1245 27.33 -64.14 37.80
C CYS A 1245 27.10 -62.71 38.30
N ILE A 1246 25.95 -62.15 37.93
CA ILE A 1246 25.59 -60.80 38.34
C ILE A 1246 24.87 -60.89 39.69
N GLY A 1247 24.56 -59.73 40.30
CA GLY A 1247 23.87 -59.68 41.57
C GLY A 1247 22.64 -60.55 41.64
N GLN A 1248 22.61 -61.46 42.61
CA GLN A 1248 21.50 -62.39 42.83
C GLN A 1248 21.14 -63.15 41.55
N GLU A 1249 22.16 -63.67 40.86
CA GLU A 1249 21.97 -64.42 39.63
C GLU A 1249 23.07 -65.45 39.43
N LEU A 1250 22.79 -66.46 38.63
CA LEU A 1250 23.76 -67.52 38.37
C LEU A 1250 23.42 -68.27 37.09
N ILE A 1251 24.02 -67.85 35.99
CA ILE A 1251 23.78 -68.48 34.69
C ILE A 1251 24.76 -69.60 34.42
N PHE A 1252 24.22 -70.79 34.14
CA PHE A 1252 25.06 -71.95 33.86
C PHE A 1252 24.98 -72.35 32.39
N LEU A 1253 26.07 -72.88 31.88
CA LEU A 1253 26.16 -73.31 30.48
C LEU A 1253 26.59 -74.77 30.40
N LEU A 1254 25.72 -75.60 29.82
CA LEU A 1254 26.02 -77.01 29.65
C LEU A 1254 26.30 -77.31 28.19
N PRO A 1255 26.89 -78.48 27.91
CA PRO A 1255 27.23 -78.90 26.54
C PRO A 1255 26.05 -79.58 25.85
N ASN A 1256 26.00 -79.51 24.53
CA ASN A 1256 24.93 -80.12 23.76
C ASN A 1256 25.30 -81.53 23.32
N LYS A 1257 24.30 -82.30 22.89
CA LYS A 1257 24.53 -83.66 22.44
C LYS A 1257 25.27 -84.49 23.49
N ASN A 1258 26.14 -85.38 23.03
CA ASN A 1258 26.93 -86.25 23.91
C ASN A 1258 26.06 -86.95 24.95
N PHE A 1259 25.18 -87.83 24.47
CA PHE A 1259 24.27 -88.58 25.33
C PHE A 1259 23.54 -87.69 26.33
N LYS A 1260 23.93 -87.80 27.59
CA LYS A 1260 23.32 -87.03 28.68
C LYS A 1260 21.81 -87.12 28.66
N HIS A 1261 21.29 -88.34 28.58
CA HIS A 1261 19.85 -88.57 28.55
C HIS A 1261 19.28 -88.66 29.96
N ARG A 1262 19.89 -89.51 30.78
CA ARG A 1262 19.44 -89.70 32.15
C ARG A 1262 20.01 -88.64 33.07
N ALA A 1263 21.31 -88.38 32.95
CA ALA A 1263 22.00 -87.39 33.78
C ALA A 1263 21.28 -86.05 33.75
N TYR A 1264 21.10 -85.50 32.56
CA TYR A 1264 20.43 -84.22 32.38
C TYR A 1264 19.08 -84.21 33.08
N ALA A 1265 18.29 -85.25 32.80
CA ALA A 1265 16.95 -85.36 33.40
C ALA A 1265 17.02 -85.53 34.91
N SER A 1266 18.03 -86.26 35.38
CA SER A 1266 18.20 -86.49 36.81
C SER A 1266 18.53 -85.21 37.57
N LEU A 1267 19.36 -84.36 36.96
CA LEU A 1267 19.77 -83.11 37.57
C LEU A 1267 18.60 -82.27 38.09
N PHE A 1268 17.58 -82.11 37.25
CA PHE A 1268 16.41 -81.33 37.63
C PHE A 1268 15.57 -82.09 38.64
N ARG A 1269 16.13 -83.16 39.19
CA ARG A 1269 15.44 -83.98 40.17
C ARG A 1269 15.77 -83.48 41.57
N GLU A 1270 17.07 -83.36 41.85
CA GLU A 1270 17.53 -82.89 43.16
C GLU A 1270 17.54 -81.37 43.21
N LEU A 1271 17.46 -80.75 42.04
CA LEU A 1271 17.45 -79.29 41.93
C LEU A 1271 16.07 -78.74 42.23
N GLU A 1272 15.04 -79.44 41.77
CA GLU A 1272 13.67 -79.02 42.00
C GLU A 1272 13.25 -79.40 43.41
N GLU A 1273 13.90 -80.43 43.95
CA GLU A 1273 13.60 -80.91 45.29
C GLU A 1273 14.08 -79.94 46.36
N THR A 1274 15.37 -80.03 46.69
CA THR A 1274 15.96 -79.17 47.72
C THR A 1274 16.27 -77.76 47.18
N LEU A 1275 15.26 -76.92 47.11
CA LEU A 1275 15.43 -75.55 46.63
C LEU A 1275 15.57 -74.61 47.82
N ALA A 1276 14.57 -74.63 48.70
CA ALA A 1276 14.59 -73.78 49.89
C ALA A 1276 15.80 -74.10 50.75
N ASP A 1277 16.07 -75.38 50.93
CA ASP A 1277 17.20 -75.84 51.73
C ASP A 1277 18.51 -75.22 51.23
N LEU A 1278 18.72 -75.25 49.92
CA LEU A 1278 19.92 -74.68 49.33
C LEU A 1278 19.90 -73.16 49.43
N GLY A 1279 18.71 -72.57 49.36
CA GLY A 1279 18.55 -71.14 49.46
C GLY A 1279 18.27 -70.45 48.13
N LEU A 1280 17.68 -71.17 47.19
CA LEU A 1280 17.36 -70.60 45.89
C LEU A 1280 15.93 -70.09 45.90
N SER A 1281 15.36 -69.89 44.72
CA SER A 1281 13.99 -69.40 44.61
C SER A 1281 13.39 -69.72 43.25
N SER A 1282 14.25 -70.03 42.28
CA SER A 1282 13.81 -70.36 40.93
C SER A 1282 14.93 -71.05 40.16
N PHE A 1283 14.56 -71.70 39.05
CA PHE A 1283 15.52 -72.39 38.20
C PHE A 1283 14.91 -72.62 36.82
N GLY A 1284 15.52 -72.03 35.79
CA GLY A 1284 15.03 -72.18 34.44
C GLY A 1284 15.97 -72.99 33.57
N ILE A 1285 15.62 -73.13 32.30
CA ILE A 1285 16.44 -73.88 31.35
C ILE A 1285 16.10 -73.52 29.91
N SER A 1286 16.41 -72.29 29.52
CA SER A 1286 16.13 -71.84 28.16
C SER A 1286 17.23 -72.28 27.21
N ASP A 1287 17.02 -72.11 25.92
CA ASP A 1287 18.00 -72.52 24.92
C ASP A 1287 18.73 -71.33 24.31
N THR A 1288 19.78 -71.62 23.56
CA THR A 1288 20.56 -70.57 22.91
C THR A 1288 19.66 -69.68 22.07
N PRO A 1289 19.74 -68.36 22.28
CA PRO A 1289 18.93 -67.39 21.53
C PRO A 1289 19.28 -67.38 20.05
N LEU A 1290 18.31 -67.02 19.22
CA LEU A 1290 18.52 -66.97 17.77
C LEU A 1290 19.47 -65.85 17.35
N GLU A 1291 19.53 -64.77 18.13
CA GLU A 1291 20.40 -63.64 17.84
C GLU A 1291 21.87 -63.96 18.10
N GLU A 1292 22.12 -64.93 18.99
CA GLU A 1292 23.48 -65.33 19.32
C GLU A 1292 24.19 -65.83 18.07
N ILE A 1293 23.59 -66.80 17.40
CA ILE A 1293 24.15 -67.38 16.19
C ILE A 1293 24.34 -66.35 15.08
N PHE A 1294 23.37 -65.45 14.96
CA PHE A 1294 23.41 -64.39 13.94
C PHE A 1294 24.73 -63.63 13.93
N LEU A 1295 25.18 -63.21 15.11
CA LEU A 1295 26.43 -62.48 15.23
C LEU A 1295 27.62 -63.33 14.80
N LYS A 1296 27.58 -64.60 15.15
CA LYS A 1296 28.66 -65.53 14.79
C LYS A 1296 28.81 -65.63 13.29
N VAL A 1297 27.70 -65.83 12.60
CA VAL A 1297 27.70 -65.96 11.14
C VAL A 1297 27.71 -64.59 10.48
N THR A 1298 28.68 -63.77 10.84
CA THR A 1298 28.80 -62.43 10.29
C THR A 1298 30.28 -62.06 10.14
N GLU A 1299 31.12 -62.71 10.94
CA GLU A 1299 32.55 -62.46 10.92
C GLU A 1299 33.29 -63.67 10.36
N GLY A 1362 37.85 -39.25 36.55
CA GLY A 1362 36.92 -38.28 37.10
C GLY A 1362 37.45 -37.62 38.35
N PRO A 1363 38.20 -36.54 38.19
CA PRO A 1363 38.80 -35.87 39.35
C PRO A 1363 37.86 -34.88 40.01
N GLN A 1364 38.37 -34.12 40.97
CA GLN A 1364 37.56 -33.11 41.66
C GLN A 1364 37.05 -32.07 40.66
N LEU A 1365 35.78 -31.71 40.80
CA LEU A 1365 35.12 -30.78 39.89
C LEU A 1365 35.16 -29.36 40.46
N ASN A 1366 34.77 -28.40 39.62
CA ASN A 1366 34.67 -27.02 40.05
C ASN A 1366 33.37 -26.81 40.82
N THR A 1367 33.23 -25.61 41.40
CA THR A 1367 32.02 -25.26 42.13
C THR A 1367 32.00 -23.75 42.37
N GLY A 1368 30.81 -23.18 42.32
CA GLY A 1368 30.62 -21.79 42.71
C GLY A 1368 30.99 -20.82 41.61
N THR A 1369 31.82 -19.83 41.96
CA THR A 1369 32.12 -18.75 41.03
C THR A 1369 32.86 -19.25 39.80
N GLN A 1370 33.80 -20.19 39.98
CA GLN A 1370 34.47 -20.77 38.83
C GLN A 1370 33.49 -21.53 37.96
N LEU A 1371 32.54 -22.23 38.58
CA LEU A 1371 31.55 -22.97 37.82
C LEU A 1371 30.70 -22.03 36.95
N VAL A 1372 30.26 -20.91 37.53
CA VAL A 1372 29.45 -19.96 36.76
C VAL A 1372 30.28 -19.32 35.66
N LEU A 1373 31.50 -18.90 35.99
CA LEU A 1373 32.33 -18.21 35.01
C LEU A 1373 32.83 -19.16 33.93
N GLN A 1374 32.69 -20.47 34.16
CA GLN A 1374 32.98 -21.44 33.10
C GLN A 1374 31.73 -21.76 32.29
N HIS A 1375 30.56 -21.81 32.94
CA HIS A 1375 29.31 -21.96 32.21
C HIS A 1375 29.14 -20.88 31.17
N VAL A 1376 29.38 -19.62 31.56
CA VAL A 1376 29.15 -18.51 30.64
C VAL A 1376 30.06 -18.62 29.43
N GLN A 1377 31.34 -18.94 29.66
CA GLN A 1377 32.29 -18.98 28.55
C GLN A 1377 32.24 -20.28 27.77
N ALA A 1378 31.49 -21.27 28.24
CA ALA A 1378 31.20 -22.43 27.41
C ALA A 1378 29.98 -22.19 26.54
N LEU A 1379 28.94 -21.57 27.10
CA LEU A 1379 27.76 -21.23 26.30
C LEU A 1379 28.09 -20.22 25.22
N LEU A 1380 28.97 -19.25 25.49
CA LEU A 1380 29.36 -18.30 24.46
C LEU A 1380 30.03 -19.01 23.29
N VAL A 1381 30.93 -19.96 23.58
CA VAL A 1381 31.61 -20.69 22.51
C VAL A 1381 30.60 -21.54 21.74
N LYS A 1382 29.65 -22.16 22.44
CA LYS A 1382 28.65 -22.96 21.75
C LYS A 1382 27.81 -22.11 20.82
N ARG A 1383 27.48 -20.90 21.22
CA ARG A 1383 26.64 -20.03 20.40
C ARG A 1383 27.44 -19.30 19.32
N PHE A 1384 28.77 -19.26 19.44
CA PHE A 1384 29.63 -18.68 18.41
C PHE A 1384 29.94 -19.68 17.30
N GLN A 1385 30.26 -20.93 17.68
CA GLN A 1385 30.56 -21.95 16.68
C GLN A 1385 29.36 -22.25 15.80
N HIS A 1386 28.15 -22.03 16.30
CA HIS A 1386 26.97 -22.30 15.48
C HIS A 1386 26.78 -21.25 14.40
N THR A 1387 27.09 -19.99 14.67
CA THR A 1387 26.89 -18.93 13.69
C THR A 1387 28.11 -18.66 12.83
N ILE A 1388 29.30 -19.12 13.24
CA ILE A 1388 30.48 -18.90 12.42
C ILE A 1388 30.44 -19.68 11.12
N ARG A 1389 29.56 -20.68 11.02
CA ARG A 1389 29.56 -21.58 9.87
C ARG A 1389 28.15 -21.82 9.34
N SER A 1390 27.27 -20.84 9.49
CA SER A 1390 25.93 -20.91 8.94
C SER A 1390 25.70 -19.72 8.03
N HIS A 1391 24.96 -19.95 6.94
CA HIS A 1391 24.72 -18.91 5.95
C HIS A 1391 23.34 -18.29 6.04
N LYS A 1392 22.35 -19.01 6.59
CA LYS A 1392 21.01 -18.43 6.71
C LYS A 1392 21.01 -17.27 7.70
N ASP A 1393 21.56 -17.49 8.89
CA ASP A 1393 21.71 -16.39 9.85
C ASP A 1393 23.06 -15.71 9.69
N PHE A 1394 23.39 -15.42 8.43
CA PHE A 1394 24.35 -14.40 8.04
C PHE A 1394 23.70 -13.39 7.12
N LEU A 1395 22.97 -13.85 6.11
CA LEU A 1395 22.17 -12.99 5.27
C LEU A 1395 20.81 -12.69 5.86
N ALA A 1396 20.49 -13.24 7.03
CA ALA A 1396 19.36 -12.76 7.82
C ALA A 1396 19.76 -11.74 8.87
N GLN A 1397 21.05 -11.40 8.96
CA GLN A 1397 21.52 -10.43 9.92
C GLN A 1397 22.40 -9.34 9.33
N ILE A 1398 22.96 -9.53 8.13
CA ILE A 1398 23.85 -8.56 7.50
C ILE A 1398 23.30 -8.06 6.18
N VAL A 1399 22.70 -8.93 5.37
CA VAL A 1399 22.35 -8.56 4.00
C VAL A 1399 21.02 -7.83 3.96
N LEU A 1400 20.03 -8.30 4.73
CA LEU A 1400 18.71 -7.66 4.70
C LEU A 1400 18.72 -6.24 5.27
N PRO A 1401 19.30 -5.97 6.44
CA PRO A 1401 19.26 -4.59 6.95
C PRO A 1401 19.90 -3.58 6.00
N ALA A 1402 21.10 -3.89 5.50
CA ALA A 1402 21.78 -2.97 4.59
C ALA A 1402 20.98 -2.76 3.32
N THR A 1403 20.43 -3.83 2.76
CA THR A 1403 19.67 -3.71 1.52
C THR A 1403 18.42 -2.84 1.72
N PHE A 1404 17.64 -3.11 2.76
CA PHE A 1404 16.38 -2.39 2.93
C PHE A 1404 16.61 -0.95 3.38
N VAL A 1405 17.73 -0.65 4.04
CA VAL A 1405 17.99 0.75 4.32
C VAL A 1405 18.57 1.47 3.10
N PHE A 1406 19.35 0.77 2.27
CA PHE A 1406 19.92 1.37 1.06
C PHE A 1406 18.83 1.76 0.07
N LEU A 1407 17.85 0.88 -0.14
CA LEU A 1407 16.77 1.23 -1.06
C LEU A 1407 15.97 2.44 -0.57
N ALA A 1408 15.66 2.49 0.72
CA ALA A 1408 14.92 3.64 1.25
C ALA A 1408 15.72 4.92 1.13
N LEU A 1409 17.03 4.85 1.41
CA LEU A 1409 17.85 6.04 1.31
C LEU A 1409 17.95 6.55 -0.12
N MET A 1410 18.03 5.65 -1.10
CA MET A 1410 17.96 6.13 -2.49
C MET A 1410 16.59 6.68 -2.84
N LEU A 1411 15.51 6.09 -2.31
CA LEU A 1411 14.19 6.68 -2.54
C LEU A 1411 14.11 8.10 -2.00
N SER A 1412 14.79 8.37 -0.88
CA SER A 1412 14.77 9.71 -0.29
C SER A 1412 15.60 10.72 -1.08
N ILE A 1413 16.39 10.29 -2.07
CA ILE A 1413 17.32 11.18 -2.75
C ILE A 1413 16.94 11.44 -4.19
N VAL A 1414 15.91 10.76 -4.72
CA VAL A 1414 15.51 10.93 -6.12
C VAL A 1414 14.14 11.58 -6.18
N ILE A 1415 13.79 12.35 -5.17
CA ILE A 1415 12.57 13.14 -5.15
C ILE A 1415 12.96 14.61 -5.29
N PRO A 1416 12.37 15.34 -6.23
CA PRO A 1416 12.81 16.71 -6.46
C PRO A 1416 12.55 17.58 -5.24
N PRO A 1417 13.38 18.58 -5.00
CA PRO A 1417 13.20 19.44 -3.82
C PRO A 1417 11.98 20.33 -3.95
N PHE A 1418 11.46 20.74 -2.79
CA PHE A 1418 10.29 21.60 -2.72
C PHE A 1418 10.75 23.03 -2.48
N GLY A 1419 10.11 23.98 -3.18
CA GLY A 1419 10.54 25.36 -3.16
C GLY A 1419 11.51 25.66 -4.29
N GLU A 1420 12.37 26.66 -4.10
CA GLU A 1420 13.45 26.95 -5.04
C GLU A 1420 12.90 27.30 -6.43
N TYR A 1421 12.21 28.45 -6.47
CA TYR A 1421 11.59 28.91 -7.71
C TYR A 1421 12.58 29.72 -8.53
N PRO A 1422 12.95 29.27 -9.74
CA PRO A 1422 13.91 30.02 -10.56
C PRO A 1422 13.28 31.11 -11.41
N ALA A 1423 14.07 31.68 -12.34
CA ALA A 1423 13.64 32.88 -13.07
C ALA A 1423 12.58 32.55 -14.12
N LEU A 1424 12.91 31.68 -15.09
CA LEU A 1424 11.96 31.26 -16.12
C LEU A 1424 11.48 32.44 -16.98
N THR A 1425 12.33 32.93 -17.87
CA THR A 1425 11.90 33.77 -18.98
C THR A 1425 10.66 33.20 -19.66
N LEU A 1426 9.73 34.08 -20.04
CA LEU A 1426 8.43 33.69 -20.58
C LEU A 1426 8.40 33.90 -22.08
N HIS A 1427 8.15 32.83 -22.82
CA HIS A 1427 8.00 32.88 -24.27
C HIS A 1427 7.24 31.62 -24.71
N PRO A 1428 6.56 31.67 -25.85
CA PRO A 1428 5.67 30.56 -26.22
C PRO A 1428 6.37 29.26 -26.56
N TRP A 1429 7.70 29.23 -26.63
CA TRP A 1429 8.41 28.04 -27.05
C TRP A 1429 8.91 27.19 -25.88
N ILE A 1430 8.56 27.54 -24.64
CA ILE A 1430 8.83 26.63 -23.53
C ILE A 1430 7.98 25.38 -23.62
N TYR A 1431 6.93 25.42 -24.43
CA TYR A 1431 6.19 24.24 -24.83
C TYR A 1431 6.79 23.69 -26.12
N GLY A 1432 6.36 22.49 -26.50
CA GLY A 1432 7.04 21.82 -27.59
C GLY A 1432 6.62 22.28 -28.96
N GLN A 1433 6.36 21.33 -29.85
CA GLN A 1433 5.83 21.65 -31.17
C GLN A 1433 4.35 21.94 -31.05
N GLN A 1434 3.89 22.97 -31.77
CA GLN A 1434 2.56 23.49 -31.53
C GLN A 1434 2.02 24.19 -32.77
N TYR A 1435 0.71 24.40 -32.77
CA TYR A 1435 0.01 25.19 -33.77
C TYR A 1435 -0.29 26.57 -33.20
N THR A 1436 -0.26 27.58 -34.06
CA THR A 1436 -0.56 28.96 -33.66
C THR A 1436 -1.33 29.60 -34.82
N PHE A 1437 -2.64 29.73 -34.66
CA PHE A 1437 -3.44 30.24 -35.77
C PHE A 1437 -3.26 31.76 -35.89
N PHE A 1438 -4.07 32.38 -36.73
CA PHE A 1438 -3.86 33.75 -37.17
C PHE A 1438 -5.08 34.16 -37.99
N SER A 1439 -5.42 35.45 -37.92
CA SER A 1439 -6.59 35.94 -38.64
C SER A 1439 -6.45 37.44 -38.88
N MET A 1440 -6.78 37.86 -40.10
CA MET A 1440 -6.64 39.26 -40.52
C MET A 1440 -8.03 39.80 -40.80
N ASP A 1441 -8.67 40.32 -39.76
CA ASP A 1441 -9.96 40.96 -39.90
C ASP A 1441 -9.79 42.43 -40.26
N GLU A 1442 -10.82 43.01 -40.85
CA GLU A 1442 -10.84 44.41 -41.25
C GLU A 1442 -9.60 44.76 -42.08
N PRO A 1443 -9.49 44.28 -43.32
CA PRO A 1443 -8.33 44.62 -44.14
C PRO A 1443 -8.54 45.93 -44.89
N GLY A 1444 -7.54 46.32 -45.69
CA GLY A 1444 -7.57 47.57 -46.41
C GLY A 1444 -7.15 48.77 -45.60
N SER A 1445 -7.38 48.75 -44.29
CA SER A 1445 -6.94 49.84 -43.44
C SER A 1445 -5.43 49.80 -43.25
N GLU A 1446 -4.79 50.94 -43.45
CA GLU A 1446 -3.36 51.04 -43.27
C GLU A 1446 -3.01 50.94 -41.79
N GLN A 1447 -1.73 50.66 -41.52
CA GLN A 1447 -1.16 50.44 -40.19
C GLN A 1447 -1.62 49.12 -39.58
N PHE A 1448 -2.51 48.39 -40.24
CA PHE A 1448 -2.78 47.00 -39.93
C PHE A 1448 -2.24 46.04 -40.96
N THR A 1449 -2.10 46.46 -42.23
CA THR A 1449 -1.49 45.60 -43.23
C THR A 1449 0.03 45.57 -43.11
N VAL A 1450 0.61 46.38 -42.23
CA VAL A 1450 2.03 46.31 -41.91
C VAL A 1450 2.19 45.59 -40.58
N LEU A 1451 1.19 45.73 -39.71
CA LEU A 1451 1.18 44.95 -38.47
C LEU A 1451 1.02 43.47 -38.76
N ALA A 1452 0.18 43.11 -39.73
CA ALA A 1452 0.04 41.73 -40.13
C ALA A 1452 1.22 41.22 -40.95
N ASP A 1453 2.14 42.12 -41.31
CA ASP A 1453 3.34 41.75 -42.06
C ASP A 1453 4.56 41.58 -41.16
N VAL A 1454 4.68 42.39 -40.11
CA VAL A 1454 5.78 42.26 -39.16
C VAL A 1454 5.42 41.23 -38.11
N LEU A 1455 4.34 40.50 -38.34
CA LEU A 1455 3.92 39.42 -37.46
C LEU A 1455 4.08 38.03 -38.07
N LEU A 1456 3.95 37.96 -39.40
CA LEU A 1456 4.06 36.72 -40.13
C LEU A 1456 5.43 36.53 -40.75
N ASN A 1457 5.82 37.47 -41.62
CA ASN A 1457 7.11 37.41 -42.30
C ASN A 1457 8.24 37.93 -41.42
N LYS A 1458 8.72 39.13 -41.78
CA LYS A 1458 9.81 39.89 -41.14
C LYS A 1458 10.52 39.27 -39.94
N PRO A 1459 10.14 39.69 -38.74
CA PRO A 1459 10.73 39.12 -37.52
C PRO A 1459 9.95 37.89 -37.07
N GLY A 1460 8.67 37.78 -37.44
CA GLY A 1460 7.89 36.62 -37.05
C GLY A 1460 7.16 36.81 -35.74
N PHE A 1461 6.53 35.76 -35.20
CA PHE A 1461 5.99 35.82 -33.85
C PHE A 1461 7.10 36.00 -32.84
N GLY A 1462 6.75 36.62 -31.71
CA GLY A 1462 7.59 36.56 -30.53
C GLY A 1462 8.90 37.24 -30.73
N ASN A 1463 9.97 36.61 -30.23
CA ASN A 1463 11.27 37.25 -30.20
C ASN A 1463 12.39 36.27 -30.55
N ARG A 1464 12.05 35.09 -31.02
CA ARG A 1464 13.04 34.06 -31.34
C ARG A 1464 14.05 34.49 -32.39
N CYS A 1465 13.70 34.30 -33.65
CA CYS A 1465 14.61 34.65 -34.74
C CYS A 1465 14.81 36.15 -34.86
N LEU A 1466 15.74 36.69 -34.07
CA LEU A 1466 16.03 38.11 -34.08
C LEU A 1466 17.01 38.44 -35.19
N LYS A 1467 18.20 38.86 -34.79
CA LYS A 1467 19.26 39.22 -35.73
C LYS A 1467 20.61 39.31 -35.05
N GLU A 1468 20.75 38.68 -33.89
CA GLU A 1468 22.00 38.71 -33.16
C GLU A 1468 22.18 37.54 -32.20
N GLY A 1469 21.19 37.33 -31.33
CA GLY A 1469 21.27 36.25 -30.35
C GLY A 1469 19.99 35.56 -29.93
N TRP A 1470 19.59 35.87 -28.70
CA TRP A 1470 18.39 35.37 -28.04
C TRP A 1470 18.39 33.86 -27.84
N LEU A 1471 19.04 33.39 -26.77
CA LEU A 1471 19.09 31.98 -26.44
C LEU A 1471 19.67 31.11 -27.54
N PRO A 1472 20.70 30.32 -27.21
CA PRO A 1472 21.36 29.41 -28.13
C PRO A 1472 20.70 28.03 -28.11
N GLU A 1473 19.88 27.77 -27.10
CA GLU A 1473 19.18 26.50 -26.98
C GLU A 1473 18.04 26.45 -27.99
N TYR A 1474 17.47 27.62 -28.29
CA TYR A 1474 16.39 27.74 -29.24
C TYR A 1474 16.93 28.50 -30.44
N PRO A 1475 17.40 27.77 -31.46
CA PRO A 1475 17.99 28.34 -32.68
C PRO A 1475 16.92 28.78 -33.68
N CYS A 1476 17.36 29.13 -34.88
CA CYS A 1476 16.46 29.58 -35.92
C CYS A 1476 15.97 28.40 -36.77
N GLY A 1477 15.98 28.58 -38.09
CA GLY A 1477 15.55 27.54 -38.99
C GLY A 1477 15.24 28.06 -40.39
N ASN A 1478 14.25 27.46 -41.03
CA ASN A 1478 13.85 27.85 -42.39
C ASN A 1478 12.41 27.44 -42.62
N SER A 1479 11.76 28.14 -43.55
CA SER A 1479 10.32 28.07 -43.72
C SER A 1479 9.92 27.45 -45.05
N THR A 1480 8.64 27.15 -45.17
CA THR A 1480 8.01 26.58 -46.36
C THR A 1480 6.85 27.46 -46.78
N PRO A 1481 6.44 27.41 -48.04
CA PRO A 1481 5.34 28.26 -48.50
C PRO A 1481 3.98 27.70 -48.09
N TRP A 1482 2.95 28.50 -48.36
CA TRP A 1482 1.59 28.13 -47.99
C TRP A 1482 1.18 26.85 -48.71
N LYS A 1483 0.43 26.00 -48.00
CA LYS A 1483 0.10 24.68 -48.52
C LYS A 1483 -1.18 24.18 -47.86
N THR A 1484 -2.29 24.25 -48.58
CA THR A 1484 -3.55 23.72 -48.07
C THR A 1484 -3.49 22.19 -48.03
N PRO A 1485 -3.79 21.56 -46.90
CA PRO A 1485 -3.79 20.10 -46.85
C PRO A 1485 -4.90 19.52 -47.69
N SER A 1486 -4.83 18.20 -47.89
CA SER A 1486 -5.75 17.48 -48.75
C SER A 1486 -6.81 16.76 -47.93
N VAL A 1487 -7.95 16.49 -48.56
CA VAL A 1487 -9.08 15.87 -47.90
C VAL A 1487 -9.60 14.71 -48.75
N SER A 1488 -10.28 13.78 -48.10
CA SER A 1488 -10.94 12.71 -48.81
C SER A 1488 -12.09 13.28 -49.65
N PRO A 1489 -12.28 12.77 -50.87
CA PRO A 1489 -13.30 13.37 -51.76
C PRO A 1489 -14.71 13.30 -51.21
N ASN A 1490 -15.00 12.40 -50.27
CA ASN A 1490 -16.32 12.36 -49.66
C ASN A 1490 -16.59 13.62 -48.84
N ILE A 1491 -15.55 14.14 -48.17
CA ILE A 1491 -15.70 15.38 -47.43
C ILE A 1491 -16.02 16.54 -48.36
N THR A 1492 -15.21 16.72 -49.40
CA THR A 1492 -15.48 17.81 -50.33
C THR A 1492 -16.77 17.58 -51.09
N GLN A 1493 -17.30 16.36 -51.11
CA GLN A 1493 -18.65 16.11 -51.61
C GLN A 1493 -19.73 16.62 -50.67
N LEU A 1494 -19.61 16.37 -49.37
CA LEU A 1494 -20.69 16.72 -48.45
C LEU A 1494 -20.81 18.22 -48.19
N PHE A 1495 -19.80 19.02 -48.56
CA PHE A 1495 -19.88 20.45 -48.37
C PHE A 1495 -20.41 21.20 -49.59
N GLN A 1496 -20.33 20.60 -50.78
CA GLN A 1496 -20.84 21.21 -51.99
C GLN A 1496 -22.19 20.66 -52.43
N LYS A 1497 -22.87 19.92 -51.57
CA LYS A 1497 -24.16 19.33 -51.91
C LYS A 1497 -25.30 19.81 -50.99
N GLN A 1498 -25.05 19.91 -49.69
CA GLN A 1498 -26.09 20.37 -48.79
C GLN A 1498 -26.10 21.89 -48.68
N LYS A 1499 -26.95 22.40 -47.79
CA LYS A 1499 -27.06 23.83 -47.54
C LYS A 1499 -26.66 24.11 -46.10
N TRP A 1500 -25.52 24.76 -45.92
CA TRP A 1500 -25.04 25.17 -44.61
C TRP A 1500 -25.26 26.68 -44.44
N THR A 1501 -25.78 27.06 -43.28
CA THR A 1501 -26.22 28.42 -43.03
C THR A 1501 -25.14 29.13 -42.21
N GLN A 1502 -25.12 30.45 -42.32
CA GLN A 1502 -24.18 31.26 -41.54
C GLN A 1502 -24.27 30.93 -40.06
N VAL A 1503 -25.48 30.70 -39.55
CA VAL A 1503 -25.66 30.32 -38.16
C VAL A 1503 -25.33 28.86 -37.92
N ASN A 1504 -25.44 28.01 -38.94
CA ASN A 1504 -25.23 26.57 -38.80
C ASN A 1504 -24.16 26.11 -39.79
N PRO A 1505 -22.90 26.32 -39.48
CA PRO A 1505 -21.82 25.76 -40.28
C PRO A 1505 -21.67 24.27 -40.03
N SER A 1506 -20.55 23.69 -40.47
CA SER A 1506 -20.25 22.26 -40.55
C SER A 1506 -20.78 21.44 -39.37
N PRO A 1507 -21.15 20.18 -39.60
CA PRO A 1507 -21.97 19.44 -38.63
C PRO A 1507 -21.37 19.37 -37.24
N SER A 1508 -22.25 19.13 -36.26
CA SER A 1508 -21.95 19.26 -34.85
C SER A 1508 -21.51 17.94 -34.24
N CYS A 1509 -20.94 18.03 -33.05
CA CYS A 1509 -20.38 16.89 -32.33
C CYS A 1509 -21.39 16.37 -31.32
N ARG A 1510 -21.48 15.05 -31.20
CA ARG A 1510 -22.43 14.40 -30.30
C ARG A 1510 -21.99 14.42 -28.85
N CYS A 1511 -22.82 14.98 -27.99
CA CYS A 1511 -22.52 15.06 -26.56
C CYS A 1511 -23.05 13.87 -25.79
N SER A 1512 -22.38 13.54 -24.70
CA SER A 1512 -22.75 12.42 -23.85
C SER A 1512 -24.23 12.45 -23.44
N THR A 1513 -24.90 11.31 -23.63
CA THR A 1513 -26.31 11.19 -23.28
C THR A 1513 -26.45 10.72 -21.83
N ARG A 1514 -27.67 10.32 -21.44
CA ARG A 1514 -27.93 9.96 -20.05
C ARG A 1514 -27.21 8.68 -19.64
N GLU A 1515 -27.14 7.69 -20.52
CA GLU A 1515 -26.53 6.41 -20.18
C GLU A 1515 -25.13 6.22 -20.74
N LYS A 1516 -24.78 6.89 -21.84
CA LYS A 1516 -23.46 6.79 -22.44
C LYS A 1516 -22.72 8.10 -22.14
N LEU A 1517 -21.89 8.08 -21.11
CA LEU A 1517 -21.13 9.25 -20.71
C LEU A 1517 -19.71 9.14 -21.24
N THR A 1518 -19.33 10.07 -22.10
CA THR A 1518 -18.04 10.07 -22.76
C THR A 1518 -17.19 11.24 -22.27
N MET A 1519 -15.88 11.01 -22.19
CA MET A 1519 -14.98 12.06 -21.71
C MET A 1519 -14.97 13.27 -22.63
N LEU A 1520 -15.03 13.04 -23.95
CA LEU A 1520 -15.03 14.10 -24.94
C LEU A 1520 -16.02 13.72 -26.04
N PRO A 1521 -16.60 14.69 -26.73
CA PRO A 1521 -17.64 14.36 -27.71
C PRO A 1521 -17.11 13.53 -28.87
N GLU A 1522 -18.04 13.08 -29.72
CA GLU A 1522 -17.70 12.12 -30.76
C GLU A 1522 -17.23 12.81 -32.04
N CYS A 1523 -17.83 13.94 -32.38
CA CYS A 1523 -17.33 14.79 -33.45
C CYS A 1523 -17.29 14.08 -34.80
N PRO A 1524 -18.43 13.91 -35.47
CA PRO A 1524 -18.44 13.25 -36.78
C PRO A 1524 -17.50 13.88 -37.78
N GLU A 1525 -17.27 13.21 -38.90
CA GLU A 1525 -16.09 13.45 -39.70
C GLU A 1525 -16.38 14.56 -40.72
N GLY A 1526 -15.55 15.60 -40.70
CA GLY A 1526 -15.84 16.85 -41.37
C GLY A 1526 -16.51 17.84 -40.45
N ALA A 1527 -15.87 18.09 -39.30
CA ALA A 1527 -16.52 18.78 -38.19
C ALA A 1527 -16.17 20.26 -38.07
N GLY A 1528 -15.12 20.73 -38.72
CA GLY A 1528 -14.78 22.13 -38.59
C GLY A 1528 -14.60 22.83 -39.92
N GLY A 1529 -15.24 22.31 -40.96
CA GLY A 1529 -15.01 22.81 -42.29
C GLY A 1529 -13.77 22.21 -42.90
N LEU A 1530 -13.37 22.78 -44.03
CA LEU A 1530 -12.17 22.31 -44.71
C LEU A 1530 -10.93 22.80 -43.96
N PRO A 1531 -9.82 22.06 -44.05
CA PRO A 1531 -8.61 22.50 -43.37
C PRO A 1531 -8.09 23.79 -43.96
N PRO A 1532 -7.48 24.64 -43.15
CA PRO A 1532 -7.04 25.94 -43.63
C PRO A 1532 -5.60 25.87 -44.14
N PRO A 1533 -5.13 26.91 -44.83
CA PRO A 1533 -3.74 26.93 -45.29
C PRO A 1533 -2.76 26.79 -44.14
N GLN A 1534 -1.50 26.52 -44.47
CA GLN A 1534 -0.51 26.19 -43.46
C GLN A 1534 0.86 26.66 -43.90
N ARG A 1535 1.77 26.75 -42.93
CA ARG A 1535 3.18 27.03 -43.18
C ARG A 1535 4.00 26.36 -42.09
N THR A 1536 5.30 26.64 -42.09
CA THR A 1536 6.19 26.18 -41.03
C THR A 1536 7.18 27.31 -40.78
N GLN A 1537 6.91 28.13 -39.77
CA GLN A 1537 7.65 29.34 -39.55
C GLN A 1537 9.12 29.05 -39.26
N ARG A 1538 9.95 30.08 -39.39
CA ARG A 1538 11.38 29.95 -39.11
C ARG A 1538 11.63 29.54 -37.67
N SER A 1539 10.69 29.77 -36.77
CA SER A 1539 10.80 29.35 -35.38
C SER A 1539 10.19 27.98 -35.13
N THR A 1540 10.02 27.18 -36.19
CA THR A 1540 9.57 25.79 -36.11
C THR A 1540 8.21 25.67 -35.41
N GLU A 1541 7.21 26.24 -36.08
CA GLU A 1541 5.82 26.13 -35.65
C GLU A 1541 4.92 26.31 -36.85
N ILE A 1542 3.80 25.60 -36.86
CA ILE A 1542 2.87 25.63 -37.97
C ILE A 1542 1.79 26.65 -37.66
N LEU A 1543 1.82 27.79 -38.34
CA LEU A 1543 0.70 28.72 -38.25
C LEU A 1543 -0.21 28.52 -39.44
N GLN A 1544 -1.47 28.91 -39.27
CA GLN A 1544 -2.51 28.57 -40.23
C GLN A 1544 -3.55 29.67 -40.29
N ASP A 1545 -3.79 30.17 -41.51
CA ASP A 1545 -4.73 31.27 -41.70
C ASP A 1545 -6.14 30.85 -41.32
N LEU A 1546 -6.82 31.71 -40.58
CA LEU A 1546 -8.23 31.52 -40.28
C LEU A 1546 -9.03 32.74 -40.70
N THR A 1547 -8.61 33.38 -41.80
CA THR A 1547 -9.30 34.56 -42.29
C THR A 1547 -10.57 34.16 -43.00
N ASP A 1548 -11.61 34.99 -42.84
CA ASP A 1548 -12.91 34.77 -43.47
C ASP A 1548 -13.54 33.45 -43.03
N ARG A 1549 -13.26 33.01 -41.81
CA ARG A 1549 -13.82 31.78 -41.30
C ARG A 1549 -14.29 31.96 -39.86
N ASN A 1550 -15.25 31.12 -39.47
CA ASN A 1550 -15.82 31.15 -38.14
C ASN A 1550 -14.86 30.45 -37.19
N ILE A 1551 -14.28 31.21 -36.26
CA ILE A 1551 -13.22 30.68 -35.41
C ILE A 1551 -13.76 29.91 -34.22
N SER A 1552 -14.83 30.40 -33.58
CA SER A 1552 -15.36 29.72 -32.41
C SER A 1552 -16.13 28.47 -32.75
N ASP A 1553 -15.98 28.03 -33.99
CA ASP A 1553 -16.48 26.76 -34.49
C ASP A 1553 -15.36 25.80 -34.81
N PHE A 1554 -14.38 26.27 -35.59
CA PHE A 1554 -13.17 25.52 -35.86
C PHE A 1554 -12.44 25.15 -34.58
N LEU A 1555 -12.43 26.03 -33.57
CA LEU A 1555 -11.70 25.72 -32.35
C LEU A 1555 -12.42 24.71 -31.48
N VAL A 1556 -13.75 24.79 -31.39
CA VAL A 1556 -14.48 23.85 -30.56
C VAL A 1556 -14.49 22.46 -31.20
N LYS A 1557 -14.67 22.39 -32.52
CA LYS A 1557 -15.00 21.09 -33.10
C LYS A 1557 -13.78 20.31 -33.58
N THR A 1558 -12.57 20.85 -33.44
CA THR A 1558 -11.37 20.12 -33.82
C THR A 1558 -10.41 19.90 -32.65
N TYR A 1559 -10.85 20.12 -31.43
CA TYR A 1559 -10.00 19.93 -30.26
C TYR A 1559 -9.92 18.47 -29.83
N PRO A 1560 -11.03 17.72 -29.78
CA PRO A 1560 -10.91 16.29 -29.48
C PRO A 1560 -10.01 15.55 -30.45
N ALA A 1561 -10.04 15.91 -31.74
CA ALA A 1561 -9.19 15.24 -32.71
C ALA A 1561 -7.71 15.52 -32.49
N LEU A 1562 -7.38 16.55 -31.71
CA LEU A 1562 -5.99 16.83 -31.35
C LEU A 1562 -5.60 16.13 -30.06
N ILE A 1563 -6.48 16.16 -29.06
CA ILE A 1563 -6.18 15.47 -27.81
C ILE A 1563 -6.11 13.96 -27.99
N ARG A 1564 -6.92 13.41 -28.89
CA ARG A 1564 -6.89 11.96 -29.10
C ARG A 1564 -5.56 11.49 -29.67
N SER A 1565 -4.73 12.39 -30.18
CA SER A 1565 -3.40 12.02 -30.63
C SER A 1565 -2.28 12.51 -29.72
N SER A 1566 -2.49 13.60 -28.98
CA SER A 1566 -1.49 14.03 -28.00
C SER A 1566 -1.59 13.28 -26.69
N LEU A 1567 -2.70 12.58 -26.44
CA LEU A 1567 -2.83 11.63 -25.34
C LEU A 1567 -2.12 10.36 -25.76
N LYS A 1568 -2.46 9.23 -25.11
CA LYS A 1568 -1.83 7.91 -25.00
C LYS A 1568 -0.97 7.72 -23.77
N SER A 1569 -0.80 8.76 -22.95
CA SER A 1569 -0.10 8.52 -21.69
C SER A 1569 -0.74 9.18 -20.50
N LYS A 1570 -1.47 10.28 -20.67
CA LYS A 1570 -2.21 11.01 -19.65
C LYS A 1570 -1.26 11.76 -18.71
N PHE A 1571 0.05 11.67 -18.92
CA PHE A 1571 1.05 12.39 -18.12
C PHE A 1571 1.80 13.36 -19.03
N TRP A 1572 1.82 14.63 -18.65
CA TRP A 1572 2.55 15.68 -19.36
C TRP A 1572 2.12 15.76 -20.83
N VAL A 1573 0.85 16.08 -21.03
CA VAL A 1573 0.27 16.16 -22.37
C VAL A 1573 0.67 17.48 -23.03
N ASN A 1574 0.72 17.49 -24.36
CA ASN A 1574 1.23 18.64 -25.09
C ASN A 1574 0.16 19.63 -25.52
N GLU A 1575 -1.04 19.15 -25.87
CA GLU A 1575 -2.21 19.96 -26.23
C GLU A 1575 -2.06 20.60 -27.60
N GLN A 1576 -0.83 20.64 -28.12
CA GLN A 1576 -0.53 20.99 -29.51
C GLN A 1576 -1.09 22.32 -30.00
N ARG A 1577 -1.66 23.13 -29.12
CA ARG A 1577 -2.22 24.41 -29.54
C ARG A 1577 -2.41 25.29 -28.31
N TYR A 1578 -1.71 26.41 -28.26
CA TYR A 1578 -1.72 27.25 -27.08
C TYR A 1578 -2.11 28.70 -27.31
N GLY A 1579 -2.35 29.13 -28.54
CA GLY A 1579 -2.75 30.51 -28.73
C GLY A 1579 -2.68 30.92 -30.19
N GLY A 1580 -2.92 32.22 -30.40
CA GLY A 1580 -2.97 32.81 -31.72
C GLY A 1580 -3.53 34.21 -31.65
N ILE A 1581 -3.39 35.00 -32.71
CA ILE A 1581 -3.68 36.42 -32.69
C ILE A 1581 -4.66 36.75 -33.80
N SER A 1582 -5.67 37.55 -33.47
CA SER A 1582 -6.71 37.98 -34.41
C SER A 1582 -6.64 39.49 -34.56
N ILE A 1583 -6.11 39.95 -35.69
CA ILE A 1583 -5.85 41.37 -35.90
C ILE A 1583 -7.14 42.04 -36.37
N GLY A 1584 -7.64 42.98 -35.57
CA GLY A 1584 -8.80 43.74 -35.98
C GLY A 1584 -9.96 43.65 -35.02
N GLY A 1585 -10.81 44.67 -35.03
CA GLY A 1585 -11.96 44.73 -34.15
C GLY A 1585 -12.02 46.08 -33.48
N LYS A 1586 -13.13 46.80 -33.65
CA LYS A 1586 -13.23 48.15 -33.13
C LYS A 1586 -14.57 48.33 -32.45
N LEU A 1587 -14.57 49.11 -31.37
CA LEU A 1587 -15.79 49.46 -30.68
C LEU A 1587 -16.12 50.93 -30.89
N PRO A 1588 -17.39 51.31 -30.87
CA PRO A 1588 -17.76 52.70 -31.17
C PRO A 1588 -17.45 53.63 -30.01
N VAL A 1589 -16.79 54.75 -30.32
CA VAL A 1589 -16.37 55.71 -29.31
C VAL A 1589 -17.38 56.85 -29.23
N VAL A 1590 -17.31 57.63 -28.17
CA VAL A 1590 -18.25 58.74 -27.98
C VAL A 1590 -18.00 59.80 -29.05
N PRO A 1591 -19.04 60.30 -29.73
CA PRO A 1591 -18.82 61.34 -30.75
C PRO A 1591 -18.55 62.69 -30.14
N ILE A 1592 -18.96 62.89 -28.88
CA ILE A 1592 -18.78 64.19 -28.23
C ILE A 1592 -17.31 64.42 -27.94
N THR A 1593 -16.74 65.42 -28.58
CA THR A 1593 -15.35 65.80 -28.40
C THR A 1593 -15.22 66.64 -27.13
N GLY A 1594 -14.11 67.37 -27.00
CA GLY A 1594 -13.72 68.02 -25.78
C GLY A 1594 -14.17 69.47 -25.71
N GLU A 1595 -13.33 70.37 -26.23
CA GLU A 1595 -13.65 71.79 -26.30
C GLU A 1595 -15.10 72.06 -26.69
N ALA A 1596 -15.69 71.22 -27.56
CA ALA A 1596 -17.10 71.36 -27.85
C ALA A 1596 -17.98 71.01 -26.65
N LEU A 1597 -17.47 70.23 -25.70
CA LEU A 1597 -18.22 69.98 -24.48
C LEU A 1597 -18.01 71.08 -23.46
N VAL A 1598 -16.77 71.58 -23.35
CA VAL A 1598 -16.56 72.67 -22.40
C VAL A 1598 -17.23 73.95 -22.85
N GLY A 1599 -17.46 74.14 -24.15
CA GLY A 1599 -18.26 75.28 -24.58
C GLY A 1599 -19.66 75.23 -24.01
N PHE A 1600 -20.31 74.07 -24.13
CA PHE A 1600 -21.63 73.89 -23.53
C PHE A 1600 -21.60 74.09 -22.03
N LEU A 1601 -20.62 73.49 -21.35
CA LEU A 1601 -20.56 73.60 -19.90
C LEU A 1601 -20.35 75.04 -19.47
N SER A 1602 -19.43 75.75 -20.12
CA SER A 1602 -19.13 77.14 -19.76
C SER A 1602 -20.34 78.03 -20.01
N ASP A 1603 -21.02 77.84 -21.14
CA ASP A 1603 -22.19 78.66 -21.42
C ASP A 1603 -23.30 78.41 -20.43
N LEU A 1604 -23.53 77.14 -20.08
CA LEU A 1604 -24.57 76.82 -19.10
C LEU A 1604 -24.21 77.40 -17.73
N GLY A 1605 -22.94 77.36 -17.37
CA GLY A 1605 -22.53 77.97 -16.11
C GLY A 1605 -22.69 79.48 -16.10
N ARG A 1606 -22.34 80.14 -17.21
CA ARG A 1606 -22.39 81.59 -17.29
C ARG A 1606 -23.82 82.12 -17.41
N ILE A 1607 -24.74 81.34 -17.98
CA ILE A 1607 -26.13 81.79 -18.07
C ILE A 1607 -26.83 81.79 -16.71
N MET A 1608 -26.32 81.04 -15.74
CA MET A 1608 -26.92 80.99 -14.42
C MET A 1608 -25.98 81.42 -13.30
N ASN A 1609 -24.86 82.09 -13.63
CA ASN A 1609 -23.98 82.70 -12.63
C ASN A 1609 -23.38 81.68 -11.67
N VAL A 1610 -22.56 80.76 -12.18
CA VAL A 1610 -21.84 79.83 -11.32
C VAL A 1610 -20.35 80.18 -11.33
N SER A 1611 -19.71 80.05 -12.49
CA SER A 1611 -18.35 80.49 -12.76
C SER A 1611 -17.28 79.66 -12.03
N GLY A 1612 -17.68 78.72 -11.18
CA GLY A 1612 -16.70 77.83 -10.56
C GLY A 1612 -15.75 78.56 -9.64
N GLY A 1613 -14.54 78.02 -9.51
CA GLY A 1613 -13.53 78.61 -8.65
C GLY A 1613 -12.13 78.21 -9.04
N PRO A 1614 -11.26 77.97 -8.04
CA PRO A 1614 -9.88 77.60 -8.32
C PRO A 1614 -9.69 76.11 -8.60
N ILE A 1615 -10.58 75.27 -8.05
CA ILE A 1615 -10.51 73.85 -8.35
C ILE A 1615 -11.02 73.58 -9.76
N THR A 1616 -12.09 74.26 -10.17
CA THR A 1616 -12.66 74.03 -11.49
C THR A 1616 -11.70 74.45 -12.59
N ARG A 1617 -11.01 75.58 -12.42
CA ARG A 1617 -10.09 76.03 -13.45
C ARG A 1617 -8.91 75.11 -13.62
N GLU A 1618 -8.58 74.31 -12.61
CA GLU A 1618 -7.52 73.32 -12.72
C GLU A 1618 -8.02 71.97 -13.16
N ALA A 1619 -9.29 71.66 -12.91
CA ALA A 1619 -9.88 70.40 -13.35
C ALA A 1619 -10.49 70.46 -14.73
N SER A 1620 -10.58 71.64 -15.33
CA SER A 1620 -11.12 71.78 -16.68
C SER A 1620 -10.07 72.09 -17.72
N LYS A 1621 -8.79 72.07 -17.37
CA LYS A 1621 -7.73 72.28 -18.33
C LYS A 1621 -7.15 70.99 -18.89
N GLU A 1622 -7.77 69.85 -18.55
CA GLU A 1622 -7.24 68.53 -18.90
C GLU A 1622 -8.29 67.70 -19.63
N ILE A 1623 -9.44 68.29 -19.93
CA ILE A 1623 -10.59 67.56 -20.42
C ILE A 1623 -10.43 66.99 -21.84
N PRO A 1624 -9.74 67.64 -22.79
CA PRO A 1624 -9.65 67.04 -24.12
C PRO A 1624 -8.62 65.93 -24.22
N ASP A 1625 -7.83 65.72 -23.17
CA ASP A 1625 -6.99 64.55 -23.03
C ASP A 1625 -7.58 63.53 -22.06
N PHE A 1626 -8.63 63.90 -21.33
CA PHE A 1626 -9.33 62.95 -20.48
C PHE A 1626 -10.45 62.24 -21.23
N LEU A 1627 -11.20 62.97 -22.05
CA LEU A 1627 -12.26 62.35 -22.83
C LEU A 1627 -11.74 61.57 -24.03
N LYS A 1628 -10.42 61.51 -24.21
CA LYS A 1628 -9.82 60.75 -25.29
C LYS A 1628 -9.30 59.39 -24.84
N HIS A 1629 -8.92 59.26 -23.57
CA HIS A 1629 -8.29 58.04 -23.08
C HIS A 1629 -9.27 57.04 -22.47
N LEU A 1630 -10.57 57.35 -22.42
CA LEU A 1630 -11.52 56.38 -21.92
C LEU A 1630 -11.58 55.13 -22.78
N GLU A 1631 -11.64 55.30 -24.10
CA GLU A 1631 -11.80 54.18 -25.01
C GLU A 1631 -10.87 54.34 -26.20
N THR A 1632 -10.20 53.25 -26.56
CA THR A 1632 -9.32 53.19 -27.73
C THR A 1632 -10.09 52.53 -28.86
N GLU A 1633 -10.00 53.12 -30.06
CA GLU A 1633 -10.92 52.74 -31.13
C GLU A 1633 -10.57 51.39 -31.72
N ASP A 1634 -9.39 51.27 -32.32
CA ASP A 1634 -8.99 50.06 -33.05
C ASP A 1634 -7.94 49.30 -32.24
N ASN A 1635 -8.16 48.00 -32.10
CA ASN A 1635 -7.37 47.20 -31.17
C ASN A 1635 -7.51 45.73 -31.52
N ILE A 1636 -6.52 44.95 -31.10
CA ILE A 1636 -6.43 43.53 -31.47
C ILE A 1636 -6.80 42.68 -30.26
N LYS A 1637 -6.91 41.37 -30.46
CA LYS A 1637 -7.23 40.46 -29.37
C LYS A 1637 -6.46 39.16 -29.55
N VAL A 1638 -6.08 38.55 -28.43
CA VAL A 1638 -5.23 37.37 -28.42
C VAL A 1638 -5.99 36.22 -27.78
N TRP A 1639 -5.94 35.05 -28.41
CA TRP A 1639 -6.59 33.86 -27.92
C TRP A 1639 -5.56 33.02 -27.17
N PHE A 1640 -5.91 32.54 -25.99
CA PHE A 1640 -4.99 31.74 -25.20
C PHE A 1640 -5.72 30.52 -24.66
N ASN A 1641 -4.94 29.47 -24.39
CA ASN A 1641 -5.45 28.21 -23.87
C ASN A 1641 -4.86 28.00 -22.49
N ASN A 1642 -5.72 27.94 -21.48
CA ASN A 1642 -5.27 27.97 -20.09
C ASN A 1642 -4.72 26.64 -19.60
N LYS A 1643 -4.79 25.58 -20.39
CA LYS A 1643 -4.24 24.30 -19.98
C LYS A 1643 -2.73 24.35 -19.83
N GLY A 1644 -2.07 25.38 -20.37
CA GLY A 1644 -0.67 25.64 -20.10
C GLY A 1644 -0.57 26.87 -19.22
N TRP A 1645 0.13 26.75 -18.10
CA TRP A 1645 0.03 27.75 -17.04
C TRP A 1645 0.49 29.12 -17.52
N HIS A 1646 1.58 29.17 -18.27
CA HIS A 1646 2.22 30.43 -18.64
C HIS A 1646 1.93 30.84 -20.08
N ALA A 1647 0.79 30.43 -20.63
CA ALA A 1647 0.45 30.74 -22.01
C ALA A 1647 -0.28 32.06 -22.16
N LEU A 1648 -0.68 32.70 -21.06
CA LEU A 1648 -1.33 34.00 -21.13
C LEU A 1648 -0.30 35.11 -21.36
N VAL A 1649 0.65 35.22 -20.42
CA VAL A 1649 1.67 36.26 -20.49
C VAL A 1649 2.73 35.97 -21.55
N SER A 1650 2.76 34.76 -22.10
CA SER A 1650 3.66 34.47 -23.20
C SER A 1650 3.17 35.06 -24.51
N PHE A 1651 1.86 35.12 -24.70
CA PHE A 1651 1.30 35.66 -25.93
C PHE A 1651 0.90 37.12 -25.81
N LEU A 1652 0.60 37.60 -24.60
CA LEU A 1652 0.46 39.04 -24.42
C LEU A 1652 1.76 39.75 -24.79
N ASN A 1653 2.89 39.13 -24.44
CA ASN A 1653 4.20 39.64 -24.85
C ASN A 1653 4.34 39.65 -26.36
N VAL A 1654 3.89 38.59 -27.02
CA VAL A 1654 3.98 38.53 -28.48
C VAL A 1654 3.19 39.67 -29.11
N ALA A 1655 1.98 39.91 -28.62
CA ALA A 1655 1.15 40.98 -29.16
C ALA A 1655 1.82 42.35 -28.98
N HIS A 1656 2.32 42.63 -27.77
CA HIS A 1656 2.97 43.92 -27.56
C HIS A 1656 4.23 44.06 -28.39
N ASN A 1657 4.98 42.99 -28.55
CA ASN A 1657 6.23 43.02 -29.27
C ASN A 1657 5.99 43.21 -30.77
N ALA A 1658 4.84 42.75 -31.27
CA ALA A 1658 4.49 43.04 -32.67
C ALA A 1658 3.98 44.46 -32.83
N ILE A 1659 3.22 44.97 -31.85
CA ILE A 1659 2.75 46.36 -31.92
C ILE A 1659 3.94 47.32 -31.96
N LEU A 1660 5.00 46.99 -31.22
CA LEU A 1660 6.19 47.84 -31.25
C LEU A 1660 6.75 47.94 -32.67
N ARG A 1661 6.98 46.80 -33.32
CA ARG A 1661 7.57 46.79 -34.66
C ARG A 1661 6.60 47.25 -35.73
N ALA A 1662 5.32 47.38 -35.42
CA ALA A 1662 4.40 47.84 -36.45
C ALA A 1662 4.40 49.35 -36.65
N SER A 1663 5.16 50.12 -35.88
CA SER A 1663 5.05 51.57 -35.95
C SER A 1663 6.38 52.33 -35.90
N LEU A 1664 7.52 51.64 -35.90
CA LEU A 1664 8.79 52.35 -35.93
C LEU A 1664 9.04 52.91 -37.33
N PRO A 1665 9.86 53.95 -37.45
CA PRO A 1665 10.04 54.59 -38.77
C PRO A 1665 10.62 53.64 -39.81
N LYS A 1666 10.62 54.11 -41.06
CA LYS A 1666 10.89 53.24 -42.20
C LYS A 1666 12.37 53.12 -42.51
N ASP A 1667 13.24 53.32 -41.52
CA ASP A 1667 14.66 53.15 -41.74
C ASP A 1667 15.36 52.44 -40.60
N ARG A 1668 14.68 51.56 -39.86
CA ARG A 1668 15.29 50.95 -38.69
C ARG A 1668 15.24 49.42 -38.67
N SER A 1669 14.73 48.77 -39.73
CA SER A 1669 14.88 47.33 -39.86
C SER A 1669 14.28 46.59 -38.67
N PRO A 1670 12.97 46.48 -38.58
CA PRO A 1670 12.33 46.03 -37.34
C PRO A 1670 12.78 44.67 -36.81
N GLU A 1671 13.65 43.95 -37.51
CA GLU A 1671 14.20 42.73 -36.94
C GLU A 1671 15.42 43.00 -36.08
N GLU A 1672 15.33 44.01 -35.21
CA GLU A 1672 16.32 44.25 -34.16
C GLU A 1672 15.71 44.61 -32.83
N TYR A 1673 14.49 45.12 -32.79
CA TYR A 1673 13.86 45.56 -31.55
C TYR A 1673 13.11 44.40 -30.91
N GLY A 1674 12.79 44.56 -29.64
CA GLY A 1674 12.03 43.54 -28.95
C GLY A 1674 12.02 43.80 -27.47
N ILE A 1675 11.19 43.01 -26.79
CA ILE A 1675 11.01 43.08 -25.35
C ILE A 1675 10.92 41.65 -24.84
N THR A 1676 11.56 41.38 -23.69
CA THR A 1676 11.43 40.08 -23.05
C THR A 1676 11.05 40.30 -21.59
N VAL A 1677 10.26 39.37 -21.06
CA VAL A 1677 9.77 39.46 -19.69
C VAL A 1677 10.26 38.24 -18.93
N ILE A 1678 10.78 38.47 -17.73
CA ILE A 1678 11.23 37.43 -16.83
C ILE A 1678 10.35 37.48 -15.59
N SER A 1679 9.99 36.31 -15.06
CA SER A 1679 9.09 36.22 -13.92
C SER A 1679 9.81 35.51 -12.78
N GLN A 1680 10.58 36.26 -12.01
CA GLN A 1680 11.33 35.71 -10.89
C GLN A 1680 10.66 36.07 -9.58
N PRO A 1681 10.11 35.12 -8.85
CA PRO A 1681 9.36 35.47 -7.63
C PRO A 1681 10.24 36.02 -6.53
N LEU A 1682 9.63 36.28 -5.38
CA LEU A 1682 10.27 36.92 -4.25
C LEU A 1682 10.51 35.90 -3.14
N ASN A 1683 11.48 36.19 -2.27
CA ASN A 1683 11.90 35.23 -1.26
C ASN A 1683 10.73 34.81 -0.38
N LEU A 1684 10.73 33.54 0.02
CA LEU A 1684 9.70 33.02 0.89
C LEU A 1684 9.81 33.66 2.28
N THR A 1685 8.71 33.64 3.02
CA THR A 1685 8.53 34.58 4.12
C THR A 1685 8.23 33.89 5.45
N LYS A 1686 8.87 32.74 5.71
CA LYS A 1686 8.87 32.08 7.02
C LYS A 1686 7.48 31.66 7.47
N GLU A 1687 6.46 31.90 6.66
CA GLU A 1687 5.11 31.48 6.98
C GLU A 1687 4.69 30.50 5.88
N GLN A 1688 5.24 30.72 4.69
CA GLN A 1688 5.11 29.80 3.59
C GLN A 1688 6.24 28.78 3.55
N LEU A 1689 7.21 28.89 4.46
CA LEU A 1689 8.24 27.89 4.60
C LEU A 1689 7.84 26.77 5.55
N SER A 1690 6.85 27.01 6.42
CA SER A 1690 6.37 25.94 7.29
C SER A 1690 5.79 24.78 6.47
N GLU A 1691 5.03 25.10 5.43
CA GLU A 1691 4.45 24.06 4.59
C GLU A 1691 5.54 23.32 3.83
N ILE A 1692 6.56 24.04 3.35
CA ILE A 1692 7.68 23.39 2.67
C ILE A 1692 8.39 22.45 3.63
N THR A 1693 8.58 22.88 4.88
CA THR A 1693 9.21 22.03 5.88
C THR A 1693 8.38 20.78 6.14
N VAL A 1694 7.06 20.93 6.21
CA VAL A 1694 6.19 19.77 6.43
C VAL A 1694 6.35 18.78 5.29
N LEU A 1695 6.29 19.27 4.05
CA LEU A 1695 6.44 18.38 2.90
C LEU A 1695 7.83 17.76 2.85
N THR A 1696 8.84 18.45 3.36
CA THR A 1696 10.20 17.92 3.34
C THR A 1696 10.38 16.83 4.38
N THR A 1697 9.90 17.04 5.61
CA THR A 1697 9.98 16.00 6.63
C THR A 1697 9.04 14.84 6.37
N SER A 1698 8.05 15.02 5.51
CA SER A 1698 7.17 13.89 5.17
C SER A 1698 7.92 12.77 4.47
N VAL A 1699 9.02 13.07 3.78
CA VAL A 1699 9.75 12.00 3.10
C VAL A 1699 10.80 11.38 4.02
N ASP A 1700 11.10 12.01 5.16
CA ASP A 1700 11.92 11.38 6.18
C ASP A 1700 11.10 10.60 7.18
N ALA A 1701 9.82 10.91 7.32
CA ALA A 1701 8.90 10.07 8.07
C ALA A 1701 8.60 8.76 7.37
N VAL A 1702 9.25 8.49 6.23
CA VAL A 1702 9.12 7.21 5.53
C VAL A 1702 10.46 6.48 5.68
N VAL A 1703 11.55 7.23 5.65
CA VAL A 1703 12.85 6.65 5.97
C VAL A 1703 12.85 6.11 7.40
N ALA A 1704 12.19 6.82 8.31
CA ALA A 1704 12.07 6.33 9.69
C ALA A 1704 11.34 5.00 9.74
N ILE A 1705 10.24 4.88 8.99
CA ILE A 1705 9.48 3.64 8.96
C ILE A 1705 10.33 2.51 8.39
N CYS A 1706 11.08 2.80 7.31
CA CYS A 1706 11.90 1.77 6.70
C CYS A 1706 13.02 1.32 7.64
N VAL A 1707 13.61 2.25 8.39
CA VAL A 1707 14.65 1.87 9.34
C VAL A 1707 14.07 1.03 10.47
N ILE A 1708 12.88 1.38 10.95
CA ILE A 1708 12.24 0.58 11.99
C ILE A 1708 11.96 -0.83 11.48
N PHE A 1709 11.43 -0.94 10.25
CA PHE A 1709 11.08 -2.24 9.70
C PHE A 1709 12.31 -3.05 9.29
N SER A 1710 13.45 -2.40 9.08
CA SER A 1710 14.66 -3.09 8.69
C SER A 1710 15.58 -3.44 9.86
N MET A 1711 15.46 -2.75 10.99
CA MET A 1711 16.21 -3.11 12.19
C MET A 1711 15.49 -4.16 13.03
N SER A 1712 14.31 -4.60 12.62
CA SER A 1712 13.57 -5.63 13.33
C SER A 1712 13.76 -7.01 12.73
N PHE A 1713 14.49 -7.13 11.62
CA PHE A 1713 14.86 -8.43 11.10
C PHE A 1713 15.99 -9.08 11.89
N VAL A 1714 16.74 -8.30 12.65
CA VAL A 1714 17.85 -8.82 13.43
C VAL A 1714 17.34 -9.45 14.72
N PRO A 1715 16.49 -8.77 15.51
CA PRO A 1715 15.96 -9.44 16.73
C PRO A 1715 15.06 -10.62 16.42
N ALA A 1716 14.49 -10.70 15.22
CA ALA A 1716 13.65 -11.84 14.87
C ALA A 1716 14.46 -13.03 14.41
N SER A 1717 15.77 -12.88 14.24
CA SER A 1717 16.65 -13.99 13.90
C SER A 1717 17.26 -14.66 15.13
N PHE A 1718 16.98 -14.14 16.32
CA PHE A 1718 17.38 -14.79 17.56
C PHE A 1718 16.25 -15.63 18.14
N VAL A 1719 15.02 -15.15 18.00
CA VAL A 1719 13.87 -15.93 18.43
C VAL A 1719 13.77 -17.24 17.66
N LEU A 1720 14.24 -17.28 16.41
CA LEU A 1720 14.26 -18.56 15.70
C LEU A 1720 15.16 -19.56 16.38
N TYR A 1721 16.36 -19.15 16.76
CA TYR A 1721 17.26 -20.06 17.47
C TYR A 1721 16.67 -20.48 18.80
N LEU A 1722 16.07 -19.53 19.53
CA LEU A 1722 15.48 -19.87 20.81
C LEU A 1722 14.35 -20.87 20.66
N ILE A 1723 13.51 -20.70 19.63
CA ILE A 1723 12.40 -21.62 19.41
C ILE A 1723 12.92 -22.99 19.03
N GLN A 1724 13.90 -23.05 18.13
CA GLN A 1724 14.44 -24.35 17.74
C GLN A 1724 15.11 -25.05 18.92
N GLU A 1725 15.67 -24.27 19.85
CA GLU A 1725 16.35 -24.89 20.98
C GLU A 1725 15.38 -25.28 22.09
N ARG A 1726 14.24 -24.60 22.20
CA ARG A 1726 13.25 -24.98 23.22
C ARG A 1726 12.61 -26.31 22.87
N VAL A 1727 12.19 -26.47 21.61
CA VAL A 1727 11.80 -27.78 21.10
C VAL A 1727 13.07 -28.59 20.97
N ASN A 1728 12.93 -29.88 20.68
CA ASN A 1728 13.93 -30.95 20.62
C ASN A 1728 14.68 -31.06 21.95
N LYS A 1729 14.20 -30.36 22.97
CA LYS A 1729 14.65 -30.55 24.35
C LYS A 1729 16.15 -30.40 24.50
N SER A 1730 16.72 -29.42 23.80
CA SER A 1730 18.14 -29.12 23.96
C SER A 1730 18.42 -28.12 25.06
N LYS A 1731 17.45 -27.24 25.35
CA LYS A 1731 17.56 -26.34 26.49
C LYS A 1731 17.31 -27.06 27.81
N HIS A 1732 16.35 -27.98 27.82
CA HIS A 1732 16.11 -28.78 29.01
C HIS A 1732 17.32 -29.63 29.38
N LEU A 1733 18.05 -30.14 28.38
CA LEU A 1733 19.23 -30.93 28.66
C LEU A 1733 20.30 -30.11 29.38
N GLN A 1734 20.52 -28.87 28.93
CA GLN A 1734 21.47 -28.01 29.62
C GLN A 1734 20.98 -27.66 31.02
N PHE A 1735 19.68 -27.45 31.17
CA PHE A 1735 19.14 -27.18 32.50
C PHE A 1735 19.40 -28.37 33.43
N ILE A 1736 19.25 -29.59 32.91
CA ILE A 1736 19.51 -30.78 33.71
C ILE A 1736 20.98 -30.86 34.09
N SER A 1737 21.87 -30.63 33.13
CA SER A 1737 23.30 -30.58 33.48
C SER A 1737 23.60 -29.42 34.41
N GLY A 1738 22.70 -28.45 34.51
CA GLY A 1738 22.78 -27.37 35.47
C GLY A 1738 23.31 -26.09 34.88
N VAL A 1739 22.41 -25.19 34.49
CA VAL A 1739 22.81 -23.91 33.93
C VAL A 1739 22.01 -22.80 34.62
N SER A 1740 21.12 -23.18 35.55
CA SER A 1740 20.50 -22.19 36.43
C SER A 1740 19.87 -21.05 35.65
N PRO A 1741 18.66 -21.22 35.10
CA PRO A 1741 18.19 -20.43 33.95
C PRO A 1741 18.60 -18.97 33.89
N THR A 1742 18.82 -18.34 35.05
CA THR A 1742 19.32 -16.98 35.07
C THR A 1742 20.57 -16.83 34.21
N THR A 1743 21.55 -17.70 34.40
CA THR A 1743 22.78 -17.60 33.62
C THR A 1743 22.52 -17.88 32.14
N TYR A 1744 21.64 -18.82 31.83
CA TYR A 1744 21.31 -19.10 30.44
C TYR A 1744 20.78 -17.85 29.74
N TRP A 1745 19.80 -17.20 30.35
CA TRP A 1745 19.22 -16.01 29.72
C TRP A 1745 20.20 -14.85 29.68
N VAL A 1746 20.99 -14.67 30.75
CA VAL A 1746 21.94 -13.56 30.76
C VAL A 1746 23.00 -13.73 29.69
N THR A 1747 23.52 -14.95 29.54
CA THR A 1747 24.53 -15.20 28.51
C THR A 1747 23.94 -15.02 27.12
N ASN A 1748 22.71 -15.48 26.90
CA ASN A 1748 22.08 -15.29 25.60
C ASN A 1748 21.94 -13.80 25.28
N PHE A 1749 21.47 -13.01 26.24
CA PHE A 1749 21.31 -11.58 26.00
C PHE A 1749 22.66 -10.90 25.76
N LEU A 1750 23.68 -11.28 26.53
CA LEU A 1750 25.00 -10.68 26.37
C LEU A 1750 25.63 -11.00 25.02
N TRP A 1751 25.33 -12.17 24.47
CA TRP A 1751 25.80 -12.44 23.12
C TRP A 1751 24.97 -11.72 22.07
N ASP A 1752 23.66 -11.61 22.32
CA ASP A 1752 22.77 -10.99 21.33
C ASP A 1752 23.10 -9.52 21.13
N ILE A 1753 23.43 -8.81 22.21
CA ILE A 1753 23.76 -7.40 22.09
C ILE A 1753 25.00 -7.20 21.21
N MET A 1754 26.05 -7.98 21.46
CA MET A 1754 27.27 -7.83 20.68
C MET A 1754 27.03 -8.22 19.23
N ASN A 1755 26.17 -9.20 18.98
CA ASN A 1755 25.88 -9.58 17.60
C ASN A 1755 25.11 -8.47 16.89
N TYR A 1756 24.18 -7.82 17.60
CA TYR A 1756 23.37 -6.75 16.99
C TYR A 1756 24.20 -5.50 16.73
N SER A 1757 25.21 -5.24 17.56
CA SER A 1757 26.01 -4.04 17.39
C SER A 1757 26.68 -3.99 16.04
N VAL A 1758 27.03 -5.14 15.46
CA VAL A 1758 27.69 -5.15 14.16
C VAL A 1758 26.75 -4.62 13.08
N SER A 1759 25.50 -5.08 13.08
CA SER A 1759 24.52 -4.58 12.12
C SER A 1759 24.24 -3.10 12.35
N ALA A 1760 24.15 -2.68 13.62
CA ALA A 1760 23.95 -1.27 13.89
C ALA A 1760 25.09 -0.42 13.35
N GLY A 1761 26.33 -0.88 13.55
CA GLY A 1761 27.47 -0.17 12.99
C GLY A 1761 27.47 -0.13 11.48
N LEU A 1762 27.04 -1.21 10.84
CA LEU A 1762 26.95 -1.20 9.38
C LEU A 1762 25.92 -0.20 8.88
N VAL A 1763 24.77 -0.11 9.55
CA VAL A 1763 23.76 0.86 9.16
C VAL A 1763 24.29 2.28 9.36
N VAL A 1764 24.97 2.53 10.48
CA VAL A 1764 25.56 3.84 10.70
C VAL A 1764 26.58 4.15 9.60
N GLY A 1765 27.33 3.13 9.17
CA GLY A 1765 28.27 3.34 8.09
C GLY A 1765 27.60 3.74 6.79
N ILE A 1766 26.47 3.10 6.47
CA ILE A 1766 25.74 3.48 5.27
C ILE A 1766 25.23 4.92 5.38
N PHE A 1767 24.72 5.29 6.56
CA PHE A 1767 24.27 6.67 6.75
C PHE A 1767 25.40 7.66 6.55
N ILE A 1768 26.59 7.36 7.10
CA ILE A 1768 27.74 8.22 6.89
C ILE A 1768 28.10 8.27 5.40
N GLY A 1769 27.95 7.14 4.71
CA GLY A 1769 28.27 7.10 3.29
C GLY A 1769 27.40 8.01 2.46
N PHE A 1770 26.10 8.06 2.79
CA PHE A 1770 25.22 8.95 2.03
C PHE A 1770 25.49 10.43 2.32
N GLN A 1771 26.27 10.75 3.36
CA GLN A 1771 26.68 12.12 3.65
C GLN A 1771 25.48 13.05 3.82
N LYS A 1772 24.41 12.52 4.39
CA LYS A 1772 23.21 13.31 4.64
C LYS A 1772 23.41 14.23 5.83
N LYS A 1773 22.80 15.41 5.78
CA LYS A 1773 22.77 16.27 6.95
C LYS A 1773 21.73 15.74 7.94
N ALA A 1774 21.77 16.32 9.15
CA ALA A 1774 20.81 16.06 10.21
C ALA A 1774 21.01 14.69 10.86
N TYR A 1775 21.84 13.87 10.26
CA TYR A 1775 22.23 12.60 10.87
C TYR A 1775 23.74 12.44 10.95
N THR A 1776 24.46 12.86 9.91
CA THR A 1776 25.90 12.66 9.83
C THR A 1776 26.68 13.94 10.09
N SER A 1777 26.02 14.98 10.56
CA SER A 1777 26.73 16.18 10.98
C SER A 1777 27.54 15.88 12.23
N PRO A 1778 28.60 16.64 12.49
CA PRO A 1778 29.42 16.37 13.68
C PRO A 1778 28.66 16.48 14.98
N GLU A 1779 27.51 17.15 14.99
CA GLU A 1779 26.76 17.32 16.23
C GLU A 1779 25.69 16.27 16.43
N ASN A 1780 25.12 15.71 15.35
CA ASN A 1780 24.01 14.79 15.44
C ASN A 1780 24.42 13.33 15.36
N LEU A 1781 25.65 13.03 14.95
CA LEU A 1781 26.08 11.63 14.82
C LEU A 1781 26.00 10.87 16.14
N PRO A 1782 26.43 11.41 17.28
CA PRO A 1782 26.15 10.72 18.54
C PRO A 1782 24.67 10.52 18.80
N ALA A 1783 23.82 11.47 18.42
CA ALA A 1783 22.39 11.32 18.58
C ALA A 1783 21.81 10.22 17.71
N LEU A 1784 22.46 9.89 16.59
CA LEU A 1784 22.02 8.75 15.79
C LEU A 1784 22.55 7.43 16.34
N VAL A 1785 23.80 7.41 16.79
CA VAL A 1785 24.38 6.17 17.32
C VAL A 1785 23.67 5.75 18.60
N ALA A 1786 23.46 6.68 19.52
CA ALA A 1786 22.77 6.36 20.76
C ALA A 1786 21.29 6.06 20.54
N LEU A 1787 20.76 6.41 19.38
CA LEU A 1787 19.39 6.06 19.03
C LEU A 1787 19.27 4.67 18.44
N LEU A 1788 20.25 4.26 17.64
CA LEU A 1788 20.24 2.91 17.09
C LEU A 1788 20.65 1.83 18.08
N LEU A 1789 21.59 2.11 18.99
CA LEU A 1789 22.00 1.08 19.94
C LEU A 1789 20.92 0.80 20.98
N LEU A 1790 20.37 1.85 21.57
CA LEU A 1790 19.35 1.67 22.59
C LEU A 1790 18.12 0.99 22.05
N TYR A 1791 17.84 1.14 20.75
CA TYR A 1791 16.69 0.43 20.17
C TYR A 1791 16.87 -1.07 20.28
N GLY A 1792 18.05 -1.58 19.95
CA GLY A 1792 18.30 -3.00 20.13
C GLY A 1792 18.27 -3.40 21.59
N TRP A 1793 18.95 -2.61 22.44
CA TRP A 1793 18.89 -2.82 23.89
C TRP A 1793 17.46 -3.04 24.37
N ALA A 1794 16.52 -2.28 23.83
CA ALA A 1794 15.15 -2.35 24.34
C ALA A 1794 14.34 -3.45 23.67
N VAL A 1795 14.55 -3.67 22.38
CA VAL A 1795 13.65 -4.55 21.64
C VAL A 1795 14.08 -6.02 21.69
N ILE A 1796 15.36 -6.32 21.95
CA ILE A 1796 15.76 -7.72 22.09
C ILE A 1796 15.04 -8.43 23.23
N PRO A 1797 15.02 -7.90 24.47
CA PRO A 1797 14.27 -8.60 25.52
C PRO A 1797 12.77 -8.64 25.30
N MET A 1798 12.24 -7.77 24.44
CA MET A 1798 10.78 -7.72 24.27
C MET A 1798 10.27 -8.90 23.46
N MET A 1799 11.07 -9.42 22.54
CA MET A 1799 10.67 -10.58 21.74
C MET A 1799 11.04 -11.91 22.39
N TYR A 1800 11.79 -11.90 23.49
CA TYR A 1800 12.12 -13.15 24.16
C TYR A 1800 10.90 -13.91 24.67
N PRO A 1801 9.90 -13.28 25.30
CA PRO A 1801 8.69 -14.03 25.67
C PRO A 1801 7.90 -14.56 24.49
N ALA A 1802 8.27 -14.21 23.25
CA ALA A 1802 7.62 -14.80 22.09
C ALA A 1802 8.25 -16.13 21.69
N SER A 1803 9.33 -16.54 22.35
CA SER A 1803 9.91 -17.86 22.14
C SER A 1803 9.12 -18.97 22.81
N PHE A 1804 8.19 -18.63 23.70
CA PHE A 1804 7.42 -19.63 24.42
C PHE A 1804 6.07 -19.93 23.77
N LEU A 1805 5.62 -19.10 22.84
CA LEU A 1805 4.27 -19.22 22.30
C LEU A 1805 4.24 -19.82 20.91
N PHE A 1806 5.39 -20.12 20.31
CA PHE A 1806 5.45 -20.69 18.97
C PHE A 1806 6.23 -21.99 19.00
N ASP A 1807 5.96 -22.85 18.03
CA ASP A 1807 6.69 -24.10 17.88
C ASP A 1807 7.34 -24.28 16.52
N VAL A 1808 6.95 -23.49 15.52
CA VAL A 1808 7.51 -23.55 14.19
C VAL A 1808 8.26 -22.25 13.94
N PRO A 1809 9.56 -22.29 13.61
CA PRO A 1809 10.29 -21.03 13.40
C PRO A 1809 9.71 -20.15 12.29
N SER A 1810 9.21 -20.75 11.21
CA SER A 1810 8.73 -19.96 10.09
C SER A 1810 7.48 -19.17 10.46
N THR A 1811 6.55 -19.79 11.18
CA THR A 1811 5.35 -19.08 11.60
C THR A 1811 5.68 -17.93 12.52
N ALA A 1812 6.65 -18.12 13.42
CA ALA A 1812 7.07 -17.02 14.28
C ALA A 1812 7.72 -15.89 13.48
N TYR A 1813 8.56 -16.24 12.51
CA TYR A 1813 9.21 -15.22 11.70
C TYR A 1813 8.22 -14.44 10.85
N VAL A 1814 7.15 -15.10 10.38
CA VAL A 1814 6.08 -14.40 9.68
C VAL A 1814 5.25 -13.52 10.61
N ALA A 1815 4.85 -14.03 11.77
CA ALA A 1815 3.99 -13.29 12.68
C ALA A 1815 4.72 -12.17 13.41
N LEU A 1816 6.05 -12.17 13.42
CA LEU A 1816 6.78 -11.09 14.07
C LEU A 1816 7.06 -9.91 13.16
N SER A 1817 7.49 -10.16 11.92
CA SER A 1817 7.77 -9.10 10.97
C SER A 1817 6.52 -8.40 10.48
N CYS A 1818 5.34 -8.96 10.74
CA CYS A 1818 4.09 -8.26 10.48
C CYS A 1818 3.61 -7.42 11.65
N ALA A 1819 3.70 -7.93 12.88
CA ALA A 1819 3.39 -7.13 14.04
C ALA A 1819 4.31 -5.94 14.20
N ASN A 1820 5.62 -6.12 14.00
CA ASN A 1820 6.54 -4.99 14.07
C ASN A 1820 6.26 -3.94 13.02
N LEU A 1821 5.97 -4.36 11.78
CA LEU A 1821 5.60 -3.40 10.74
C LEU A 1821 4.30 -2.68 11.08
N PHE A 1822 3.31 -3.39 11.59
CA PHE A 1822 2.04 -2.76 11.93
C PHE A 1822 2.23 -1.72 13.01
N ILE A 1823 3.02 -2.03 14.05
CA ILE A 1823 3.25 -1.04 15.10
C ILE A 1823 4.09 0.12 14.58
N GLY A 1824 5.06 -0.15 13.71
CA GLY A 1824 5.95 0.90 13.25
C GLY A 1824 5.38 1.81 12.18
N ILE A 1825 4.28 1.40 11.55
CA ILE A 1825 3.60 2.29 10.62
C ILE A 1825 2.69 3.24 11.40
N ASN A 1826 2.01 2.71 12.42
CA ASN A 1826 1.02 3.49 13.14
C ASN A 1826 1.57 4.30 14.30
N SER A 1827 2.77 3.99 14.78
CA SER A 1827 3.37 4.78 15.84
C SER A 1827 4.14 5.99 15.34
N SER A 1828 4.43 6.06 14.04
CA SER A 1828 5.19 7.17 13.48
C SER A 1828 4.45 7.89 12.37
N ALA A 1829 3.16 7.64 12.21
CA ALA A 1829 2.35 8.35 11.23
C ALA A 1829 1.15 9.04 11.86
N ILE A 1830 0.51 8.39 12.84
CA ILE A 1830 -0.63 9.01 13.52
C ILE A 1830 -0.20 10.32 14.17
N THR A 1831 0.90 10.30 14.90
CA THR A 1831 1.38 11.50 15.57
C THR A 1831 1.90 12.54 14.59
N PHE A 1832 2.33 12.11 13.41
CA PHE A 1832 2.77 13.06 12.39
C PHE A 1832 1.58 13.78 11.77
N ILE A 1833 0.51 13.06 11.48
CA ILE A 1833 -0.61 13.63 10.73
C ILE A 1833 -1.60 14.29 11.68
N LEU A 1834 -1.48 14.06 12.98
CA LEU A 1834 -2.36 14.72 13.94
C LEU A 1834 -1.79 16.02 14.49
N GLU A 1835 -0.61 16.45 14.03
CA GLU A 1835 -0.07 17.74 14.44
C GLU A 1835 -0.37 18.84 13.44
N LEU A 1836 -0.97 18.52 12.30
CA LEU A 1836 -1.27 19.54 11.30
C LEU A 1836 -2.54 20.30 11.60
N PHE A 1837 -3.36 19.82 12.53
CA PHE A 1837 -4.62 20.47 12.89
C PHE A 1837 -4.34 21.41 14.06
N GLU A 1838 -4.06 22.67 13.76
CA GLU A 1838 -3.78 23.65 14.82
C GLU A 1838 -5.05 24.03 15.57
N ASN A 1839 -6.20 23.84 14.98
CA ASN A 1839 -7.50 24.09 15.59
C ASN A 1839 -8.03 22.78 16.20
N ASN A 1840 -9.33 22.75 16.48
CA ASN A 1840 -10.16 21.63 16.94
C ASN A 1840 -9.98 21.33 18.42
N ARG A 1841 -9.01 21.94 19.11
CA ARG A 1841 -8.95 22.05 20.57
C ARG A 1841 -9.15 20.71 21.27
N THR A 1842 -9.17 19.62 20.49
CA THR A 1842 -9.28 18.28 21.03
C THR A 1842 -8.35 17.32 20.31
N LEU A 1843 -7.86 17.69 19.13
CA LEU A 1843 -6.78 16.95 18.50
C LEU A 1843 -5.45 17.24 19.16
N LEU A 1844 -5.21 18.48 19.57
CA LEU A 1844 -3.98 18.83 20.28
C LEU A 1844 -3.96 18.34 21.72
N ARG A 1845 -5.02 17.67 22.16
CA ARG A 1845 -5.03 17.00 23.46
C ARG A 1845 -4.99 15.49 23.30
N PHE A 1846 -5.78 14.97 22.37
CA PHE A 1846 -5.75 13.55 22.06
C PHE A 1846 -4.42 13.15 21.43
N ASN A 1847 -3.65 14.10 20.90
CA ASN A 1847 -2.30 13.82 20.45
C ASN A 1847 -1.29 14.01 21.58
N ALA A 1848 -1.51 14.99 22.46
CA ALA A 1848 -0.62 15.20 23.57
C ALA A 1848 -0.69 14.09 24.62
N VAL A 1849 -1.78 13.32 24.65
CA VAL A 1849 -1.79 12.15 25.50
C VAL A 1849 -1.19 10.92 24.82
N LEU A 1850 -1.30 10.83 23.49
CA LEU A 1850 -0.62 9.75 22.78
C LEU A 1850 0.89 9.91 22.83
N ARG A 1851 1.38 11.15 22.78
CA ARG A 1851 2.81 11.41 22.86
C ARG A 1851 3.43 10.96 24.18
N LYS A 1852 2.62 10.74 25.21
CA LYS A 1852 3.13 10.24 26.48
C LYS A 1852 2.60 8.87 26.84
N LEU A 1853 1.66 8.33 26.07
CA LEU A 1853 1.16 6.98 26.30
C LEU A 1853 1.75 5.94 25.36
N LEU A 1854 2.14 6.32 24.14
CA LEU A 1854 2.72 5.40 23.18
C LEU A 1854 4.18 5.12 23.43
N ILE A 1855 4.74 5.59 24.55
CA ILE A 1855 6.17 5.45 24.80
C ILE A 1855 6.51 4.10 25.42
N VAL A 1856 5.53 3.22 25.64
CA VAL A 1856 5.83 1.87 26.11
C VAL A 1856 6.25 0.95 24.98
N PHE A 1857 6.36 1.46 23.76
CA PHE A 1857 6.79 0.69 22.59
C PHE A 1857 8.15 1.19 22.13
N PRO A 1858 9.17 0.35 22.04
CA PRO A 1858 10.47 0.82 21.55
C PRO A 1858 10.48 1.17 20.07
N HIS A 1859 9.40 0.89 19.32
CA HIS A 1859 9.31 1.36 17.95
C HIS A 1859 8.99 2.85 17.89
N PHE A 1860 8.07 3.30 18.75
CA PHE A 1860 7.67 4.70 18.76
C PHE A 1860 8.85 5.60 19.15
N CYS A 1861 9.66 5.17 20.10
CA CYS A 1861 10.79 5.99 20.53
C CYS A 1861 11.75 6.23 19.37
N LEU A 1862 12.12 5.18 18.64
CA LEU A 1862 13.01 5.34 17.50
C LEU A 1862 12.38 6.16 16.40
N GLY A 1863 11.09 5.91 16.10
CA GLY A 1863 10.43 6.68 15.05
C GLY A 1863 10.39 8.16 15.35
N ARG A 1864 9.97 8.51 16.57
CA ARG A 1864 9.91 9.92 16.95
C ARG A 1864 11.29 10.54 17.03
N GLY A 1865 12.30 9.79 17.48
CA GLY A 1865 13.65 10.34 17.48
C GLY A 1865 14.15 10.66 16.09
N LEU A 1866 13.93 9.75 15.13
CA LEU A 1866 14.39 9.98 13.78
C LEU A 1866 13.61 11.10 13.10
N ILE A 1867 12.32 11.27 13.43
CA ILE A 1867 11.58 12.39 12.86
C ILE A 1867 12.00 13.70 13.50
N ASP A 1868 12.30 13.69 14.80
CA ASP A 1868 12.70 14.91 15.49
C ASP A 1868 14.06 15.39 15.01
N LEU A 1869 14.99 14.47 14.74
CA LEU A 1869 16.30 14.90 14.25
C LEU A 1869 16.23 15.52 12.87
N ALA A 1870 15.14 15.32 12.14
CA ALA A 1870 14.95 15.99 10.86
C ALA A 1870 14.19 17.31 11.02
N LEU A 1871 13.14 17.31 11.84
CA LEU A 1871 12.39 18.54 12.08
C LEU A 1871 13.24 19.62 12.74
N SER A 1872 14.05 19.26 13.72
CA SER A 1872 14.91 20.25 14.37
C SER A 1872 15.91 20.85 13.39
N GLN A 1873 16.50 20.01 12.55
CA GLN A 1873 17.46 20.52 11.56
C GLN A 1873 16.76 21.44 10.56
N ALA A 1874 15.54 21.09 10.15
CA ALA A 1874 14.81 21.96 9.23
C ALA A 1874 14.54 23.32 9.88
N VAL A 1875 14.12 23.30 11.14
CA VAL A 1875 13.81 24.55 11.84
C VAL A 1875 15.07 25.40 12.02
N THR A 1876 16.20 24.78 12.36
CA THR A 1876 17.44 25.52 12.54
C THR A 1876 18.12 25.83 11.21
N ASP A 1877 17.60 25.30 10.11
CA ASP A 1877 18.12 25.59 8.78
C ASP A 1877 17.37 26.72 8.09
N VAL A 1878 16.06 26.84 8.33
CA VAL A 1878 15.35 28.00 7.79
C VAL A 1878 15.80 29.30 8.46
N TYR A 1879 16.38 29.23 9.66
CA TYR A 1879 16.82 30.43 10.35
C TYR A 1879 18.12 30.97 9.77
N ALA A 1880 19.02 30.08 9.35
CA ALA A 1880 20.28 30.51 8.76
C ALA A 1880 20.03 31.29 7.48
N ARG A 1881 18.85 31.09 6.89
CA ARG A 1881 18.46 31.84 5.71
C ARG A 1881 18.12 33.29 6.03
N PHE A 1882 17.65 33.55 7.25
CA PHE A 1882 17.35 34.89 7.71
C PHE A 1882 18.48 35.50 8.53
N GLY A 1883 19.60 34.80 8.70
CA GLY A 1883 20.69 35.31 9.49
C GLY A 1883 20.43 35.27 10.99
N GLU A 1884 20.30 34.06 11.54
CA GLU A 1884 20.01 33.88 12.96
C GLU A 1884 20.87 32.75 13.50
N GLU A 1885 20.68 32.43 14.78
CA GLU A 1885 21.38 31.32 15.44
C GLU A 1885 20.38 30.63 16.35
N HIS A 1886 19.72 29.59 15.84
CA HIS A 1886 18.82 28.81 16.67
C HIS A 1886 19.58 28.03 17.74
N SER A 1887 20.63 27.32 17.33
CA SER A 1887 21.57 26.67 18.24
C SER A 1887 20.86 25.75 19.23
N ALA A 1888 20.22 24.72 18.68
CA ALA A 1888 19.57 23.70 19.49
C ALA A 1888 20.47 22.48 19.62
N ASN A 1889 20.26 21.73 20.69
CA ASN A 1889 21.06 20.56 20.99
C ASN A 1889 20.15 19.40 21.39
N PRO A 1890 20.45 18.17 20.95
CA PRO A 1890 19.69 17.02 21.44
C PRO A 1890 20.04 16.68 22.87
N PHE A 1891 19.53 15.56 23.37
CA PHE A 1891 19.75 15.14 24.76
C PHE A 1891 19.18 16.16 25.74
N HIS A 1892 18.00 16.69 25.44
CA HIS A 1892 17.44 17.77 26.24
C HIS A 1892 16.00 17.51 26.66
N TRP A 1893 15.65 16.24 26.88
CA TRP A 1893 14.34 15.85 27.39
C TRP A 1893 13.18 16.37 26.56
N ASP A 1894 13.47 16.89 25.38
CA ASP A 1894 12.38 17.24 24.47
C ASP A 1894 12.59 16.70 23.07
N LEU A 1895 13.84 16.61 22.61
CA LEU A 1895 14.08 16.03 21.28
C LEU A 1895 14.20 14.52 21.35
N ILE A 1896 15.23 14.01 22.00
CA ILE A 1896 15.44 12.58 22.13
C ILE A 1896 15.81 12.25 23.56
N GLY A 1897 15.89 13.27 24.41
CA GLY A 1897 16.31 13.04 25.78
C GLY A 1897 15.37 12.13 26.54
N LYS A 1898 14.07 12.29 26.32
CA LYS A 1898 13.09 11.41 26.95
C LYS A 1898 13.11 10.01 26.37
N ASN A 1899 13.32 9.88 25.06
CA ASN A 1899 13.38 8.58 24.41
C ASN A 1899 14.57 7.76 24.88
N LEU A 1900 15.74 8.40 25.00
CA LEU A 1900 16.93 7.69 25.44
C LEU A 1900 16.85 7.25 26.90
N PHE A 1901 15.91 7.79 27.67
CA PHE A 1901 15.68 7.33 29.02
C PHE A 1901 14.60 6.27 29.06
N ALA A 1902 13.57 6.42 28.25
CA ALA A 1902 12.52 5.40 28.18
C ALA A 1902 13.09 4.08 27.68
N MET A 1903 14.02 4.13 26.72
CA MET A 1903 14.59 2.88 26.22
C MET A 1903 15.43 2.19 27.28
N VAL A 1904 16.25 2.93 28.02
CA VAL A 1904 17.03 2.33 29.09
C VAL A 1904 16.12 1.74 30.15
N VAL A 1905 15.05 2.45 30.52
CA VAL A 1905 14.16 1.95 31.56
C VAL A 1905 13.45 0.68 31.10
N GLU A 1906 12.90 0.68 29.90
CA GLU A 1906 12.09 -0.44 29.44
C GLU A 1906 12.92 -1.56 28.81
N GLY A 1907 14.24 -1.40 28.74
CA GLY A 1907 15.06 -2.54 28.39
C GLY A 1907 15.41 -3.45 29.54
N VAL A 1908 15.17 -3.00 30.77
CA VAL A 1908 15.48 -3.78 31.96
C VAL A 1908 14.20 -4.18 32.71
N VAL A 1909 13.06 -4.03 32.06
CA VAL A 1909 11.79 -4.50 32.58
C VAL A 1909 11.29 -5.71 31.80
N TYR A 1910 11.41 -5.68 30.48
CA TYR A 1910 11.03 -6.84 29.67
C TYR A 1910 11.91 -8.04 29.98
N PHE A 1911 13.16 -7.82 30.37
CA PHE A 1911 14.02 -8.92 30.78
C PHE A 1911 13.49 -9.59 32.04
N LEU A 1912 13.04 -8.78 33.02
CA LEU A 1912 12.46 -9.35 34.23
C LEU A 1912 11.16 -10.08 33.91
N LEU A 1913 10.37 -9.55 32.98
CA LEU A 1913 9.17 -10.24 32.54
C LEU A 1913 9.52 -11.60 31.92
N THR A 1914 10.60 -11.64 31.14
CA THR A 1914 11.05 -12.90 30.58
C THR A 1914 11.45 -13.89 31.67
N LEU A 1915 12.17 -13.41 32.67
CA LEU A 1915 12.57 -14.31 33.76
C LEU A 1915 11.36 -14.85 34.50
N LEU A 1916 10.33 -14.01 34.71
CA LEU A 1916 9.12 -14.47 35.37
C LEU A 1916 8.37 -15.50 34.52
N VAL A 1917 8.21 -15.23 33.23
CA VAL A 1917 7.47 -16.16 32.38
C VAL A 1917 8.23 -17.47 32.21
N GLN A 1918 9.56 -17.46 32.39
CA GLN A 1918 10.30 -18.72 32.43
C GLN A 1918 10.25 -19.38 33.79
N ARG A 1919 10.05 -18.61 34.86
CA ARG A 1919 9.86 -19.19 36.18
C ARG A 1919 8.51 -19.90 36.28
N HIS A 1920 7.52 -19.46 35.51
CA HIS A 1920 6.19 -20.03 35.62
C HIS A 1920 5.92 -21.14 34.59
N PHE A 1921 6.94 -21.63 33.89
CA PHE A 1921 6.84 -22.83 33.08
C PHE A 1921 7.68 -23.97 33.59
N PHE A 1922 8.98 -23.76 33.78
CA PHE A 1922 9.92 -24.83 34.16
C PHE A 1922 9.51 -25.50 35.47
N ILE A 1935 -3.83 -52.63 51.08
CA ILE A 1935 -5.16 -52.96 50.61
C ILE A 1935 -5.14 -54.29 49.86
N VAL A 1936 -4.98 -54.20 48.54
CA VAL A 1936 -4.89 -55.39 47.69
C VAL A 1936 -3.76 -55.18 46.68
N ASP A 1937 -2.62 -55.82 46.92
CA ASP A 1937 -1.47 -55.67 46.03
C ASP A 1937 -0.61 -56.92 46.14
N GLU A 1938 0.30 -57.08 45.17
CA GLU A 1938 1.18 -58.24 45.15
C GLU A 1938 2.12 -58.24 46.34
N ASP A 1939 2.39 -59.43 46.87
CA ASP A 1939 3.19 -59.55 48.09
C ASP A 1939 4.62 -59.03 47.86
N ASP A 1940 5.18 -59.30 46.67
CA ASP A 1940 6.53 -58.84 46.38
C ASP A 1940 6.61 -57.32 46.36
N ASP A 1941 5.60 -56.65 45.80
CA ASP A 1941 5.56 -55.20 45.81
C ASP A 1941 5.30 -54.67 47.22
N VAL A 1942 4.38 -55.31 47.94
CA VAL A 1942 4.10 -54.89 49.31
C VAL A 1942 5.32 -55.12 50.20
N ALA A 1943 6.10 -56.17 49.93
CA ALA A 1943 7.32 -56.38 50.70
C ALA A 1943 8.25 -55.18 50.61
N GLU A 1944 8.48 -54.67 49.40
CA GLU A 1944 9.32 -53.49 49.24
C GLU A 1944 8.65 -52.25 49.83
N GLU A 1945 7.34 -52.13 49.69
CA GLU A 1945 6.64 -50.96 50.23
C GLU A 1945 6.80 -50.89 51.75
N ARG A 1946 6.72 -52.03 52.42
CA ARG A 1946 6.90 -52.08 53.87
C ARG A 1946 8.36 -52.07 54.27
N GLN A 1947 9.27 -52.47 53.39
CA GLN A 1947 10.70 -52.40 53.69
C GLN A 1947 11.20 -50.96 53.59
N ARG A 1948 10.59 -50.15 52.74
CA ARG A 1948 10.99 -48.75 52.56
C ARG A 1948 10.31 -47.92 53.67
N ILE A 1949 10.63 -48.27 54.92
CA ILE A 1949 10.12 -47.54 56.06
C ILE A 1949 11.29 -47.13 56.96
N ILE A 1950 12.39 -47.89 56.89
CA ILE A 1950 13.58 -47.58 57.68
C ILE A 1950 14.81 -47.52 56.78
N THR A 1951 15.11 -46.33 56.27
CA THR A 1951 16.29 -46.12 55.44
C THR A 1951 17.42 -45.56 56.29
N GLY A 1952 17.72 -46.29 57.36
CA GLY A 1952 18.85 -45.93 58.20
C GLY A 1952 20.01 -46.90 58.07
N GLY A 1953 19.69 -48.20 58.02
CA GLY A 1953 20.72 -49.19 57.84
C GLY A 1953 21.04 -49.43 56.38
N ASN A 1954 20.08 -49.17 55.49
CA ASN A 1954 20.26 -49.32 54.05
C ASN A 1954 20.24 -47.97 53.33
N LYS A 1955 20.72 -46.93 53.99
CA LYS A 1955 20.82 -45.61 53.39
C LYS A 1955 21.96 -45.53 52.37
N THR A 1956 22.56 -46.66 52.02
CA THR A 1956 23.55 -46.72 50.95
C THR A 1956 22.86 -46.65 49.59
N ASP A 1957 21.52 -46.60 49.60
CA ASP A 1957 20.73 -46.52 48.38
C ASP A 1957 21.10 -45.30 47.56
N ILE A 1958 20.74 -45.29 46.29
CA ILE A 1958 21.08 -44.19 45.40
C ILE A 1958 19.79 -43.63 44.81
N LEU A 1959 18.65 -44.13 45.29
CA LEU A 1959 17.35 -43.60 44.88
C LEU A 1959 16.33 -44.04 45.91
N ARG A 1960 15.71 -43.07 46.59
CA ARG A 1960 14.73 -43.39 47.62
C ARG A 1960 13.32 -43.47 47.04
N LEU A 1961 12.86 -42.39 46.42
CA LEU A 1961 11.55 -42.33 45.80
C LEU A 1961 10.46 -42.74 46.80
N HIS A 1962 10.30 -41.95 47.86
CA HIS A 1962 9.42 -42.34 48.97
C HIS A 1962 7.97 -42.50 48.54
N GLU A 1963 7.32 -41.40 48.14
CA GLU A 1963 5.97 -41.43 47.62
C GLU A 1963 5.83 -40.34 46.57
N LEU A 1964 5.17 -40.65 45.45
CA LEU A 1964 4.96 -39.70 44.38
C LEU A 1964 3.58 -39.89 43.78
N THR A 1965 3.03 -38.80 43.21
CA THR A 1965 1.77 -38.85 42.50
C THR A 1965 1.61 -37.57 41.68
N LYS A 1966 0.76 -37.66 40.65
CA LYS A 1966 0.63 -36.58 39.66
C LYS A 1966 -0.84 -36.33 39.30
N ILE A 1967 -1.70 -36.15 40.30
CA ILE A 1967 -3.10 -35.85 39.99
C ILE A 1967 -3.17 -34.59 39.13
N TYR A 1968 -3.67 -34.75 37.91
CA TYR A 1968 -3.85 -33.61 37.02
C TYR A 1968 -5.01 -32.73 37.51
N PRO A 1969 -5.04 -31.46 37.11
CA PRO A 1969 -6.20 -30.62 37.49
C PRO A 1969 -7.50 -31.10 36.87
N GLY A 1970 -7.52 -31.32 35.55
CA GLY A 1970 -8.73 -31.77 34.89
C GLY A 1970 -8.87 -33.28 34.83
N THR A 1971 -8.64 -33.93 35.97
CA THR A 1971 -8.72 -35.40 36.04
C THR A 1971 -9.06 -35.80 37.46
N SER A 1972 -9.49 -37.06 37.61
CA SER A 1972 -9.85 -37.60 38.92
C SER A 1972 -9.03 -38.85 39.22
N SER A 1973 -8.58 -39.54 38.17
CA SER A 1973 -7.75 -40.72 38.35
C SER A 1973 -6.30 -40.32 38.20
N PRO A 1974 -5.49 -40.37 39.26
CA PRO A 1974 -4.10 -39.92 39.15
C PRO A 1974 -3.33 -40.74 38.11
N ALA A 1975 -2.46 -40.04 37.37
CA ALA A 1975 -1.65 -40.73 36.37
C ALA A 1975 -0.56 -41.57 37.02
N VAL A 1976 -0.20 -41.24 38.25
CA VAL A 1976 0.76 -42.01 39.03
C VAL A 1976 0.23 -42.12 40.45
N ASP A 1977 0.22 -43.35 40.99
CA ASP A 1977 -0.17 -43.57 42.38
C ASP A 1977 1.06 -43.64 43.27
N ARG A 1978 0.85 -43.91 44.54
CA ARG A 1978 1.96 -43.97 45.49
C ARG A 1978 2.83 -45.17 45.21
N LEU A 1979 4.10 -44.93 44.90
CA LEU A 1979 5.06 -45.99 44.60
C LEU A 1979 6.36 -45.69 45.34
N CYS A 1980 7.14 -46.74 45.57
CA CYS A 1980 8.37 -46.60 46.34
C CYS A 1980 9.34 -47.74 46.08
N VAL A 1981 10.52 -47.41 45.55
CA VAL A 1981 11.56 -48.40 45.24
C VAL A 1981 12.92 -47.85 45.63
N GLY A 1982 13.79 -48.75 46.06
CA GLY A 1982 15.18 -48.42 46.33
C GLY A 1982 16.07 -49.02 45.24
N VAL A 1983 17.11 -48.28 44.88
CA VAL A 1983 18.07 -48.71 43.88
C VAL A 1983 19.40 -48.89 44.59
N ARG A 1984 19.70 -50.14 44.96
CA ARG A 1984 20.96 -50.53 45.58
C ARG A 1984 22.12 -50.17 44.65
N PRO A 1985 23.36 -50.08 45.14
CA PRO A 1985 24.47 -49.78 44.24
C PRO A 1985 25.09 -50.98 43.55
N GLY A 1986 25.07 -50.96 42.23
CA GLY A 1986 25.50 -52.08 41.42
C GLY A 1986 24.40 -52.86 40.74
N GLU A 1987 23.24 -52.24 40.54
CA GLU A 1987 22.12 -52.90 39.86
C GLU A 1987 21.42 -51.87 38.98
N CYS A 1988 20.82 -52.35 37.90
CA CYS A 1988 20.10 -51.50 36.96
C CYS A 1988 18.62 -51.87 36.96
N PHE A 1989 17.77 -50.88 37.18
CA PHE A 1989 16.34 -51.08 37.34
C PHE A 1989 15.64 -51.08 35.98
N GLY A 1990 14.45 -51.69 35.95
CA GLY A 1990 13.72 -51.82 34.72
C GLY A 1990 12.70 -50.74 34.44
N LEU A 1991 11.75 -50.52 35.35
CA LEU A 1991 10.70 -49.52 35.21
C LEU A 1991 10.07 -49.60 33.81
N LEU A 1992 9.44 -50.74 33.55
CA LEU A 1992 8.99 -51.03 32.20
C LEU A 1992 7.75 -50.24 31.83
N GLY A 1993 6.63 -50.50 32.51
CA GLY A 1993 5.44 -49.72 32.30
C GLY A 1993 4.56 -50.17 31.15
N VAL A 1994 3.28 -50.40 31.44
CA VAL A 1994 2.32 -50.74 30.40
C VAL A 1994 2.04 -49.50 29.56
N ASN A 1995 2.02 -49.67 28.24
CA ASN A 1995 1.67 -48.57 27.36
C ASN A 1995 0.24 -48.12 27.62
N GLY A 1996 0.03 -46.81 27.65
CA GLY A 1996 -1.28 -46.27 27.97
C GLY A 1996 -1.64 -46.33 29.43
N ALA A 1997 -0.65 -46.37 30.32
CA ALA A 1997 -0.90 -46.42 31.76
C ALA A 1997 -0.25 -45.28 32.52
N GLY A 1998 0.77 -44.64 31.96
CA GLY A 1998 1.45 -43.52 32.59
C GLY A 1998 2.76 -43.95 33.23
N LYS A 1999 3.87 -43.74 32.51
CA LYS A 1999 5.18 -44.07 33.03
C LYS A 1999 6.17 -42.94 32.74
N THR A 2000 5.93 -42.19 31.68
CA THR A 2000 6.85 -41.14 31.27
C THR A 2000 6.76 -39.93 32.20
N THR A 2001 5.62 -39.78 32.88
CA THR A 2001 5.48 -38.72 33.87
C THR A 2001 6.48 -38.92 34.99
N THR A 2002 6.88 -40.16 35.25
CA THR A 2002 7.87 -40.41 36.28
C THR A 2002 9.23 -39.82 35.90
N PHE A 2003 9.66 -40.00 34.65
CA PHE A 2003 10.88 -39.33 34.22
C PHE A 2003 10.71 -37.83 34.13
N LYS A 2004 9.53 -37.35 33.74
CA LYS A 2004 9.31 -35.91 33.77
C LYS A 2004 9.48 -35.36 35.18
N MET A 2005 9.09 -36.13 36.19
CA MET A 2005 9.34 -35.74 37.58
C MET A 2005 10.82 -35.79 37.91
N LEU A 2006 11.47 -36.92 37.60
CA LEU A 2006 12.84 -37.14 38.06
C LEU A 2006 13.81 -36.14 37.42
N THR A 2007 13.67 -35.90 36.12
CA THR A 2007 14.53 -34.93 35.46
C THR A 2007 14.27 -33.53 35.98
N GLY A 2008 13.01 -33.17 36.17
CA GLY A 2008 12.67 -31.85 36.66
C GLY A 2008 11.73 -31.09 35.75
N ASP A 2009 11.01 -31.81 34.89
CA ASP A 2009 10.11 -31.15 33.95
C ASP A 2009 8.85 -30.65 34.64
N THR A 2010 8.16 -31.52 35.38
CA THR A 2010 6.90 -31.16 36.01
C THR A 2010 7.03 -31.15 37.53
N THR A 2011 5.98 -30.65 38.17
CA THR A 2011 5.92 -30.53 39.61
C THR A 2011 5.49 -31.85 40.24
N VAL A 2012 6.18 -32.24 41.32
CA VAL A 2012 5.90 -33.49 42.00
C VAL A 2012 4.80 -33.23 43.02
N THR A 2013 3.55 -33.42 42.59
CA THR A 2013 2.39 -33.18 43.44
C THR A 2013 2.41 -34.14 44.62
N SER A 2014 2.56 -33.60 45.83
CA SER A 2014 2.53 -34.38 47.07
C SER A 2014 3.50 -35.56 47.00
N GLY A 2015 4.78 -35.23 46.80
CA GLY A 2015 5.80 -36.22 46.57
C GLY A 2015 6.90 -36.22 47.62
N ASP A 2016 7.79 -37.20 47.49
CA ASP A 2016 8.95 -37.32 48.36
C ASP A 2016 9.93 -38.26 47.67
N ALA A 2017 11.11 -37.75 47.32
CA ALA A 2017 12.09 -38.55 46.58
C ALA A 2017 13.47 -37.94 46.72
N THR A 2018 14.45 -38.77 47.09
CA THR A 2018 15.82 -38.33 47.27
C THR A 2018 16.76 -39.23 46.47
N VAL A 2019 17.90 -38.68 46.08
CA VAL A 2019 18.90 -39.44 45.32
C VAL A 2019 19.99 -39.94 46.26
N ALA A 2020 20.73 -39.02 46.87
CA ALA A 2020 21.80 -39.37 47.79
C ALA A 2020 21.73 -38.50 49.04
N GLY A 2021 20.52 -38.39 49.58
CA GLY A 2021 20.27 -37.51 50.70
C GLY A 2021 19.59 -36.22 50.26
N LYS A 2022 19.99 -35.72 49.11
CA LYS A 2022 19.37 -34.53 48.55
C LYS A 2022 18.06 -34.91 47.87
N SER A 2023 17.01 -34.13 48.13
CA SER A 2023 15.68 -34.45 47.63
C SER A 2023 15.39 -33.66 46.35
N ILE A 2024 14.44 -34.16 45.57
CA ILE A 2024 14.03 -33.53 44.33
C ILE A 2024 12.79 -32.66 44.54
N LEU A 2025 12.53 -32.27 45.79
CA LEU A 2025 11.45 -31.36 46.12
C LEU A 2025 11.95 -29.96 46.48
N THR A 2026 13.13 -29.84 47.08
CA THR A 2026 13.69 -28.55 47.42
C THR A 2026 15.11 -28.35 46.91
N ASN A 2027 15.95 -29.38 46.95
CA ASN A 2027 17.36 -29.26 46.58
C ASN A 2027 17.58 -29.91 45.22
N ILE A 2028 17.33 -29.13 44.17
CA ILE A 2028 17.29 -29.67 42.82
C ILE A 2028 18.42 -29.08 41.99
N SER A 2029 19.50 -28.68 42.64
CA SER A 2029 20.59 -28.11 41.84
C SER A 2029 21.93 -28.75 42.11
N GLU A 2030 22.19 -29.22 43.33
CA GLU A 2030 23.40 -29.98 43.56
C GLU A 2030 23.21 -31.46 43.28
N VAL A 2031 21.96 -31.93 43.32
CA VAL A 2031 21.67 -33.32 42.93
C VAL A 2031 21.89 -33.52 41.44
N HIS A 2032 21.57 -32.52 40.62
CA HIS A 2032 21.72 -32.66 39.17
C HIS A 2032 23.16 -32.83 38.74
N GLN A 2033 24.13 -32.67 39.65
CA GLN A 2033 25.51 -33.00 39.37
C GLN A 2033 25.81 -34.47 39.57
N ASN A 2034 24.82 -35.26 39.99
CA ASN A 2034 24.97 -36.69 40.21
C ASN A 2034 23.91 -37.46 39.43
N MET A 2035 23.71 -37.10 38.17
CA MET A 2035 22.67 -37.74 37.37
C MET A 2035 22.94 -37.47 35.90
N GLY A 2036 23.12 -38.53 35.11
CA GLY A 2036 23.19 -38.42 33.67
C GLY A 2036 21.80 -38.50 33.05
N TYR A 2037 21.76 -38.36 31.73
CA TYR A 2037 20.49 -38.44 31.02
C TYR A 2037 20.69 -38.62 29.52
N CYS A 2038 20.03 -39.63 28.94
CA CYS A 2038 20.04 -39.91 27.51
C CYS A 2038 18.60 -39.86 27.02
N PRO A 2039 18.16 -38.73 26.48
CA PRO A 2039 16.73 -38.56 26.18
C PRO A 2039 16.25 -39.50 25.08
N GLN A 2040 14.95 -39.75 25.08
CA GLN A 2040 14.35 -40.55 24.02
C GLN A 2040 14.53 -39.89 22.66
N PHE A 2041 14.36 -38.58 22.60
CA PHE A 2041 14.62 -37.82 21.39
C PHE A 2041 16.12 -37.61 21.25
N ASP A 2042 16.52 -36.71 20.36
CA ASP A 2042 17.93 -36.42 20.14
C ASP A 2042 18.14 -34.90 20.17
N ALA A 2043 18.73 -34.42 21.26
CA ALA A 2043 18.94 -32.99 21.48
C ALA A 2043 20.36 -32.64 21.08
N ILE A 2044 20.57 -32.44 19.78
CA ILE A 2044 21.89 -32.14 19.23
C ILE A 2044 21.78 -30.90 18.36
N ASP A 2045 22.81 -30.06 18.39
CA ASP A 2045 22.90 -28.93 17.48
C ASP A 2045 23.59 -29.37 16.20
N GLU A 2046 22.87 -29.35 15.09
CA GLU A 2046 23.33 -29.97 13.86
C GLU A 2046 24.38 -29.14 13.12
N LEU A 2047 24.96 -28.13 13.79
CA LEU A 2047 26.05 -27.36 13.22
C LEU A 2047 27.36 -27.51 13.97
N LEU A 2048 27.39 -28.28 15.06
CA LEU A 2048 28.61 -28.53 15.81
C LEU A 2048 29.12 -29.94 15.54
N THR A 2049 30.42 -30.13 15.75
CA THR A 2049 31.05 -31.43 15.60
C THR A 2049 30.99 -32.20 16.91
N GLY A 2050 31.11 -33.53 16.79
CA GLY A 2050 30.95 -34.38 17.96
C GLY A 2050 31.92 -34.07 19.07
N ARG A 2051 33.18 -33.79 18.72
CA ARG A 2051 34.19 -33.53 19.74
C ARG A 2051 33.85 -32.29 20.56
N GLU A 2052 33.54 -31.19 19.88
CA GLU A 2052 33.17 -29.97 20.58
C GLU A 2052 31.79 -30.06 21.20
N HIS A 2053 30.90 -30.86 20.61
CA HIS A 2053 29.61 -31.11 21.22
C HIS A 2053 29.77 -31.84 22.55
N LEU A 2054 30.84 -32.65 22.67
CA LEU A 2054 31.21 -33.22 23.96
C LEU A 2054 31.89 -32.20 24.86
N TYR A 2055 32.69 -31.31 24.29
CA TYR A 2055 33.38 -30.30 25.09
C TYR A 2055 32.38 -29.41 25.81
N LEU A 2056 31.29 -29.06 25.14
CA LEU A 2056 30.27 -28.21 25.76
C LEU A 2056 29.73 -28.85 27.02
N TYR A 2057 29.30 -30.11 26.94
CA TYR A 2057 28.71 -30.78 28.08
C TYR A 2057 29.75 -31.16 29.12
N ALA A 2058 31.02 -31.30 28.74
CA ALA A 2058 32.07 -31.44 29.74
C ALA A 2058 32.23 -30.16 30.54
N ARG A 2059 32.30 -29.02 29.85
CA ARG A 2059 32.48 -27.74 30.54
C ARG A 2059 31.26 -27.36 31.36
N LEU A 2060 30.07 -27.82 30.99
CA LEU A 2060 28.89 -27.49 31.77
C LEU A 2060 28.97 -28.10 33.17
N ARG A 2061 29.53 -29.30 33.28
CA ARG A 2061 29.93 -29.88 34.56
C ARG A 2061 31.28 -29.31 34.97
N GLY A 2062 32.01 -29.99 35.84
CA GLY A 2062 33.24 -29.43 36.35
C GLY A 2062 34.39 -29.75 35.41
N VAL A 2063 35.23 -30.73 35.77
CA VAL A 2063 36.33 -31.24 34.94
C VAL A 2063 37.19 -30.07 34.42
N PRO A 2064 38.06 -29.52 35.26
CA PRO A 2064 38.82 -28.32 34.89
C PRO A 2064 39.51 -28.41 33.55
N ALA A 2065 39.97 -27.25 33.07
CA ALA A 2065 40.24 -27.04 31.65
C ALA A 2065 41.29 -27.99 31.10
N GLU A 2066 42.33 -28.30 31.88
CA GLU A 2066 43.48 -29.04 31.38
C GLU A 2066 43.28 -30.56 31.45
N GLU A 2067 42.03 -31.01 31.52
CA GLU A 2067 41.76 -32.45 31.59
C GLU A 2067 40.62 -32.90 30.68
N ILE A 2068 39.86 -31.99 30.09
CA ILE A 2068 38.90 -32.38 29.06
C ILE A 2068 39.61 -33.04 27.90
N GLU A 2069 40.87 -32.64 27.65
CA GLU A 2069 41.63 -33.24 26.56
C GLU A 2069 41.68 -34.76 26.67
N LYS A 2070 41.77 -35.29 27.89
CA LYS A 2070 41.77 -36.73 28.05
C LYS A 2070 40.38 -37.30 28.34
N VAL A 2071 39.52 -36.54 29.04
CA VAL A 2071 38.17 -37.04 29.30
C VAL A 2071 37.43 -37.30 28.00
N ALA A 2072 37.48 -36.33 27.09
CA ALA A 2072 36.89 -36.52 25.78
C ALA A 2072 37.44 -37.77 25.10
N ASN A 2073 38.75 -37.77 24.83
CA ASN A 2073 39.36 -38.87 24.08
C ASN A 2073 38.99 -40.23 24.67
N TRP A 2074 38.93 -40.31 26.01
CA TRP A 2074 38.45 -41.51 26.66
C TRP A 2074 37.03 -41.85 26.21
N SER A 2075 36.13 -40.86 26.23
CA SER A 2075 34.75 -41.13 25.84
C SER A 2075 34.63 -41.53 24.37
N ILE A 2076 35.31 -40.79 23.48
CA ILE A 2076 35.30 -41.14 22.06
C ILE A 2076 35.79 -42.56 21.83
N LYS A 2077 36.89 -42.95 22.48
CA LYS A 2077 37.39 -44.29 22.20
C LYS A 2077 36.50 -45.36 22.83
N SER A 2078 35.89 -45.07 23.98
CA SER A 2078 35.05 -46.07 24.64
C SER A 2078 33.75 -46.30 23.89
N LEU A 2079 33.18 -45.24 23.30
CA LEU A 2079 31.92 -45.39 22.58
C LEU A 2079 32.12 -45.76 21.11
N GLY A 2080 33.36 -45.86 20.65
CA GLY A 2080 33.63 -46.32 19.29
C GLY A 2080 33.14 -45.38 18.19
N LEU A 2081 33.38 -44.07 18.34
CA LEU A 2081 33.08 -43.09 17.31
C LEU A 2081 34.37 -42.31 17.01
N THR A 2082 35.23 -42.88 16.17
CA THR A 2082 36.51 -42.25 15.88
C THR A 2082 36.57 -41.61 14.50
N VAL A 2083 36.00 -42.25 13.49
CA VAL A 2083 35.98 -41.64 12.16
C VAL A 2083 35.01 -40.46 12.11
N TYR A 2084 33.84 -40.59 12.77
CA TYR A 2084 32.87 -39.51 12.82
C TYR A 2084 33.10 -38.58 14.01
N ALA A 2085 34.32 -38.54 14.54
CA ALA A 2085 34.56 -37.79 15.76
C ALA A 2085 34.28 -36.31 15.56
N ASP A 2086 34.76 -35.72 14.46
CA ASP A 2086 34.53 -34.32 14.15
C ASP A 2086 34.05 -34.21 12.70
N CYS A 2087 32.74 -34.37 12.50
CA CYS A 2087 32.19 -34.37 11.15
C CYS A 2087 30.83 -33.66 11.09
N LEU A 2088 30.63 -32.63 11.92
CA LEU A 2088 29.40 -31.82 11.88
C LEU A 2088 28.16 -32.69 12.10
N ALA A 2089 28.03 -33.17 13.33
CA ALA A 2089 26.84 -33.90 13.76
C ALA A 2089 25.58 -33.29 13.17
N GLY A 2090 24.69 -34.15 12.69
CA GLY A 2090 23.60 -33.69 11.85
C GLY A 2090 23.74 -34.28 10.47
N THR A 2091 24.98 -34.60 10.11
CA THR A 2091 25.29 -35.46 8.97
C THR A 2091 25.36 -36.92 9.39
N TYR A 2092 24.89 -37.25 10.58
CA TYR A 2092 25.05 -38.57 11.15
C TYR A 2092 23.95 -39.51 10.66
N SER A 2093 24.25 -40.81 10.71
CA SER A 2093 23.37 -41.80 10.09
C SER A 2093 22.00 -41.83 10.75
N GLY A 2094 21.95 -41.72 12.07
CA GLY A 2094 20.70 -41.87 12.78
C GLY A 2094 20.89 -42.79 13.97
N GLY A 2095 21.79 -43.76 13.81
CA GLY A 2095 22.24 -44.53 14.95
C GLY A 2095 23.44 -43.92 15.62
N ASN A 2096 24.33 -43.29 14.85
CA ASN A 2096 25.47 -42.59 15.44
C ASN A 2096 25.03 -41.51 16.41
N LYS A 2097 23.85 -40.92 16.19
CA LYS A 2097 23.34 -39.93 17.11
C LYS A 2097 23.06 -40.55 18.48
N ARG A 2098 22.59 -41.80 18.50
CA ARG A 2098 22.39 -42.47 19.78
C ARG A 2098 23.71 -42.69 20.50
N LYS A 2099 24.77 -43.04 19.75
CA LYS A 2099 26.08 -43.16 20.35
C LYS A 2099 26.55 -41.83 20.93
N LEU A 2100 26.32 -40.74 20.21
CA LEU A 2100 26.73 -39.43 20.72
C LEU A 2100 25.93 -39.04 21.96
N SER A 2101 24.63 -39.32 21.97
CA SER A 2101 23.82 -39.01 23.15
C SER A 2101 24.29 -39.81 24.36
N THR A 2102 24.56 -41.10 24.16
CA THR A 2102 25.07 -41.90 25.26
C THR A 2102 26.42 -41.38 25.75
N ALA A 2103 27.29 -40.97 24.81
CA ALA A 2103 28.59 -40.45 25.19
C ALA A 2103 28.47 -39.18 26.02
N ILE A 2104 27.58 -38.27 25.62
CA ILE A 2104 27.40 -37.02 26.38
C ILE A 2104 26.59 -37.24 27.64
N ALA A 2105 25.95 -38.39 27.81
CA ALA A 2105 25.31 -38.74 29.07
C ALA A 2105 26.24 -39.45 30.05
N LEU A 2106 27.25 -40.16 29.56
CA LEU A 2106 28.17 -40.91 30.42
C LEU A 2106 29.33 -40.06 30.92
N ILE A 2107 29.37 -38.77 30.59
CA ILE A 2107 30.51 -37.90 30.83
C ILE A 2107 30.84 -37.87 32.32
N GLY A 2108 32.10 -37.61 32.65
CA GLY A 2108 32.52 -37.55 34.04
C GLY A 2108 32.43 -38.87 34.76
N CYS A 2109 31.72 -38.90 35.89
CA CYS A 2109 31.55 -40.14 36.65
C CYS A 2109 30.32 -40.02 37.55
N PRO A 2110 29.11 -39.94 36.99
CA PRO A 2110 27.92 -39.82 37.82
C PRO A 2110 27.55 -41.15 38.44
N PRO A 2111 27.26 -41.19 39.75
CA PRO A 2111 26.84 -42.45 40.38
C PRO A 2111 25.58 -43.04 39.77
N LEU A 2112 24.64 -42.20 39.34
CA LEU A 2112 23.37 -42.68 38.81
C LEU A 2112 23.20 -42.18 37.38
N VAL A 2113 22.59 -43.02 36.55
CA VAL A 2113 22.40 -42.73 35.13
C VAL A 2113 20.98 -43.12 34.73
N LEU A 2114 20.30 -42.21 34.03
CA LEU A 2114 19.02 -42.51 33.40
C LEU A 2114 19.23 -42.73 31.91
N LEU A 2115 18.59 -43.76 31.37
CA LEU A 2115 18.59 -44.04 29.94
C LEU A 2115 17.15 -44.12 29.47
N ASP A 2116 16.89 -43.60 28.27
CA ASP A 2116 15.55 -43.59 27.68
C ASP A 2116 15.69 -44.07 26.25
N GLU A 2117 15.45 -45.37 26.03
CA GLU A 2117 15.60 -46.00 24.72
C GLU A 2117 17.01 -45.80 24.19
N PRO A 2118 18.02 -46.41 24.80
CA PRO A 2118 19.40 -46.14 24.37
C PRO A 2118 19.70 -46.57 22.94
N THR A 2119 18.98 -47.55 22.40
CA THR A 2119 19.26 -48.06 21.06
C THR A 2119 17.95 -48.28 20.34
N THR A 2120 17.72 -47.53 19.26
CA THR A 2120 16.52 -47.69 18.46
C THR A 2120 16.81 -48.13 17.04
N GLY A 2121 17.63 -47.38 16.29
CA GLY A 2121 17.81 -47.66 14.89
C GLY A 2121 19.14 -48.29 14.54
N MET A 2122 19.59 -49.25 15.34
CA MET A 2122 20.91 -49.83 15.18
C MET A 2122 20.82 -51.28 14.73
N ASP A 2123 21.80 -51.69 13.93
CA ASP A 2123 21.99 -53.09 13.62
C ASP A 2123 22.49 -53.84 14.87
N PRO A 2124 22.29 -55.15 14.93
CA PRO A 2124 22.63 -55.88 16.17
C PRO A 2124 24.08 -55.76 16.59
N GLN A 2125 25.01 -55.59 15.65
CA GLN A 2125 26.41 -55.43 16.02
C GLN A 2125 26.62 -54.21 16.89
N ALA A 2126 26.07 -53.06 16.46
CA ALA A 2126 26.16 -51.85 17.26
C ALA A 2126 25.43 -52.00 18.58
N ARG A 2127 24.29 -52.70 18.57
CA ARG A 2127 23.54 -52.92 19.81
C ARG A 2127 24.39 -53.65 20.84
N ARG A 2128 25.04 -54.73 20.43
CA ARG A 2128 25.89 -55.46 21.37
C ARG A 2128 27.09 -54.63 21.80
N MET A 2129 27.68 -53.89 20.86
CA MET A 2129 28.82 -53.04 21.20
C MET A 2129 28.43 -52.03 22.26
N LEU A 2130 27.21 -51.50 22.18
CA LEU A 2130 26.74 -50.53 23.17
C LEU A 2130 26.34 -51.20 24.49
N TRP A 2131 25.78 -52.42 24.43
CA TRP A 2131 25.38 -53.11 25.65
C TRP A 2131 26.58 -53.48 26.50
N ASN A 2132 27.69 -53.83 25.86
CA ASN A 2132 28.90 -54.13 26.62
C ASN A 2132 29.32 -52.95 27.50
N VAL A 2133 29.22 -51.73 26.97
CA VAL A 2133 29.55 -50.54 27.74
C VAL A 2133 28.63 -50.36 28.94
N ILE A 2134 27.33 -50.55 28.76
CA ILE A 2134 26.39 -50.44 29.89
C ILE A 2134 26.65 -51.48 30.96
N VAL A 2135 27.02 -52.70 30.59
CA VAL A 2135 27.43 -53.68 31.58
C VAL A 2135 28.73 -53.30 32.28
N SER A 2136 29.68 -52.72 31.53
CA SER A 2136 30.98 -52.38 32.10
C SER A 2136 30.94 -51.26 33.12
N ILE A 2137 29.82 -50.52 33.22
CA ILE A 2137 29.72 -49.51 34.27
C ILE A 2137 28.92 -50.02 35.46
N ILE A 2138 27.94 -50.90 35.23
CA ILE A 2138 27.27 -51.57 36.35
C ILE A 2138 28.20 -52.53 37.06
N ARG A 2139 29.27 -52.98 36.40
CA ARG A 2139 30.26 -53.84 37.05
C ARG A 2139 31.34 -53.03 37.76
N GLU A 2140 31.02 -51.80 38.17
CA GLU A 2140 31.94 -50.98 38.94
C GLU A 2140 31.32 -50.51 40.24
N GLY A 2141 30.01 -50.26 40.24
CA GLY A 2141 29.34 -49.84 41.46
C GLY A 2141 28.28 -48.78 41.28
N ARG A 2142 28.04 -48.34 40.05
CA ARG A 2142 27.11 -47.26 39.78
C ARG A 2142 25.78 -47.80 39.25
N ALA A 2143 24.69 -47.23 39.76
CA ALA A 2143 23.35 -47.65 39.39
C ALA A 2143 22.98 -47.13 38.00
N VAL A 2144 21.96 -47.77 37.41
CA VAL A 2144 21.43 -47.40 36.10
C VAL A 2144 19.92 -47.55 36.16
N VAL A 2145 19.20 -46.68 35.46
CA VAL A 2145 17.76 -46.82 35.28
C VAL A 2145 17.46 -46.72 33.79
N LEU A 2146 16.88 -47.79 33.24
CA LEU A 2146 16.66 -47.90 31.81
C LEU A 2146 15.17 -47.97 31.51
N THR A 2147 14.82 -47.62 30.27
CA THR A 2147 13.46 -47.74 29.79
C THR A 2147 13.51 -47.97 28.29
N SER A 2148 12.64 -48.83 27.78
CA SER A 2148 12.78 -49.28 26.41
C SER A 2148 11.45 -49.83 25.90
N HIS A 2149 11.44 -50.18 24.61
CA HIS A 2149 10.33 -50.86 23.97
C HIS A 2149 10.64 -52.29 23.57
N SER A 2150 11.91 -52.63 23.40
CA SER A 2150 12.32 -53.96 22.96
C SER A 2150 12.64 -54.80 24.18
N MET A 2151 11.83 -55.84 24.41
CA MET A 2151 12.06 -56.75 25.53
C MET A 2151 13.41 -57.44 25.45
N GLU A 2152 14.01 -57.50 24.25
CA GLU A 2152 15.29 -58.17 24.10
C GLU A 2152 16.36 -57.51 24.95
N GLU A 2153 16.48 -56.19 24.86
CA GLU A 2153 17.53 -55.52 25.62
C GLU A 2153 17.20 -55.44 27.10
N CYS A 2154 15.91 -55.33 27.45
CA CYS A 2154 15.52 -55.43 28.85
C CYS A 2154 15.85 -56.80 29.43
N GLU A 2155 15.93 -57.82 28.58
CA GLU A 2155 16.27 -59.16 29.01
C GLU A 2155 17.74 -59.49 28.86
N ALA A 2156 18.51 -58.64 28.18
CA ALA A 2156 19.93 -58.87 27.96
C ALA A 2156 20.78 -58.27 29.08
N LEU A 2157 20.49 -57.04 29.49
CA LEU A 2157 21.16 -56.39 30.60
C LEU A 2157 20.10 -55.78 31.50
N CYS A 2158 19.91 -56.41 32.66
CA CYS A 2158 18.98 -55.90 33.66
C CYS A 2158 19.14 -56.74 34.92
N THR A 2159 18.58 -56.26 36.03
CA THR A 2159 18.61 -57.03 37.27
C THR A 2159 17.26 -57.03 37.95
N ARG A 2160 16.44 -56.00 37.73
CA ARG A 2160 15.13 -55.92 38.35
C ARG A 2160 14.15 -55.34 37.34
N LEU A 2161 12.88 -55.69 37.50
CA LEU A 2161 11.86 -55.13 36.64
C LEU A 2161 10.66 -54.72 37.48
N ALA A 2162 9.81 -53.89 36.89
CA ALA A 2162 8.55 -53.48 37.51
C ALA A 2162 7.66 -52.91 36.43
N ILE A 2163 6.45 -53.43 36.32
CA ILE A 2163 5.55 -53.08 35.23
C ILE A 2163 4.46 -52.17 35.77
N MET A 2164 4.37 -50.96 35.21
CA MET A 2164 3.45 -49.94 35.67
C MET A 2164 2.14 -50.07 34.89
N VAL A 2165 1.20 -50.80 35.46
CA VAL A 2165 -0.17 -50.90 34.93
C VAL A 2165 -0.86 -49.61 35.35
N LYS A 2166 -2.09 -49.39 34.86
CA LYS A 2166 -2.81 -48.11 34.89
C LYS A 2166 -2.50 -47.26 36.13
N GLY A 2167 -2.44 -47.90 37.30
CA GLY A 2167 -2.11 -47.16 38.49
C GLY A 2167 -0.62 -47.21 38.80
N ALA A 2168 -0.24 -48.01 39.78
CA ALA A 2168 1.13 -48.10 40.26
C ALA A 2168 1.68 -49.49 39.97
N PHE A 2169 2.84 -49.78 40.56
CA PHE A 2169 3.54 -51.04 40.32
C PHE A 2169 2.63 -52.23 40.55
N ARG A 2170 2.90 -53.31 39.83
CA ARG A 2170 2.13 -54.55 39.98
C ARG A 2170 2.99 -55.79 40.15
N CYS A 2171 4.29 -55.73 39.86
CA CYS A 2171 5.17 -56.87 40.02
C CYS A 2171 6.59 -56.35 40.16
N MET A 2172 7.48 -57.22 40.64
CA MET A 2172 8.86 -56.83 40.88
C MET A 2172 9.68 -58.09 41.04
N GLY A 2173 10.99 -57.96 40.82
CA GLY A 2173 11.92 -59.07 40.94
C GLY A 2173 12.86 -59.14 39.77
N THR A 2174 13.53 -60.29 39.65
CA THR A 2174 14.49 -60.49 38.57
C THR A 2174 13.82 -61.12 37.36
N ILE A 2175 14.61 -61.31 36.30
CA ILE A 2175 14.06 -61.82 35.04
C ILE A 2175 13.52 -63.22 35.22
N GLN A 2176 14.34 -64.12 35.78
CA GLN A 2176 13.93 -65.51 35.96
C GLN A 2176 12.76 -65.61 36.94
N HIS A 2177 12.79 -64.80 38.00
CA HIS A 2177 11.71 -64.81 38.97
C HIS A 2177 10.38 -64.46 38.32
N LEU A 2178 10.35 -63.40 37.52
CA LEU A 2178 9.12 -63.06 36.81
C LEU A 2178 8.73 -64.15 35.82
N LYS A 2179 9.70 -64.65 35.05
CA LYS A 2179 9.41 -65.69 34.06
C LYS A 2179 8.69 -66.87 34.70
N SER A 2180 9.20 -67.36 35.84
CA SER A 2180 8.60 -68.53 36.46
C SER A 2180 7.31 -68.17 37.18
N LYS A 2181 7.38 -67.20 38.12
CA LYS A 2181 6.24 -66.90 38.98
C LYS A 2181 5.04 -66.38 38.22
N PHE A 2182 5.23 -65.73 37.08
CA PHE A 2182 4.12 -65.13 36.33
C PHE A 2182 3.95 -65.81 34.98
N GLY A 2183 4.37 -67.06 34.88
CA GLY A 2183 4.31 -67.71 33.59
C GLY A 2183 4.38 -69.22 33.68
N ASP A 2184 4.43 -69.84 32.52
CA ASP A 2184 4.47 -71.28 32.31
C ASP A 2184 5.28 -71.52 31.05
N GLY A 2185 5.12 -72.68 30.43
CA GLY A 2185 5.65 -72.82 29.09
C GLY A 2185 6.38 -74.10 28.77
N TYR A 2186 7.67 -73.97 28.46
CA TYR A 2186 8.46 -75.08 27.93
C TYR A 2186 7.85 -75.59 26.62
N ILE A 2187 7.81 -74.69 25.64
CA ILE A 2187 7.33 -75.00 24.31
C ILE A 2187 8.25 -76.04 23.68
N VAL A 2188 7.72 -77.23 23.45
CA VAL A 2188 8.50 -78.33 22.88
C VAL A 2188 8.21 -78.42 21.39
N THR A 2189 9.23 -78.81 20.63
CA THR A 2189 9.11 -79.04 19.20
C THR A 2189 9.78 -80.36 18.84
N MET A 2190 9.24 -81.05 17.85
CA MET A 2190 9.83 -82.31 17.40
C MET A 2190 9.75 -82.39 15.89
N LYS A 2191 10.71 -83.09 15.28
CA LYS A 2191 10.67 -83.41 13.87
C LYS A 2191 10.06 -84.78 13.64
N ILE A 2192 10.21 -85.33 12.44
CA ILE A 2192 9.69 -86.65 12.13
C ILE A 2192 10.67 -87.73 12.57
N LEU A 2200 9.33 -90.93 7.21
CA LEU A 2200 7.90 -91.21 7.18
C LEU A 2200 7.22 -90.70 8.43
N PRO A 2201 6.51 -89.57 8.33
CA PRO A 2201 5.84 -89.01 9.51
C PRO A 2201 4.38 -89.40 9.61
N ASP A 2202 3.86 -89.40 10.84
CA ASP A 2202 2.43 -89.59 11.09
C ASP A 2202 2.09 -88.83 12.37
N LEU A 2203 1.19 -87.86 12.26
CA LEU A 2203 0.89 -87.00 13.40
C LEU A 2203 0.16 -87.73 14.50
N ASN A 2204 -0.63 -88.75 14.15
CA ASN A 2204 -1.37 -89.52 15.15
C ASN A 2204 -0.46 -90.19 16.17
N PRO A 2205 0.62 -90.88 15.79
CA PRO A 2205 1.51 -91.46 16.80
C PRO A 2205 2.12 -90.45 17.75
N VAL A 2206 2.50 -89.27 17.26
CA VAL A 2206 3.09 -88.25 18.13
C VAL A 2206 2.04 -87.67 19.06
N GLU A 2207 0.84 -87.40 18.54
CA GLU A 2207 -0.25 -86.93 19.38
C GLU A 2207 -0.72 -87.97 20.39
N GLN A 2208 -0.49 -89.26 20.11
CA GLN A 2208 -0.98 -90.31 21.00
C GLN A 2208 -0.34 -90.22 22.38
N PHE A 2209 0.97 -90.02 22.45
CA PHE A 2209 1.65 -89.98 23.73
C PHE A 2209 1.31 -88.74 24.53
N PHE A 2210 1.02 -87.62 23.87
CA PHE A 2210 0.57 -86.43 24.58
C PHE A 2210 -0.91 -86.48 24.90
N GLN A 2211 -1.66 -87.39 24.28
CA GLN A 2211 -3.04 -87.59 24.67
C GLN A 2211 -3.16 -88.10 26.09
N GLY A 2212 -2.28 -89.02 26.48
CA GLY A 2212 -2.32 -89.58 27.82
C GLY A 2212 -1.99 -88.58 28.91
N ASN A 2213 -0.76 -88.09 28.92
CA ASN A 2213 -0.26 -87.20 29.95
C ASN A 2213 -0.21 -85.76 29.43
N PHE A 2214 0.30 -84.86 30.27
CA PHE A 2214 0.47 -83.46 29.92
C PHE A 2214 -0.85 -82.80 29.52
N PRO A 2215 -1.78 -82.64 30.47
CA PRO A 2215 -3.11 -82.11 30.12
C PRO A 2215 -3.14 -80.58 29.99
N GLY A 2216 -3.52 -80.09 28.82
CA GLY A 2216 -3.74 -78.66 28.65
C GLY A 2216 -3.09 -78.03 27.45
N SER A 2217 -2.44 -78.85 26.61
CA SER A 2217 -1.66 -78.33 25.50
C SER A 2217 -2.56 -77.72 24.42
N VAL A 2218 -2.57 -76.39 24.35
CA VAL A 2218 -3.15 -75.68 23.22
C VAL A 2218 -2.20 -75.71 22.02
N GLN A 2219 -2.41 -76.63 21.08
CA GLN A 2219 -1.29 -77.39 20.55
C GLN A 2219 -0.20 -76.49 19.95
N ARG A 2220 -0.31 -76.13 18.67
CA ARG A 2220 0.30 -74.95 18.04
C ARG A 2220 0.28 -75.10 16.52
N GLU A 2221 1.02 -74.21 15.84
CA GLU A 2221 1.34 -74.32 14.43
C GLU A 2221 1.57 -75.77 14.02
N ARG A 2222 1.05 -76.14 12.84
CA ARG A 2222 1.18 -77.50 12.33
C ARG A 2222 1.80 -77.46 10.95
N HIS A 2223 2.67 -78.42 10.66
CA HIS A 2223 3.27 -78.57 9.34
C HIS A 2223 3.37 -80.05 8.97
N TYR A 2224 4.14 -80.37 7.92
CA TYR A 2224 4.25 -81.76 7.49
C TYR A 2224 4.92 -82.63 8.55
N ASN A 2225 5.96 -82.11 9.22
CA ASN A 2225 6.64 -82.91 10.23
C ASN A 2225 6.96 -82.12 11.50
N MET A 2226 6.56 -80.86 11.59
CA MET A 2226 6.88 -80.02 12.73
C MET A 2226 5.68 -79.94 13.66
N LEU A 2227 5.91 -80.28 14.92
CA LEU A 2227 4.86 -80.24 15.94
C LEU A 2227 5.34 -79.37 17.09
N GLN A 2228 4.43 -78.54 17.61
CA GLN A 2228 4.73 -77.61 18.68
C GLN A 2228 3.66 -77.76 19.75
N PHE A 2229 4.07 -78.03 20.99
CA PHE A 2229 3.15 -78.23 22.09
C PHE A 2229 3.53 -77.32 23.27
N GLN A 2230 2.87 -77.54 24.41
CA GLN A 2230 3.04 -76.67 25.57
C GLN A 2230 2.67 -77.42 26.84
N VAL A 2231 3.67 -77.87 27.58
CA VAL A 2231 3.51 -78.44 28.91
C VAL A 2231 3.37 -77.29 29.90
N SER A 2232 3.04 -77.57 31.16
CA SER A 2232 2.85 -76.44 32.07
C SER A 2232 4.07 -76.06 32.89
N SER A 2233 4.45 -76.86 33.90
CA SER A 2233 5.58 -76.47 34.73
C SER A 2233 6.34 -77.63 35.37
N SER A 2234 6.24 -78.84 34.83
CA SER A 2234 6.63 -80.02 35.60
C SER A 2234 7.99 -80.59 35.24
N SER A 2235 8.58 -80.21 34.11
CA SER A 2235 9.89 -80.73 33.68
C SER A 2235 9.88 -82.26 33.63
N LEU A 2236 8.75 -82.81 33.18
CA LEU A 2236 8.61 -84.25 33.05
C LEU A 2236 8.97 -84.74 31.66
N ALA A 2237 8.93 -83.84 30.67
CA ALA A 2237 9.31 -84.22 29.31
C ALA A 2237 10.76 -84.63 29.24
N ARG A 2238 11.63 -83.94 29.97
CA ARG A 2238 13.06 -84.21 29.87
C ARG A 2238 13.39 -85.63 30.30
N ILE A 2239 12.54 -86.23 31.15
CA ILE A 2239 12.75 -87.61 31.52
C ILE A 2239 11.83 -88.57 30.77
N PHE A 2240 10.75 -88.08 30.17
CA PHE A 2240 9.82 -88.92 29.43
C PHE A 2240 10.16 -89.02 27.95
N GLN A 2241 11.16 -88.27 27.47
CA GLN A 2241 11.57 -88.35 26.08
C GLN A 2241 12.58 -89.46 25.82
N LEU A 2242 12.65 -90.45 26.71
CA LEU A 2242 13.41 -91.65 26.39
C LEU A 2242 12.74 -92.44 25.28
N LEU A 2243 11.41 -92.46 25.27
CA LEU A 2243 10.64 -93.15 24.24
C LEU A 2243 10.68 -92.38 22.93
N LEU A 2244 11.62 -92.73 22.06
CA LEU A 2244 11.74 -92.08 20.76
C LEU A 2244 11.28 -93.02 19.66
N SER A 2245 10.40 -92.52 18.79
CA SER A 2245 9.85 -93.31 17.68
C SER A 2245 9.32 -94.67 18.13
N GLU A 2253 13.77 -87.30 15.92
CA GLU A 2253 15.20 -87.17 15.68
C GLU A 2253 15.71 -85.81 16.16
N GLU A 2254 14.79 -84.86 16.36
CA GLU A 2254 15.14 -83.53 16.82
C GLU A 2254 14.10 -83.08 17.83
N TYR A 2255 14.55 -82.39 18.88
CA TYR A 2255 13.64 -81.79 19.83
C TYR A 2255 14.39 -80.79 20.69
N SER A 2256 13.67 -79.80 21.21
CA SER A 2256 14.25 -78.74 22.02
C SER A 2256 13.18 -78.15 22.92
N VAL A 2257 13.52 -77.93 24.19
CA VAL A 2257 12.56 -77.43 25.16
C VAL A 2257 12.98 -76.08 25.71
N THR A 2258 12.48 -75.01 25.11
CA THR A 2258 12.77 -73.65 25.53
C THR A 2258 11.85 -73.25 26.67
N GLN A 2259 11.78 -71.96 26.98
CA GLN A 2259 10.83 -71.45 27.97
C GLN A 2259 10.25 -70.13 27.48
N THR A 2260 9.04 -69.79 27.92
CA THR A 2260 8.40 -68.55 27.52
C THR A 2260 9.26 -67.34 27.83
N THR A 2261 9.22 -66.34 26.95
CA THR A 2261 10.08 -65.18 27.06
C THR A 2261 9.44 -64.18 28.01
N LEU A 2262 10.23 -63.20 28.44
CA LEU A 2262 9.71 -62.12 29.26
C LEU A 2262 8.69 -61.27 28.51
N ASP A 2263 8.79 -61.19 27.18
CA ASP A 2263 7.79 -60.50 26.39
C ASP A 2263 6.39 -61.07 26.58
N GLN A 2264 6.26 -62.39 26.70
CA GLN A 2264 4.95 -63.01 26.89
C GLN A 2264 4.34 -62.66 28.24
N VAL A 2265 5.17 -62.36 29.24
CA VAL A 2265 4.64 -61.97 30.54
C VAL A 2265 3.99 -60.58 30.48
N PHE A 2266 4.64 -59.63 29.83
CA PHE A 2266 4.09 -58.28 29.70
C PHE A 2266 2.76 -58.31 28.94
N VAL A 2267 2.67 -59.16 27.92
CA VAL A 2267 1.43 -59.29 27.17
C VAL A 2267 0.31 -59.82 28.06
N ASN A 2268 0.65 -60.65 29.04
CA ASN A 2268 -0.36 -61.17 29.96
C ASN A 2268 -0.97 -60.05 30.78
N PHE A 2269 -0.15 -59.13 31.27
CA PHE A 2269 -0.67 -58.02 32.06
C PHE A 2269 -1.43 -57.03 31.18
N ALA A 2270 -0.92 -56.74 29.99
CA ALA A 2270 -1.58 -55.82 29.08
C ALA A 2270 -2.77 -56.46 28.36
N LYS A 2271 -3.00 -57.75 28.56
CA LYS A 2271 -4.04 -58.45 27.81
C LYS A 2271 -5.42 -58.06 28.29
N GLN A 2272 -5.57 -57.85 29.60
CA GLN A 2272 -6.81 -57.28 30.12
C GLN A 2272 -6.77 -55.76 29.94
N GLN A 2273 -7.69 -55.05 30.58
CA GLN A 2273 -7.73 -53.59 30.52
C GLN A 2273 -7.95 -53.11 29.08
C1 NAG B . 2.25 59.31 -12.05
C2 NAG B . 3.40 60.17 -11.55
C3 NAG B . 3.08 60.72 -10.16
C4 NAG B . 1.74 61.42 -10.15
C5 NAG B . 0.66 60.50 -10.71
C6 NAG B . -0.68 61.17 -10.83
C7 NAG B . 5.60 59.60 -12.45
C8 NAG B . 6.82 58.73 -12.29
N2 NAG B . 4.64 59.42 -11.54
O3 NAG B . 4.11 61.63 -9.79
O4 NAG B . 1.38 61.77 -8.82
O5 NAG B . 1.04 60.07 -12.03
O6 NAG B . -0.55 62.55 -11.12
O7 NAG B . 5.50 60.41 -13.36
C1 NAG B . 1.67 63.15 -8.56
C2 NAG B . 1.00 63.53 -7.24
C3 NAG B . 1.34 64.97 -6.87
C4 NAG B . 2.85 65.18 -6.86
C5 NAG B . 3.44 64.72 -8.19
C6 NAG B . 4.95 64.78 -8.22
C7 NAG B . -1.10 62.50 -6.51
C8 NAG B . -2.58 62.43 -6.71
N2 NAG B . -0.44 63.34 -7.31
O3 NAG B . 0.80 65.26 -5.58
O4 NAG B . 3.15 66.56 -6.67
O5 NAG B . 3.07 63.37 -8.46
O6 NAG B . 5.52 63.57 -7.75
O7 NAG B . -0.53 61.83 -5.65
C1 BMA B . 3.67 66.72 -5.34
C2 BMA B . 5.06 67.33 -5.44
C3 BMA B . 5.62 67.44 -4.01
C4 BMA B . 4.65 68.23 -3.09
C5 BMA B . 3.22 67.66 -3.20
C6 BMA B . 2.19 68.54 -2.53
O2 BMA B . 4.96 68.66 -5.95
O3 BMA B . 6.99 67.92 -3.97
O4 BMA B . 5.08 68.13 -1.74
O5 BMA B . 2.84 67.56 -4.58
O6 BMA B . 2.23 68.34 -1.13
C1 BMA B . 7.11 69.36 -3.83
C2 BMA B . 7.98 69.63 -2.58
C3 BMA B . 8.34 71.10 -2.50
C4 BMA B . 8.90 71.63 -3.83
C5 BMA B . 7.87 71.36 -4.92
C6 BMA B . 8.33 71.85 -6.28
O2 BMA B . 9.20 68.91 -2.66
O3 BMA B . 9.28 71.35 -1.45
O4 BMA B . 9.15 73.01 -3.74
O5 BMA B . 7.66 69.94 -5.01
O6 BMA B . 7.20 72.29 -7.02
C1 BMA B . 1.19 69.14 -0.54
C2 BMA B . 1.87 70.28 0.26
C3 BMA B . 0.86 71.37 0.65
C4 BMA B . -0.02 71.76 -0.56
C5 BMA B . -0.71 70.51 -1.09
C6 BMA B . -1.66 70.80 -2.23
O2 BMA B . 2.88 70.93 -0.51
O3 BMA B . 1.51 72.51 1.18
O4 BMA B . -0.98 72.73 -0.17
O5 BMA B . 0.30 69.63 -1.55
O6 BMA B . -2.60 71.77 -1.79
C1 NAG C . -20.00 30.44 -35.73
C2 NAG C . -21.12 31.47 -35.80
C3 NAG C . -22.01 31.36 -34.56
C4 NAG C . -22.49 29.92 -34.38
C5 NAG C . -21.31 28.97 -34.39
C6 NAG C . -21.71 27.52 -34.34
C7 NAG C . -21.25 33.86 -36.38
C8 NAG C . -20.51 35.15 -36.41
N2 NAG C . -20.56 32.81 -35.90
O3 NAG C . -23.11 32.23 -34.71
O4 NAG C . -23.10 29.78 -33.10
O5 NAG C . -20.55 29.15 -35.60
O6 NAG C . -20.57 26.67 -34.48
O7 NAG C . -22.40 33.75 -36.76
C1 NAG C . -24.52 29.98 -33.15
C2 NAG C . -25.15 29.19 -31.98
C3 NAG C . -26.65 29.46 -31.89
C4 NAG C . -26.88 30.97 -31.78
C5 NAG C . -26.22 31.67 -32.97
C6 NAG C . -26.31 33.18 -32.87
C7 NAG C . -25.17 26.82 -32.88
C8 NAG C . -25.95 27.23 -34.09
N2 NAG C . -24.83 27.76 -31.97
O3 NAG C . -27.16 28.78 -30.75
O4 NAG C . -28.28 31.26 -31.80
O5 NAG C . -24.82 31.36 -33.01
O6 NAG C . -26.76 33.75 -34.09
O7 NAG C . -24.82 25.65 -32.72
C1 BMA C . -28.71 31.36 -30.43
C2 BMA C . -29.66 32.53 -30.29
C3 BMA C . -30.06 32.55 -28.82
C4 BMA C . -30.82 31.27 -28.47
C5 BMA C . -29.87 30.06 -28.73
C6 BMA C . -30.50 28.69 -28.62
O2 BMA C . -30.82 32.27 -31.04
O3 BMA C . -30.71 33.75 -28.31
O4 BMA C . -31.19 31.30 -27.11
O5 BMA C . -29.37 30.16 -30.08
O6 BMA C . -31.10 28.50 -27.35
C1 BMA C . -31.92 34.15 -28.96
C2 BMA C . -32.77 34.91 -27.92
C3 BMA C . -33.90 35.72 -28.57
C4 BMA C . -33.40 36.48 -29.81
C5 BMA C . -32.75 35.49 -30.77
C6 BMA C . -32.28 36.14 -32.04
O2 BMA C . -31.97 35.84 -27.20
O3 BMA C . -34.47 36.63 -27.65
O4 BMA C . -34.48 37.10 -30.47
O5 BMA C . -31.62 34.96 -30.09
O6 BMA C . -31.58 37.33 -31.70
C1 BMA C . -32.54 28.44 -27.53
C2 BMA C . -32.89 27.47 -28.68
C3 BMA C . -34.39 27.54 -28.91
C4 BMA C . -35.17 27.31 -27.59
C5 BMA C . -34.59 28.16 -26.42
C6 BMA C . -35.16 27.79 -25.07
O2 BMA C . -32.58 26.14 -28.34
O3 BMA C . -34.81 26.63 -29.92
O4 BMA C . -36.54 27.64 -27.78
O5 BMA C . -33.18 27.98 -26.35
O6 BMA C . -34.47 28.55 -24.07
C1 NAG D . -26.84 45.71 -30.39
C2 NAG D . -26.54 45.37 -31.84
C3 NAG D . -27.60 45.99 -32.75
C4 NAG D . -28.99 45.54 -32.31
C5 NAG D . -29.21 45.85 -30.84
C6 NAG D . -30.51 45.32 -30.30
C7 NAG D . -24.22 45.01 -32.49
C8 NAG D . -22.91 45.65 -32.86
N2 NAG D . -25.22 45.84 -32.21
O3 NAG D . -27.37 45.59 -34.09
O4 NAG D . -29.99 46.20 -33.08
O5 NAG D . -28.16 45.25 -30.05
O6 NAG D . -30.40 44.92 -28.93
O7 NAG D . -24.35 43.79 -32.44
C1 NAG E . -30.30 88.07 -0.95
C2 NAG E . -31.41 89.11 -0.66
C3 NAG E . -30.81 90.50 -0.40
C4 NAG E . -29.71 90.43 0.64
C5 NAG E . -28.67 89.39 0.25
C6 NAG E . -27.58 89.20 1.27
C7 NAG E . -32.40 89.50 -2.96
C8 NAG E . -31.07 89.91 -3.51
N2 NAG E . -32.47 89.14 -1.65
O3 NAG E . -31.84 91.38 0.05
O4 NAG E . -29.07 91.70 0.75
O5 NAG E . -29.31 88.11 0.09
O6 NAG E . -28.11 89.22 2.59
O7 NAG E . -33.41 89.48 -3.67
C1 NAG F . -31.89 68.93 3.64
C2 NAG F . -30.76 69.95 3.77
C3 NAG F . -30.81 70.66 5.13
C4 NAG F . -32.19 71.23 5.40
C5 NAG F . -33.24 70.13 5.25
C6 NAG F . -34.66 70.63 5.40
C7 NAG F . -28.93 68.40 4.36
C8 NAG F . -27.57 67.89 3.97
N2 NAG F . -29.46 69.34 3.57
O3 NAG F . -29.84 71.71 5.15
O4 NAG F . -32.26 71.76 6.72
O5 NAG F . -33.14 69.56 3.93
O6 NAG F . -35.52 69.99 4.48
O7 NAG F . -29.51 67.97 5.35
C1 NAG G . 17.41 27.48 -44.61
C2 NAG G . 17.52 26.01 -45.06
C3 NAG G . 18.88 25.75 -45.70
C4 NAG G . 19.09 26.74 -46.83
C5 NAG G . 19.17 28.15 -46.27
C6 NAG G . 18.39 29.16 -47.08
C7 NAG G . 18.06 25.05 -42.83
C8 NAG G . 17.65 24.04 -41.81
N2 NAG G . 17.30 25.10 -43.93
O3 NAG G . 18.92 24.42 -46.20
O4 NAG G . 20.31 26.44 -47.52
O5 NAG G . 18.67 28.21 -44.93
O6 NAG G . 19.22 29.87 -48.00
O7 NAG G . 19.03 25.79 -42.66
C1 NAG H . -17.11 8.56 -47.77
C2 NAG H . -17.42 7.48 -46.70
C3 NAG H . -18.66 6.65 -47.08
C4 NAG H . -18.92 6.70 -48.57
C5 NAG H . -17.59 6.70 -49.33
C6 NAG H . -17.77 6.58 -50.82
C7 NAG H . -15.22 6.96 -45.73
C8 NAG H . -14.13 5.94 -45.61
N2 NAG H . -16.27 6.61 -46.48
O3 NAG H . -19.78 7.16 -46.37
O4 NAG H . -19.68 5.56 -48.97
O5 NAG H . -16.90 7.93 -49.08
O6 NAG H . -19.09 6.19 -51.16
O7 NAG H . -15.15 8.05 -45.17
C1 NAG I . -23.28 85.68 -8.94
C2 NAG I . -23.56 87.16 -9.14
C3 NAG I . -23.39 87.91 -7.82
C4 NAG I . -24.46 87.45 -6.84
C5 NAG I . -24.47 85.93 -6.73
C6 NAG I . -25.76 85.29 -7.17
C7 NAG I . -21.39 87.80 -10.14
C8 NAG I . -20.74 88.45 -11.33
N2 NAG I . -22.74 87.74 -10.18
O3 NAG I . -23.50 89.31 -8.05
O4 NAG I . -24.22 88.02 -5.56
O5 NAG I . -23.41 85.33 -7.50
O6 NAG I . -25.61 83.89 -7.38
O7 NAG I . -20.75 87.35 -9.20
C1 NAG J . 16.73 36.25 -0.67
C2 NAG J . 17.61 36.85 0.41
C3 NAG J . 19.07 36.85 -0.03
C4 NAG J . 19.50 35.47 -0.48
C5 NAG J . 18.53 34.94 -1.53
C6 NAG J . 18.83 33.52 -1.94
C7 NAG J . 16.21 38.47 1.62
C8 NAG J . 15.91 39.92 1.84
N2 NAG J . 17.18 38.20 0.74
O3 NAG J . 19.89 37.28 1.06
O4 NAG J . 20.80 35.52 -1.05
O5 NAG J . 17.19 34.93 -0.99
O6 NAG J . 19.86 33.47 -2.92
O7 NAG J . 15.61 37.58 2.22
P 3PE K . -4.02 -25.31 13.34
N 3PE K . -6.13 -28.37 9.93
O11 3PE K . -4.07 -23.71 13.20
O12 3PE K . -4.44 -25.68 14.74
O13 3PE K . -5.16 -25.77 12.31
O14 3PE K . -2.68 -25.80 12.81
C11 3PE K . -5.23 -27.09 11.79
C12 3PE K . -6.26 -27.13 10.67
C1 3PE K . -3.09 -22.88 13.82
C2 3PE K . -2.65 -21.84 12.79
C3 3PE K . -1.58 -22.48 11.91
O31 3PE K . -1.36 -21.73 10.71
O32 3PE K . -0.72 -23.64 9.57
C31 3PE K . -0.83 -22.42 9.54
C32 3PE K . -0.40 -21.65 8.32
C33 3PE K . 0.97 -21.04 8.54
C34 3PE K . 1.20 -19.91 7.56
C35 3PE K . 0.14 -18.83 7.73
C36 3PE K . -0.29 -18.25 6.40
C37 3PE K . 0.92 -17.88 5.55
C38 3PE K . 0.59 -16.76 4.58
C39 3PE K . 0.25 -15.48 5.32
C3A 3PE K . -0.07 -14.37 4.34
C3B 3PE K . 1.12 -14.13 3.41
C3C 3PE K . 2.27 -13.48 4.15
C3D 3PE K . 2.19 -11.95 4.09
C3E 3PE K . 2.40 -11.46 2.66
C3F 3PE K . 2.96 -10.04 2.62
C3G 3PE K . 1.92 -9.01 3.02
C3H 3PE K . 2.33 -7.62 2.53
C3I 3PE K . 1.32 -6.57 2.95
O21 3PE K . -3.78 -21.49 12.00
O22 3PE K . -4.25 -19.90 13.61
C21 3PE K . -4.57 -20.40 12.55
C22 3PE K . -5.78 -19.90 11.81
C23 3PE K . -5.71 -20.33 10.35
C24 3PE K . -4.54 -19.68 9.63
C25 3PE K . -4.99 -19.12 8.28
C26 3PE K . -6.01 -18.00 8.47
C27 3PE K . -5.44 -16.84 9.27
C28 3PE K . -4.17 -16.26 8.64
C29 3PE K . -4.44 -15.75 7.23
C2A 3PE K . -5.58 -14.76 7.22
C2B 3PE K . -6.44 -14.95 5.99
C2C 3PE K . -6.57 -13.65 5.21
C2D 3PE K . -5.23 -13.16 4.70
C2E 3PE K . -4.85 -11.83 5.33
C2F 3PE K . -3.97 -11.01 4.41
C2G 3PE K . -2.78 -11.81 3.91
C2H 3PE K . -1.50 -11.00 4.02
C2I 3PE K . -1.65 -9.65 3.36
P 3PE L . 16.82 -22.54 10.20
N 3PE L . 20.97 -20.75 12.38
O11 3PE L . 15.39 -21.83 10.38
O12 3PE L . 17.45 -21.97 8.95
O13 3PE L . 17.64 -21.96 11.46
O14 3PE L . 16.66 -24.02 10.37
C11 3PE L . 19.06 -21.93 11.43
C12 3PE L . 19.58 -21.12 12.62
C1 3PE L . 14.35 -21.98 9.41
C2 3PE L . 14.04 -20.59 8.89
C3 3PE L . 15.02 -20.28 7.76
O31 3PE L . 15.69 -19.08 8.12
O32 3PE L . 15.00 -18.02 6.20
C31 3PE L . 15.66 -17.94 7.21
C32 3PE L . 16.44 -16.71 7.56
C33 3PE L . 16.10 -15.59 6.59
C34 3PE L . 16.85 -15.72 5.27
C35 3PE L . 16.43 -14.64 4.28
C36 3PE L . 14.92 -14.62 4.09
C37 3PE L . 14.32 -13.34 4.67
C38 3PE L . 12.81 -13.28 4.51
C39 3PE L . 12.41 -13.19 3.05
C3A 3PE L . 11.32 -12.16 2.87
C3B 3PE L . 11.87 -10.75 3.07
C3C 3PE L . 12.71 -10.33 1.87
C3D 3PE L . 11.86 -10.29 0.60
C3E 3PE L . 11.72 -8.87 0.07
C3F 3PE L . 10.30 -8.35 0.20
C3G 3PE L . 9.96 -8.00 1.64
C3H 3PE L . 8.62 -7.28 1.74
C3I 3PE L . 7.49 -8.16 1.22
O21 3PE L . 12.72 -20.52 8.36
O22 3PE L . 12.94 -18.25 8.81
C21 3PE L . 12.29 -19.13 8.27
C22 3PE L . 11.05 -18.77 7.49
C23 3PE L . 11.26 -17.44 6.80
C24 3PE L . 10.25 -17.28 5.68
C25 3PE L . 10.41 -15.92 5.00
C26 3PE L . 9.95 -14.81 5.94
C27 3PE L . 8.47 -14.56 5.80
C28 3PE L . 8.02 -13.43 6.72
C29 3PE L . 8.76 -12.14 6.40
C2A 3PE L . 8.46 -11.66 5.00
C2B 3PE L . 8.80 -10.18 4.85
C2C 3PE L . 7.88 -9.34 5.72
C2D 3PE L . 6.43 -9.55 5.33
C2E 3PE L . 5.50 -8.60 6.08
C2F 3PE L . 4.88 -7.58 5.13
C2G 3PE L . 5.92 -6.60 4.61
C2H 3PE L . 5.32 -5.67 3.55
C2I 3PE L . 6.34 -4.68 3.06
P 3PE M . 9.76 17.17 -15.19
N 3PE M . 8.22 16.76 -19.98
O11 3PE M . 10.07 15.99 -14.15
O12 3PE M . 11.02 18.00 -15.36
O13 3PE M . 9.49 16.38 -16.56
O14 3PE M . 8.49 17.86 -14.76
C11 3PE M . 9.05 17.08 -17.72
C12 3PE M . 8.85 16.08 -18.86
C1 3PE M . 10.62 16.28 -12.86
C2 3PE M . 10.23 15.20 -11.88
C3 3PE M . 8.85 15.49 -11.31
O31 3PE M . 8.39 14.34 -10.60
O32 3PE M . 6.74 15.51 -9.50
C31 3PE M . 7.24 14.42 -9.72
C32 3PE M . 6.69 13.16 -9.10
C33 3PE M . 5.57 13.51 -8.12
C34 3PE M . 6.12 13.91 -6.76
C35 3PE M . 5.01 14.40 -5.85
C36 3PE M . 5.53 14.62 -4.43
C37 3PE M . 5.82 13.30 -3.74
C38 3PE M . 4.58 12.41 -3.74
C39 3PE M . 4.61 11.44 -2.57
C3A 3PE M . 4.78 12.20 -1.27
C3B 3PE M . 4.66 11.25 -0.08
C3C 3PE M . 3.29 10.60 -0.06
C3D 3PE M . 3.18 9.61 1.09
C3E 3PE M . 3.44 10.31 2.43
C3F 3PE M . 3.35 9.33 3.59
C3G 3PE M . 3.65 10.03 4.91
C3H 3PE M . 3.55 9.06 6.09
C3I 3PE M . 3.80 9.79 7.39
O21 3PE M . 10.20 13.93 -12.54
O22 3PE M . 12.24 13.41 -11.58
C21 3PE M . 11.15 13.00 -11.94
C22 3PE M . 10.77 11.55 -11.75
C23 3PE M . 11.40 11.04 -10.47
C24 3PE M . 10.86 9.66 -10.12
C25 3PE M . 9.44 9.74 -9.59
C26 3PE M . 9.42 9.67 -8.06
C27 3PE M . 8.00 9.55 -7.54
C28 3PE M . 8.00 8.97 -6.13
C29 3PE M . 8.54 7.55 -6.13
C2A 3PE M . 7.71 6.65 -7.05
C2B 3PE M . 7.73 5.20 -6.59
C2C 3PE M . 6.46 4.81 -5.85
C2D 3PE M . 6.48 5.23 -4.38
C2E 3PE M . 5.71 6.53 -4.17
C2F 3PE M . 5.76 6.95 -2.70
C2G 3PE M . 5.26 5.82 -1.81
C2H 3PE M . 5.33 6.22 -0.34
C2I 3PE M . 5.09 5.03 0.55
CAK HZL N . 1.43 15.44 3.60
CAL HZL N . 1.23 14.88 4.96
CAM HZL N . -0.10 15.35 5.43
CAN HZL N . 0.44 14.95 2.74
CAO HZL N . -1.15 14.67 4.62
CAP HZL N . -0.83 14.58 3.26
CAQ HZL N . 1.34 16.97 3.67
CAR HZL N . 2.82 15.04 3.11
CAS HZL N . 0.83 14.91 1.39
CAT HZL N . -1.98 14.04 2.42
CAU HZL N . -0.12 14.40 0.32
CAV HZL N . 0.37 14.35 -1.13
CAW HZL N . 1.78 14.81 -1.51
CAX HZL N . -0.60 13.83 -2.17
CAY HZL N . -8.27 6.71 -1.31
CAZ HZL N . -8.05 6.13 0.08
CBA HZL N . -2.70 1.11 -3.12
CBB HZL N . -1.43 1.94 -3.00
CBC HZL N . -7.27 7.84 -1.56
CBD HZL N . -7.57 4.68 0.10
CBE HZL N . -2.81 -0.06 -2.15
CBF HZL N . -0.99 2.42 -4.38
CBG HZL N . -6.59 7.62 -2.90
CBH HZL N . 0.16 1.55 -4.89
CBI HZL N . -6.57 6.13 -3.24
CBJ HZL N . 1.48 2.28 -4.66
CBK HZL N . -5.13 5.67 -3.47
CBL HZL N . 1.35 3.72 -5.14
CBM HZL N . -0.20 13.76 -3.65
CBN HZL N . -4.83 5.64 -4.97
CBO HZL N . 2.28 3.94 -6.34
CBP HZL N . -3.34 5.90 -5.20
CBQ HZL N . 2.00 5.30 -6.96
CBR HZL N . -1.37 13.21 -4.45
CBS HZL N . -3.15 7.30 -5.77
CBT HZL N . 1.83 6.34 -5.85
CBU HZL N . -0.99 7.88 -6.29
CBV HZL N . -1.23 13.02 -5.95
CBW HZL N . -0.41 6.46 -6.26
CBX HZL N . -1.54 8.18 -7.67
CBY HZL N . 0.06 13.39 -6.66
CBZ HZL N . -2.47 12.46 -6.68
CCA HZL N . -2.44 12.24 -8.20
CCB HZL N . -1.24 12.36 -10.30
CCC HZL N . -2.15 11.20 -10.69
CCD HZL N . -1.63 -0.22 -1.19
CCE HZL N . -2.14 -0.35 0.24
CCF HZL N . -7.39 4.04 -1.27
CCG HZL N . -6.31 2.96 -1.18
CCH HZL N . -6.26 2.38 0.23
CCI HZL N . -7.64 1.87 0.61
CCJ HZL N . -7.57 1.15 1.96
CCK HZL N . -6.82 -0.17 1.80
CCL HZL N . -7.43 -1.21 2.74
CCM HZL N . -6.76 -2.57 2.49
CCN HZL N . -3.22 -1.43 0.30
CCO HZL N . -3.58 -1.71 1.77
CCP HZL N . -2.77 -2.91 2.27
CCQ HZL N . -3.68 -4.13 2.34
CCR HZL N . -3.61 -4.75 3.74
CCS HZL N . -2.67 -5.97 3.71
NAJ HZL N . -1.33 12.55 -8.85
OAB HZL N . -2.06 7.96 -5.32
OAC HZL N . 0.61 6.36 -5.25
OAD HZL N . -3.97 7.78 -6.55
OAE HZL N . 2.76 7.08 -5.53
OAF HZL N . -0.47 8.40 -8.58
OAG HZL N . -1.97 10.11 -9.79
OAH HZL N . 0.51 9.95 -10.40
OAI HZL N . -1.11 8.07 -11.06
PAA HZL N . -0.77 9.06 -10.00
#